data_5ECR
#
_entry.id   5ECR
#
_cell.length_a   53.841
_cell.length_b   53.851
_cell.length_c   193.644
_cell.angle_alpha   90.030
_cell.angle_beta   90.040
_cell.angle_gamma   113.410
#
_symmetry.space_group_name_H-M   'P 1'
#
loop_
_entity.id
_entity.type
_entity.pdbx_description
1 polymer 'Jasmonic acid-amido synthetase JAR1'
2 polymer 'Glutathione S-transferase U20'
3 non-polymer '{(1R,2R)-3-oxo-2-[(2Z)-pent-2-en-1-yl]cyclopentyl}acetic acid'
4 non-polymer VALINE
5 non-polymer GLUTATHIONE
6 non-polymer 'MAGNESIUM ION'
7 water water
#
loop_
_entity_poly.entity_id
_entity_poly.type
_entity_poly.pdbx_seq_one_letter_code
_entity_poly.pdbx_strand_id
1 'polypeptide(L)'
;MLEKVETFDMNRVIDEFDEMTRNAHQVQKQTLKEILLKNQSAIYLQNCGLNGNATDPEEAFKSMVPLVTDVELEPYIKRM
VDGDTSPILTGHPVPAISLSSGTSQGRPKFIPFTDELMENTLQLFRTAFAFRNRDFPIDDNGKALQFIFSSKQYISTGGV
PVGTATTNVYRNPNFKAGMKSITSPSCSPDEVIFSPDVHQALYCHLLSGILFRDQVQYVFAVFAHGLVHAFRTFEQVWEE
IVTDIKDGVLSNRITVPSVRTAMSKLLTPNPELAETIRTKCMSLSNWYGLIPALFPNAKYVYGIMTGSMEPYVPKLRHYA
GDLPLVSHDYGSSEGWIAANVTPRLSPEEATFAVIPNLGYFEFLPVSETGEGEEKPVGLTQVKIGEEYEVVITNYAGLYR
YRLGDVVKVIGFYNNTPQLKFICRRNLILSINIDKNTERDLQLSVESAAKRLSEEKIEVIDFSSYIDVSTDPGHYAIFWE
ISGETNEDVLQDCCNCLDRAFIDAGYVSSRKCKTIGALELRVVAKGTFRKIQEHFLGLGSSAGQFKMPRCVKPSNAKVLQ
ILCENVVSSYFSTAF
;
A,D
2 'polypeptide(L)'
;HHHHHHMANLPILLDYWPSMFGMRARVALREKGVEFEYREEDFSNKSPLLLQSNPIHKKIPVLVHNGKPVCESLNVVQYV
DEAWPEKNPFFPSDPYGRAQARFWADFVDKKFTDAQFKVWGKKGEEQEAGKKEFIEAVKILESELGDKPYFGGDSFGYVD
ISLITFSSWFQAYEKFGNFSIESESPKLIAWAKRCMEKESVSKSLPDSEKIVAYAAEYRKNNL
;
B,C,E,F
#
# COMPACT_ATOMS: atom_id res chain seq x y z
N THR A 7 -0.75 -39.33 -32.62
CA THR A 7 -1.23 -39.72 -33.93
C THR A 7 -0.10 -40.06 -34.90
N PHE A 8 -0.18 -41.25 -35.48
CA PHE A 8 0.87 -41.80 -36.34
C PHE A 8 1.04 -40.98 -37.63
N ASP A 9 2.27 -40.52 -37.84
CA ASP A 9 2.68 -39.88 -39.08
C ASP A 9 4.14 -40.23 -39.28
N MET A 10 4.69 -39.96 -40.46
CA MET A 10 6.05 -40.39 -40.76
C MET A 10 7.12 -39.39 -40.36
N ASN A 11 7.10 -38.21 -40.99
CA ASN A 11 8.21 -37.26 -40.90
C ASN A 11 8.40 -36.62 -39.52
N ARG A 12 7.32 -36.12 -38.94
CA ARG A 12 7.44 -35.37 -37.70
C ARG A 12 7.79 -36.23 -36.48
N VAL A 13 7.51 -37.53 -36.55
CA VAL A 13 7.83 -38.40 -35.41
C VAL A 13 9.31 -38.75 -35.41
N ILE A 14 9.90 -38.84 -36.61
CA ILE A 14 11.25 -39.35 -36.73
C ILE A 14 12.29 -38.26 -36.43
N ASP A 15 11.94 -36.99 -36.68
CA ASP A 15 12.86 -35.91 -36.35
C ASP A 15 12.83 -35.67 -34.85
N GLU A 16 11.65 -35.81 -34.26
CA GLU A 16 11.53 -35.86 -32.80
C GLU A 16 12.46 -36.93 -32.30
N PHE A 17 12.49 -38.06 -33.01
CA PHE A 17 13.33 -39.19 -32.64
C PHE A 17 14.78 -39.02 -32.99
N ASP A 18 15.08 -38.42 -34.13
CA ASP A 18 16.45 -38.13 -34.45
C ASP A 18 17.00 -37.30 -33.30
N GLU A 19 16.30 -36.24 -32.94
CA GLU A 19 16.78 -35.38 -31.87
C GLU A 19 16.54 -36.04 -30.52
N MET A 20 15.68 -37.04 -30.47
CA MET A 20 15.55 -37.85 -29.28
C MET A 20 16.81 -38.70 -29.15
N THR A 21 17.22 -39.31 -30.26
CA THR A 21 18.38 -40.20 -30.29
C THR A 21 19.69 -39.42 -30.07
N ARG A 22 19.65 -38.11 -30.29
CA ARG A 22 20.84 -37.28 -30.11
C ARG A 22 20.78 -36.60 -28.76
N ASN A 23 19.59 -36.56 -28.20
CA ASN A 23 19.35 -36.03 -26.87
C ASN A 23 19.59 -37.14 -25.84
N ALA A 24 20.15 -38.23 -26.34
CA ALA A 24 20.31 -39.51 -25.62
C ALA A 24 20.58 -39.40 -24.13
N HIS A 25 21.54 -38.57 -23.75
CA HIS A 25 21.98 -38.46 -22.36
C HIS A 25 21.05 -37.70 -21.43
N GLN A 26 20.47 -36.58 -21.86
CA GLN A 26 19.57 -35.86 -20.96
C GLN A 26 18.27 -36.63 -20.80
N VAL A 27 17.81 -37.29 -21.87
CA VAL A 27 16.51 -37.91 -21.86
C VAL A 27 16.50 -39.12 -20.94
N GLN A 28 17.62 -39.81 -20.82
CA GLN A 28 17.70 -40.90 -19.85
C GLN A 28 18.00 -40.40 -18.45
N LYS A 29 18.91 -39.42 -18.32
CA LYS A 29 19.19 -38.89 -16.99
C LYS A 29 17.88 -38.34 -16.46
N GLN A 30 17.10 -37.74 -17.36
CA GLN A 30 15.77 -37.26 -17.04
C GLN A 30 14.88 -38.44 -16.75
N THR A 31 14.97 -39.45 -17.60
CA THR A 31 14.19 -40.67 -17.43
C THR A 31 14.54 -41.28 -16.09
N LEU A 32 15.82 -41.27 -15.73
CA LEU A 32 16.23 -41.76 -14.41
C LEU A 32 15.61 -40.89 -13.32
N LYS A 33 15.61 -39.57 -13.53
CA LYS A 33 15.16 -38.68 -12.48
C LYS A 33 13.64 -38.60 -12.46
N GLU A 34 13.03 -38.83 -13.62
CA GLU A 34 11.61 -39.17 -13.65
C GLU A 34 11.41 -40.40 -12.79
N ILE A 35 12.08 -41.48 -13.19
CA ILE A 35 11.94 -42.78 -12.55
C ILE A 35 12.28 -42.74 -11.05
N LEU A 36 13.11 -41.81 -10.60
CA LEU A 36 13.33 -41.70 -9.16
C LEU A 36 12.18 -40.92 -8.52
N LEU A 37 11.74 -39.85 -9.18
CA LEU A 37 10.72 -38.96 -8.64
C LEU A 37 9.36 -39.63 -8.61
N LYS A 38 9.18 -40.61 -9.49
CA LYS A 38 7.98 -41.41 -9.45
C LYS A 38 8.18 -42.57 -8.50
N ASN A 39 9.43 -42.78 -8.05
CA ASN A 39 9.73 -43.91 -7.19
C ASN A 39 10.44 -43.56 -5.89
N GLN A 40 10.28 -42.33 -5.41
CA GLN A 40 10.95 -41.90 -4.19
C GLN A 40 10.61 -42.76 -2.98
N SER A 41 9.52 -43.52 -3.07
CA SER A 41 9.00 -44.23 -1.90
C SER A 41 9.38 -45.67 -1.80
N ALA A 42 10.30 -46.11 -2.64
CA ALA A 42 10.64 -47.52 -2.69
C ALA A 42 11.49 -47.99 -1.51
N ILE A 43 11.10 -49.11 -0.91
CA ILE A 43 11.70 -49.54 0.36
C ILE A 43 13.19 -49.88 0.23
N TYR A 44 13.57 -50.62 -0.82
CA TYR A 44 14.96 -51.00 -1.00
C TYR A 44 15.85 -49.75 -1.04
N LEU A 45 15.29 -48.64 -1.49
CA LEU A 45 16.02 -47.37 -1.58
C LEU A 45 16.23 -46.73 -0.21
N GLN A 46 15.23 -46.85 0.64
CA GLN A 46 15.36 -46.44 2.03
C GLN A 46 16.58 -47.15 2.61
N ASN A 47 16.63 -48.45 2.39
CA ASN A 47 17.81 -49.24 2.73
C ASN A 47 19.05 -48.77 1.97
N CYS A 48 18.85 -48.06 0.86
CA CYS A 48 19.96 -47.57 0.04
C CYS A 48 20.43 -46.15 0.37
N GLY A 49 19.53 -45.34 0.93
CA GLY A 49 19.91 -44.00 1.39
C GLY A 49 19.41 -42.84 0.54
N LEU A 50 18.36 -43.07 -0.25
CA LEU A 50 17.90 -42.07 -1.21
C LEU A 50 16.61 -41.38 -0.81
N ASN A 51 16.32 -40.26 -1.47
CA ASN A 51 15.26 -39.37 -1.00
C ASN A 51 14.72 -38.39 -2.04
N GLY A 52 15.54 -37.98 -3.00
CA GLY A 52 15.10 -37.03 -4.00
C GLY A 52 16.19 -36.22 -4.67
N ASN A 53 15.81 -35.07 -5.20
CA ASN A 53 16.57 -34.30 -6.19
C ASN A 53 18.10 -34.40 -6.13
N ALA A 54 18.69 -33.99 -5.00
CA ALA A 54 20.15 -33.81 -4.90
C ALA A 54 20.75 -33.07 -6.11
N THR A 55 22.07 -33.15 -6.27
CA THR A 55 22.69 -32.71 -7.50
C THR A 55 23.92 -33.57 -7.77
N ASP A 56 24.07 -34.63 -6.99
CA ASP A 56 24.94 -35.73 -7.36
C ASP A 56 24.09 -37.00 -7.49
N PRO A 57 22.91 -36.90 -8.13
CA PRO A 57 21.95 -37.99 -7.95
C PRO A 57 22.40 -39.24 -8.69
N GLU A 58 22.73 -39.07 -9.97
CA GLU A 58 23.32 -40.12 -10.79
C GLU A 58 24.62 -40.60 -10.16
N GLU A 59 25.34 -39.68 -9.51
CA GLU A 59 26.53 -40.03 -8.75
C GLU A 59 26.15 -40.79 -7.49
N ALA A 60 25.11 -40.33 -6.80
CA ALA A 60 24.62 -41.01 -5.62
C ALA A 60 24.09 -42.40 -5.99
N PHE A 61 23.47 -42.49 -7.16
CA PHE A 61 22.80 -43.72 -7.56
C PHE A 61 23.76 -44.86 -7.81
N LYS A 62 24.73 -44.66 -8.69
CA LYS A 62 25.65 -45.73 -9.04
C LYS A 62 26.63 -46.09 -7.92
N SER A 63 26.72 -45.24 -6.89
CA SER A 63 27.67 -45.50 -5.81
C SER A 63 27.03 -45.93 -4.49
N MET A 64 25.72 -45.78 -4.35
CA MET A 64 25.08 -46.06 -3.06
C MET A 64 24.10 -47.22 -3.12
N VAL A 65 23.51 -47.46 -4.28
CA VAL A 65 22.53 -48.54 -4.46
C VAL A 65 23.14 -49.78 -5.13
N PRO A 66 23.14 -50.93 -4.42
CA PRO A 66 23.89 -52.05 -4.97
C PRO A 66 23.17 -52.79 -6.10
N LEU A 67 23.95 -53.54 -6.86
CA LEU A 67 23.46 -54.40 -7.94
C LEU A 67 22.73 -55.62 -7.38
N VAL A 68 21.82 -56.21 -8.15
CA VAL A 68 20.97 -57.25 -7.57
C VAL A 68 20.69 -58.40 -8.55
N THR A 69 20.36 -59.56 -7.99
CA THR A 69 20.09 -60.76 -8.79
C THR A 69 18.64 -61.24 -8.67
N ASP A 70 18.28 -62.18 -9.53
CA ASP A 70 16.95 -62.80 -9.55
C ASP A 70 16.54 -63.42 -8.21
N VAL A 71 17.49 -64.00 -7.49
CA VAL A 71 17.23 -64.65 -6.21
C VAL A 71 16.76 -63.63 -5.19
N GLU A 72 17.54 -62.56 -5.08
CA GLU A 72 17.27 -61.46 -4.18
C GLU A 72 16.01 -60.69 -4.56
N LEU A 73 15.65 -60.72 -5.84
CA LEU A 73 14.46 -60.01 -6.31
C LEU A 73 13.19 -60.80 -6.22
N GLU A 74 13.32 -62.12 -6.28
CA GLU A 74 12.16 -62.99 -6.18
C GLU A 74 11.24 -62.65 -5.00
N PRO A 75 11.78 -62.61 -3.75
CA PRO A 75 10.91 -62.48 -2.58
C PRO A 75 10.12 -61.19 -2.53
N TYR A 76 10.71 -60.11 -3.03
CA TYR A 76 10.05 -58.81 -3.01
C TYR A 76 8.83 -58.79 -3.92
N ILE A 77 9.00 -59.17 -5.17
CA ILE A 77 7.90 -59.17 -6.11
C ILE A 77 6.99 -60.39 -5.85
N LYS A 78 7.55 -61.40 -5.18
CA LYS A 78 6.75 -62.49 -4.62
C LYS A 78 5.79 -61.92 -3.58
N ARG A 79 6.33 -61.08 -2.70
CA ARG A 79 5.53 -60.47 -1.65
C ARG A 79 4.43 -59.58 -2.25
N MET A 80 4.69 -59.01 -3.43
CA MET A 80 3.68 -58.22 -4.13
C MET A 80 2.45 -59.06 -4.50
N VAL A 81 2.67 -60.33 -4.81
CA VAL A 81 1.71 -61.09 -5.58
C VAL A 81 0.75 -61.98 -4.77
N ASP A 82 1.15 -62.38 -3.57
CA ASP A 82 0.38 -63.37 -2.81
C ASP A 82 -0.48 -62.83 -1.65
N GLY A 83 -1.60 -62.18 -1.98
CA GLY A 83 -2.59 -61.86 -0.98
C GLY A 83 -2.26 -60.57 -0.26
N ASP A 84 -0.98 -60.40 0.05
CA ASP A 84 -0.45 -59.09 0.38
C ASP A 84 -0.29 -58.37 -0.94
N THR A 85 -1.31 -57.62 -1.33
CA THR A 85 -1.30 -56.91 -2.61
C THR A 85 -0.28 -55.76 -2.58
N SER A 86 0.65 -55.86 -1.63
CA SER A 86 1.51 -54.76 -1.23
C SER A 86 2.71 -54.49 -2.16
N PRO A 87 2.91 -53.20 -2.50
CA PRO A 87 3.97 -52.56 -3.29
C PRO A 87 5.39 -52.55 -2.67
N ILE A 88 6.42 -52.84 -3.46
CA ILE A 88 7.77 -53.06 -2.89
C ILE A 88 9.01 -52.45 -3.58
N LEU A 89 9.41 -52.93 -4.76
CA LEU A 89 10.62 -52.43 -5.42
C LEU A 89 10.26 -51.50 -6.57
N THR A 90 9.04 -51.66 -7.07
CA THR A 90 8.39 -50.62 -7.86
C THR A 90 7.64 -49.74 -6.91
N GLY A 91 6.33 -49.89 -6.99
CA GLY A 91 5.40 -49.32 -6.07
C GLY A 91 4.07 -49.95 -6.36
N HIS A 92 3.06 -49.14 -6.70
CA HIS A 92 1.76 -49.64 -7.20
C HIS A 92 1.76 -51.13 -7.40
N PRO A 93 0.96 -51.88 -6.61
CA PRO A 93 0.84 -53.27 -7.05
C PRO A 93 0.48 -53.25 -8.51
N VAL A 94 1.36 -53.84 -9.29
CA VAL A 94 1.27 -53.73 -10.71
C VAL A 94 0.15 -54.61 -11.24
N PRO A 95 -0.50 -54.14 -12.31
CA PRO A 95 -1.52 -54.90 -13.05
C PRO A 95 -1.00 -56.22 -13.62
N ALA A 96 0.32 -56.40 -13.66
CA ALA A 96 0.90 -57.65 -14.15
C ALA A 96 2.33 -57.90 -13.68
N ILE A 97 2.73 -59.16 -13.68
CA ILE A 97 4.09 -59.53 -13.32
C ILE A 97 4.69 -60.40 -14.42
N SER A 98 6.00 -60.29 -14.62
CA SER A 98 6.67 -61.01 -15.68
C SER A 98 7.74 -61.97 -15.19
N LEU A 99 8.31 -62.72 -16.12
CA LEU A 99 9.30 -63.75 -15.83
C LEU A 99 10.56 -63.45 -16.63
N SER A 100 11.67 -64.07 -16.25
CA SER A 100 12.91 -63.95 -17.02
C SER A 100 13.42 -65.33 -17.42
N SER A 101 13.86 -65.46 -18.66
CA SER A 101 14.37 -66.72 -19.16
C SER A 101 15.63 -67.08 -18.41
N GLY A 102 16.04 -68.33 -18.55
CA GLY A 102 17.03 -68.86 -17.62
C GLY A 102 16.28 -69.02 -16.32
N THR A 103 17.03 -69.15 -15.22
CA THR A 103 16.39 -69.42 -13.95
C THR A 103 17.13 -68.86 -12.74
N SER A 104 16.38 -68.39 -11.75
CA SER A 104 16.94 -67.86 -10.49
C SER A 104 17.50 -68.97 -9.63
N GLN A 105 18.81 -69.17 -9.68
CA GLN A 105 19.48 -70.37 -9.15
C GLN A 105 18.63 -71.59 -9.52
N GLY A 106 17.87 -71.40 -10.60
CA GLY A 106 16.89 -72.37 -11.07
C GLY A 106 15.43 -72.17 -10.68
N ARG A 107 15.12 -71.24 -9.77
CA ARG A 107 13.72 -70.97 -9.48
C ARG A 107 13.25 -69.77 -10.32
N PRO A 108 11.93 -69.65 -10.49
CA PRO A 108 11.22 -68.56 -11.17
C PRO A 108 11.51 -67.16 -10.64
N LYS A 109 11.46 -66.15 -11.51
CA LYS A 109 11.49 -64.79 -10.97
C LYS A 109 10.33 -63.92 -11.46
N PHE A 110 9.99 -62.98 -10.60
CA PHE A 110 8.83 -62.11 -10.70
C PHE A 110 9.31 -60.71 -11.07
N ILE A 111 8.50 -59.97 -11.84
CA ILE A 111 8.83 -58.60 -12.27
C ILE A 111 7.56 -57.79 -12.55
N PRO A 112 7.44 -56.63 -11.91
CA PRO A 112 6.26 -55.73 -11.99
C PRO A 112 5.97 -55.15 -13.37
N PHE A 113 4.68 -54.99 -13.70
CA PHE A 113 4.26 -54.41 -14.98
C PHE A 113 3.29 -53.25 -14.79
N THR A 114 3.62 -52.08 -15.33
CA THR A 114 2.75 -50.93 -15.18
C THR A 114 2.30 -50.50 -16.55
N ASP A 115 1.34 -49.59 -16.63
CA ASP A 115 0.81 -49.12 -17.90
C ASP A 115 1.92 -48.44 -18.70
N GLU A 116 2.95 -47.99 -17.98
CA GLU A 116 4.14 -47.39 -18.55
C GLU A 116 4.77 -48.28 -19.61
N LEU A 117 4.75 -49.59 -19.35
CA LEU A 117 5.31 -50.55 -20.28
C LEU A 117 4.47 -50.61 -21.53
N MET A 118 3.16 -50.45 -21.37
CA MET A 118 2.24 -50.48 -22.50
C MET A 118 2.51 -49.31 -23.44
N GLU A 119 2.73 -48.14 -22.85
CA GLU A 119 3.20 -46.98 -23.58
C GLU A 119 4.53 -47.30 -24.25
N ASN A 120 5.43 -47.94 -23.51
CA ASN A 120 6.71 -48.34 -24.05
C ASN A 120 6.52 -49.18 -25.30
N THR A 121 5.71 -50.23 -25.17
CA THR A 121 5.37 -51.07 -26.32
C THR A 121 4.89 -50.23 -27.49
N LEU A 122 3.80 -49.52 -27.27
CA LEU A 122 3.17 -48.72 -28.32
C LEU A 122 4.11 -47.72 -28.96
N GLN A 123 4.77 -46.90 -28.12
CA GLN A 123 5.59 -45.80 -28.61
C GLN A 123 6.74 -46.28 -29.49
N LEU A 124 7.46 -47.31 -29.06
CA LEU A 124 8.60 -47.75 -29.85
C LEU A 124 8.12 -48.43 -31.11
N PHE A 125 6.89 -48.92 -31.09
CA PHE A 125 6.31 -49.50 -32.29
C PHE A 125 5.83 -48.40 -33.22
N ARG A 126 5.21 -47.36 -32.66
CA ARG A 126 4.84 -46.15 -33.41
C ARG A 126 6.02 -45.65 -34.24
N THR A 127 7.19 -45.71 -33.64
CA THR A 127 8.46 -45.50 -34.31
C THR A 127 8.75 -46.57 -35.33
N ALA A 128 8.65 -47.80 -34.85
CA ALA A 128 9.14 -48.96 -35.56
C ALA A 128 8.42 -49.17 -36.88
N PHE A 129 7.11 -49.03 -36.84
CA PHE A 129 6.33 -49.09 -38.06
C PHE A 129 6.73 -47.96 -39.00
N ALA A 130 7.06 -46.81 -38.43
CA ALA A 130 7.48 -45.67 -39.23
C ALA A 130 8.85 -45.89 -39.89
N PHE A 131 9.77 -46.63 -39.28
CA PHE A 131 11.07 -46.80 -39.95
C PHE A 131 10.97 -47.83 -41.07
N ARG A 132 10.07 -48.80 -40.92
CA ARG A 132 9.97 -49.90 -41.85
C ARG A 132 9.12 -49.48 -43.05
N ASN A 133 8.01 -48.80 -42.75
CA ASN A 133 7.15 -48.21 -43.77
C ASN A 133 7.88 -47.13 -44.55
N ARG A 134 8.94 -46.59 -43.96
CA ARG A 134 9.83 -45.71 -44.69
C ARG A 134 10.57 -46.53 -45.72
N ASP A 135 11.13 -47.65 -45.29
CA ASP A 135 11.91 -48.50 -46.17
C ASP A 135 11.03 -49.44 -47.00
N PHE A 136 9.78 -49.65 -46.56
CA PHE A 136 8.79 -50.45 -47.30
C PHE A 136 7.39 -49.84 -47.21
N PRO A 137 7.13 -48.75 -47.96
CA PRO A 137 5.85 -48.04 -47.84
C PRO A 137 4.65 -48.91 -48.17
N ILE A 138 3.58 -48.69 -47.41
CA ILE A 138 2.45 -49.63 -47.28
C ILE A 138 1.13 -49.02 -47.70
N ASP A 139 0.21 -49.86 -48.18
CA ASP A 139 -1.13 -49.42 -48.54
C ASP A 139 -2.00 -49.21 -47.32
N ASP A 140 -2.69 -48.06 -47.27
CA ASP A 140 -3.51 -47.65 -46.13
C ASP A 140 -4.88 -48.36 -46.06
N ASN A 141 -5.19 -49.23 -47.02
CA ASN A 141 -6.43 -49.99 -46.94
C ASN A 141 -6.21 -51.51 -46.99
N GLY A 142 -4.99 -51.96 -46.67
CA GLY A 142 -4.67 -53.37 -46.71
C GLY A 142 -4.72 -54.08 -45.35
N LYS A 143 -4.12 -55.26 -45.25
CA LYS A 143 -4.04 -56.00 -43.98
C LYS A 143 -2.69 -56.69 -43.76
N ALA A 144 -2.52 -57.27 -42.58
CA ALA A 144 -1.34 -58.09 -42.28
C ALA A 144 -1.69 -59.45 -41.67
N LEU A 145 -0.87 -60.49 -41.95
CA LEU A 145 -1.07 -61.79 -41.29
C LEU A 145 -0.25 -61.93 -40.02
N GLN A 146 -0.95 -61.98 -38.91
CA GLN A 146 -0.32 -61.97 -37.60
C GLN A 146 -0.53 -63.27 -36.87
N PHE A 147 0.50 -64.11 -36.85
CA PHE A 147 0.45 -65.31 -36.03
C PHE A 147 0.80 -64.84 -34.63
N ILE A 148 -0.17 -64.16 -34.01
CA ILE A 148 0.03 -63.54 -32.72
C ILE A 148 -1.06 -64.02 -31.77
N PHE A 149 -0.76 -64.07 -30.48
CA PHE A 149 -1.72 -64.56 -29.49
C PHE A 149 -1.66 -63.81 -28.17
N SER A 150 -2.80 -63.72 -27.51
CA SER A 150 -2.90 -63.14 -26.17
C SER A 150 -4.20 -63.60 -25.54
N SER A 151 -4.39 -64.92 -25.58
CA SER A 151 -5.68 -65.52 -25.27
C SER A 151 -5.87 -65.85 -23.81
N LYS A 152 -4.82 -65.64 -23.03
CA LYS A 152 -4.71 -66.22 -21.71
C LYS A 152 -4.53 -65.23 -20.60
N GLN A 153 -5.18 -65.52 -19.48
CA GLN A 153 -5.15 -64.67 -18.31
C GLN A 153 -5.40 -65.50 -17.06
N TYR A 154 -4.38 -65.76 -16.26
CA TYR A 154 -4.66 -66.34 -14.95
C TYR A 154 -4.78 -65.20 -13.95
N ILE A 155 -5.24 -65.51 -12.75
CA ILE A 155 -5.28 -64.53 -11.69
C ILE A 155 -4.48 -65.11 -10.56
N SER A 156 -3.52 -64.36 -10.03
CA SER A 156 -2.61 -64.93 -9.03
C SER A 156 -3.24 -65.32 -7.71
N THR A 157 -2.40 -65.95 -6.90
CA THR A 157 -2.77 -66.44 -5.59
C THR A 157 -3.31 -65.34 -4.68
N GLY A 158 -3.02 -64.08 -5.01
CA GLY A 158 -3.51 -62.98 -4.20
C GLY A 158 -4.75 -62.36 -4.81
N GLY A 159 -5.20 -62.96 -5.90
CA GLY A 159 -6.29 -62.39 -6.67
C GLY A 159 -5.78 -61.22 -7.48
N VAL A 160 -4.48 -61.25 -7.77
CA VAL A 160 -3.82 -60.16 -8.49
C VAL A 160 -3.43 -60.61 -9.90
N PRO A 161 -3.73 -59.78 -10.90
CA PRO A 161 -3.31 -60.13 -12.27
C PRO A 161 -1.80 -60.02 -12.48
N VAL A 162 -1.16 -61.07 -13.01
CA VAL A 162 0.26 -61.03 -13.35
C VAL A 162 0.54 -61.70 -14.72
N GLY A 163 1.11 -60.97 -15.67
CA GLY A 163 1.14 -61.45 -17.04
C GLY A 163 2.21 -61.05 -18.04
N THR A 164 2.25 -61.82 -19.14
CA THR A 164 3.13 -61.55 -20.26
C THR A 164 2.90 -60.22 -20.94
N ALA A 165 3.95 -59.76 -21.60
CA ALA A 165 3.85 -58.68 -22.55
C ALA A 165 2.67 -58.92 -23.50
N THR A 166 2.55 -60.16 -24.00
CA THR A 166 1.43 -60.57 -24.89
C THR A 166 0.07 -60.23 -24.34
N THR A 167 -0.36 -61.10 -23.43
CA THR A 167 -1.63 -60.97 -22.72
C THR A 167 -1.90 -59.56 -22.27
N ASN A 168 -0.87 -58.90 -21.76
CA ASN A 168 -1.03 -57.53 -21.31
C ASN A 168 -1.18 -56.51 -22.42
N VAL A 169 -0.57 -56.75 -23.59
CA VAL A 169 -0.68 -55.72 -24.62
C VAL A 169 -2.00 -55.82 -25.41
N TYR A 170 -2.35 -57.02 -25.87
CA TYR A 170 -3.46 -57.16 -26.83
C TYR A 170 -4.85 -56.94 -26.21
N ARG A 171 -5.10 -57.46 -25.01
CA ARG A 171 -6.40 -57.19 -24.39
C ARG A 171 -6.32 -56.12 -23.30
N ASN A 172 -5.25 -55.35 -23.32
CA ASN A 172 -5.21 -54.09 -22.59
C ASN A 172 -6.23 -53.14 -23.21
N PRO A 173 -6.93 -52.37 -22.37
CA PRO A 173 -7.89 -51.38 -22.85
C PRO A 173 -7.32 -50.41 -23.90
N ASN A 174 -6.00 -50.27 -23.98
CA ASN A 174 -5.42 -49.29 -24.89
C ASN A 174 -4.88 -49.89 -26.19
N PHE A 175 -4.93 -51.22 -26.30
CA PHE A 175 -4.39 -51.89 -27.48
C PHE A 175 -5.09 -51.51 -28.76
N LYS A 176 -6.42 -51.62 -28.75
CA LYS A 176 -7.19 -51.47 -29.96
C LYS A 176 -7.06 -50.06 -30.54
N ALA A 177 -7.34 -49.03 -29.73
CA ALA A 177 -7.25 -47.65 -30.20
C ALA A 177 -5.82 -47.29 -30.59
N GLY A 178 -4.86 -47.73 -29.77
CA GLY A 178 -3.46 -47.41 -29.99
C GLY A 178 -2.80 -48.06 -31.19
N MET A 179 -3.00 -49.36 -31.36
CA MET A 179 -2.37 -50.09 -32.47
C MET A 179 -3.12 -49.99 -33.79
N LYS A 180 -4.29 -49.37 -33.76
CA LYS A 180 -5.16 -49.32 -34.93
C LYS A 180 -4.54 -48.47 -36.04
N SER A 181 -3.73 -47.48 -35.67
CA SER A 181 -3.16 -46.57 -36.66
C SER A 181 -1.72 -46.91 -37.05
N ILE A 182 -1.20 -48.02 -36.55
CA ILE A 182 0.18 -48.38 -36.80
C ILE A 182 0.34 -49.82 -37.25
N THR A 183 -0.78 -50.49 -37.49
CA THR A 183 -0.77 -51.83 -38.03
C THR A 183 -1.81 -51.93 -39.11
N SER A 184 -1.55 -52.76 -40.11
CA SER A 184 -2.60 -53.06 -41.06
C SER A 184 -3.57 -53.94 -40.27
N PRO A 185 -4.88 -53.65 -40.37
CA PRO A 185 -5.91 -54.32 -39.57
C PRO A 185 -5.69 -55.83 -39.51
N SER A 186 -5.80 -56.42 -38.32
CA SER A 186 -5.53 -57.84 -38.17
C SER A 186 -6.54 -58.69 -38.92
N CYS A 187 -6.08 -59.81 -39.45
CA CYS A 187 -6.93 -60.75 -40.14
C CYS A 187 -7.92 -61.37 -39.17
N SER A 188 -7.39 -61.76 -38.03
CA SER A 188 -8.17 -62.47 -37.03
C SER A 188 -9.08 -61.52 -36.26
N PRO A 189 -10.37 -61.89 -36.13
CA PRO A 189 -11.15 -61.21 -35.10
C PRO A 189 -10.45 -61.44 -33.78
N ASP A 190 -10.49 -60.48 -32.85
CA ASP A 190 -9.72 -60.66 -31.62
C ASP A 190 -10.14 -61.92 -30.87
N GLU A 191 -11.42 -62.30 -30.98
CA GLU A 191 -11.90 -63.49 -30.29
C GLU A 191 -11.10 -64.75 -30.61
N VAL A 192 -10.75 -64.96 -31.88
CA VAL A 192 -9.94 -66.13 -32.21
C VAL A 192 -8.50 -65.89 -31.72
N ILE A 193 -8.08 -64.64 -31.66
CA ILE A 193 -6.79 -64.35 -31.06
C ILE A 193 -6.86 -64.73 -29.59
N PHE A 194 -7.89 -64.28 -28.88
CA PHE A 194 -8.01 -64.70 -27.51
C PHE A 194 -8.92 -65.92 -27.34
N SER A 195 -8.94 -66.75 -28.37
CA SER A 195 -9.57 -68.07 -28.32
C SER A 195 -8.98 -68.92 -27.20
N PRO A 196 -9.82 -69.53 -26.35
CA PRO A 196 -9.28 -70.38 -25.29
C PRO A 196 -8.44 -71.55 -25.84
N ASP A 197 -8.48 -71.73 -27.16
CA ASP A 197 -7.68 -72.75 -27.81
C ASP A 197 -6.78 -72.12 -28.89
N VAL A 198 -5.57 -71.69 -28.54
CA VAL A 198 -4.78 -70.96 -29.53
C VAL A 198 -4.14 -71.88 -30.57
N HIS A 199 -4.29 -73.20 -30.44
CA HIS A 199 -3.80 -74.07 -31.51
C HIS A 199 -4.90 -74.21 -32.52
N GLN A 200 -6.15 -74.24 -32.07
CA GLN A 200 -7.27 -74.17 -33.00
C GLN A 200 -7.38 -72.75 -33.49
N ALA A 201 -6.98 -71.81 -32.63
CA ALA A 201 -6.89 -70.42 -33.05
C ALA A 201 -5.79 -70.21 -34.07
N LEU A 202 -4.61 -70.84 -33.89
CA LEU A 202 -3.58 -70.78 -34.94
C LEU A 202 -4.10 -71.14 -36.29
N TYR A 203 -4.55 -72.39 -36.37
CA TYR A 203 -5.16 -72.93 -37.56
C TYR A 203 -6.07 -71.90 -38.18
N CYS A 204 -6.87 -71.26 -37.33
CA CYS A 204 -7.71 -70.17 -37.79
C CYS A 204 -6.88 -68.90 -38.04
N HIS A 205 -5.80 -68.71 -37.28
CA HIS A 205 -4.93 -67.54 -37.50
C HIS A 205 -4.20 -67.60 -38.84
N LEU A 206 -3.59 -68.74 -39.13
CA LEU A 206 -2.95 -68.92 -40.41
C LEU A 206 -4.02 -68.79 -41.49
N LEU A 207 -5.18 -69.38 -41.25
CA LEU A 207 -6.34 -69.25 -42.11
C LEU A 207 -6.77 -67.80 -42.27
N SER A 208 -6.71 -67.03 -41.19
CA SER A 208 -7.11 -65.63 -41.21
C SER A 208 -6.20 -64.79 -42.11
N GLY A 209 -4.89 -64.94 -41.95
CA GLY A 209 -3.96 -64.21 -42.79
C GLY A 209 -4.00 -64.72 -44.21
N ILE A 210 -4.12 -66.03 -44.34
CA ILE A 210 -4.41 -66.64 -45.62
C ILE A 210 -5.68 -65.99 -46.17
N LEU A 211 -6.70 -65.74 -45.33
CA LEU A 211 -7.96 -65.14 -45.80
C LEU A 211 -7.90 -63.76 -46.47
N PHE A 212 -7.04 -62.82 -46.06
CA PHE A 212 -7.16 -61.50 -46.68
C PHE A 212 -5.88 -61.11 -47.44
N ARG A 213 -5.30 -62.11 -48.10
CA ARG A 213 -3.95 -62.05 -48.68
C ARG A 213 -3.61 -60.98 -49.72
N ASP A 214 -4.50 -60.68 -50.67
CA ASP A 214 -4.14 -59.92 -51.85
C ASP A 214 -3.59 -58.56 -51.43
N GLN A 215 -4.18 -57.99 -50.39
CA GLN A 215 -3.75 -56.69 -49.89
C GLN A 215 -2.79 -56.80 -48.71
N VAL A 216 -2.38 -58.02 -48.39
CA VAL A 216 -1.49 -58.23 -47.25
C VAL A 216 -0.11 -57.69 -47.49
N GLN A 217 0.32 -56.79 -46.62
CA GLN A 217 1.58 -56.07 -46.76
C GLN A 217 2.80 -56.83 -46.19
N TYR A 218 2.59 -57.73 -45.22
CA TYR A 218 3.67 -58.56 -44.65
C TYR A 218 3.14 -59.79 -43.93
N VAL A 219 4.04 -60.71 -43.64
CA VAL A 219 3.77 -61.76 -42.67
C VAL A 219 4.59 -61.42 -41.44
N PHE A 220 4.14 -61.88 -40.28
CA PHE A 220 4.87 -61.56 -39.06
C PHE A 220 4.74 -62.63 -37.99
N ALA A 221 5.84 -62.78 -37.26
CA ALA A 221 5.84 -63.29 -35.91
C ALA A 221 7.06 -62.65 -35.26
N VAL A 222 7.04 -62.51 -33.93
CA VAL A 222 8.18 -61.97 -33.20
C VAL A 222 9.47 -62.61 -33.67
N PHE A 223 9.38 -63.93 -33.88
CA PHE A 223 10.49 -64.74 -34.33
C PHE A 223 10.17 -65.35 -35.67
N ALA A 224 11.21 -65.64 -36.46
CA ALA A 224 10.97 -66.36 -37.69
C ALA A 224 10.68 -67.84 -37.38
N HIS A 225 10.83 -68.23 -36.11
CA HIS A 225 10.43 -69.58 -35.71
C HIS A 225 9.00 -69.57 -35.30
N GLY A 226 8.49 -68.38 -34.99
CA GLY A 226 7.06 -68.24 -34.85
C GLY A 226 6.54 -68.39 -36.25
N LEU A 227 7.31 -67.89 -37.21
CA LEU A 227 6.99 -68.01 -38.61
C LEU A 227 7.26 -69.42 -39.14
N VAL A 228 8.47 -69.96 -39.01
CA VAL A 228 8.67 -71.32 -39.53
C VAL A 228 7.86 -72.34 -38.75
N HIS A 229 7.62 -72.15 -37.46
CA HIS A 229 6.70 -73.07 -36.79
C HIS A 229 5.27 -72.82 -37.25
N ALA A 230 4.93 -71.57 -37.54
CA ALA A 230 3.61 -71.31 -38.11
C ALA A 230 3.56 -71.94 -39.50
N PHE A 231 4.65 -71.81 -40.25
CA PHE A 231 4.71 -72.46 -41.54
C PHE A 231 5.07 -73.95 -41.40
N ARG A 232 5.48 -74.40 -40.21
CA ARG A 232 5.52 -75.85 -39.97
C ARG A 232 4.18 -76.30 -39.46
N THR A 233 3.44 -75.37 -38.88
CA THR A 233 2.04 -75.62 -38.60
C THR A 233 1.26 -75.60 -39.89
N PHE A 234 1.40 -74.51 -40.65
CA PHE A 234 0.90 -74.43 -42.01
C PHE A 234 1.33 -75.69 -42.65
N GLU A 235 2.61 -76.01 -42.51
CA GLU A 235 3.07 -77.23 -43.08
C GLU A 235 2.17 -78.30 -42.47
N GLN A 236 1.77 -78.35 -41.22
CA GLN A 236 0.93 -79.52 -40.90
C GLN A 236 -0.59 -79.51 -41.26
N VAL A 237 -1.19 -78.43 -41.77
CA VAL A 237 -2.68 -78.39 -41.82
C VAL A 237 -3.54 -77.90 -43.07
N TRP A 238 -2.97 -77.65 -44.27
CA TRP A 238 -3.79 -77.05 -45.35
C TRP A 238 -4.61 -77.97 -46.30
N GLU A 239 -4.52 -79.30 -46.24
CA GLU A 239 -5.49 -80.13 -46.98
C GLU A 239 -6.85 -80.00 -46.35
N GLU A 240 -6.87 -80.26 -45.05
CA GLU A 240 -7.99 -80.00 -44.21
C GLU A 240 -8.42 -78.53 -44.34
N ILE A 241 -7.46 -77.63 -44.56
CA ILE A 241 -7.74 -76.19 -44.83
C ILE A 241 -8.55 -75.98 -46.11
N VAL A 242 -8.21 -76.71 -47.16
CA VAL A 242 -9.07 -76.63 -48.33
C VAL A 242 -10.46 -77.13 -47.98
N THR A 243 -10.52 -78.30 -47.35
CA THR A 243 -11.78 -78.98 -47.06
C THR A 243 -12.69 -78.18 -46.14
N ASP A 244 -12.18 -77.72 -45.00
CA ASP A 244 -13.01 -76.97 -44.06
C ASP A 244 -13.48 -75.67 -44.69
N ILE A 245 -12.64 -75.08 -45.52
CA ILE A 245 -12.98 -73.79 -46.12
C ILE A 245 -13.93 -74.00 -47.30
N LYS A 246 -13.72 -75.07 -48.07
CA LYS A 246 -14.54 -75.41 -49.25
C LYS A 246 -16.02 -75.59 -49.00
N ASP A 247 -16.36 -76.40 -48.01
CA ASP A 247 -17.75 -76.74 -47.75
C ASP A 247 -18.44 -75.62 -46.97
N GLY A 248 -17.66 -74.67 -46.47
CA GLY A 248 -18.21 -73.59 -45.66
C GLY A 248 -18.56 -74.14 -44.29
N VAL A 249 -18.01 -75.31 -44.00
CA VAL A 249 -18.14 -75.99 -42.71
C VAL A 249 -16.74 -76.34 -42.22
N LEU A 250 -16.38 -75.87 -41.02
CA LEU A 250 -15.03 -76.05 -40.52
C LEU A 250 -14.75 -77.48 -40.06
N SER A 251 -13.49 -77.90 -40.19
CA SER A 251 -13.07 -79.25 -39.83
C SER A 251 -13.46 -79.62 -38.38
N ASN A 252 -13.83 -80.88 -38.16
CA ASN A 252 -14.22 -81.36 -36.83
C ASN A 252 -13.07 -81.32 -35.82
N ARG A 253 -11.88 -80.98 -36.30
CA ARG A 253 -10.71 -80.73 -35.46
C ARG A 253 -10.98 -79.61 -34.46
N ILE A 254 -11.73 -78.60 -34.89
CA ILE A 254 -12.02 -77.46 -34.04
C ILE A 254 -13.19 -77.77 -33.11
N THR A 255 -13.05 -77.48 -31.81
CA THR A 255 -14.10 -77.84 -30.84
C THR A 255 -14.65 -76.66 -30.03
N VAL A 256 -13.92 -75.55 -29.97
CA VAL A 256 -14.31 -74.45 -29.10
C VAL A 256 -15.43 -73.61 -29.71
N PRO A 257 -16.61 -73.62 -29.06
CA PRO A 257 -17.87 -73.04 -29.54
C PRO A 257 -17.93 -71.51 -29.67
N SER A 258 -17.18 -70.75 -28.88
CA SER A 258 -17.22 -69.29 -29.01
C SER A 258 -16.48 -68.87 -30.28
N VAL A 259 -15.37 -69.57 -30.55
CA VAL A 259 -14.55 -69.32 -31.72
C VAL A 259 -15.11 -70.06 -32.93
N ARG A 260 -15.78 -71.18 -32.66
CA ARG A 260 -16.48 -71.88 -33.73
C ARG A 260 -17.61 -70.99 -34.21
N THR A 261 -18.18 -70.23 -33.29
CA THR A 261 -19.20 -69.24 -33.64
C THR A 261 -18.55 -68.17 -34.52
N ALA A 262 -17.29 -67.87 -34.23
CA ALA A 262 -16.54 -66.86 -34.97
C ALA A 262 -16.22 -67.29 -36.40
N MET A 263 -15.98 -68.58 -36.61
CA MET A 263 -15.72 -69.08 -37.96
C MET A 263 -17.02 -69.33 -38.72
N SER A 264 -18.09 -69.63 -37.99
CA SER A 264 -19.38 -69.89 -38.64
C SER A 264 -20.02 -68.62 -39.14
N LYS A 265 -19.82 -67.51 -38.42
CA LYS A 265 -20.30 -66.22 -38.89
C LYS A 265 -19.54 -65.83 -40.16
N LEU A 266 -18.45 -66.54 -40.41
CA LEU A 266 -17.61 -66.26 -41.57
C LEU A 266 -17.87 -67.24 -42.73
N LEU A 267 -18.38 -68.44 -42.48
CA LEU A 267 -18.33 -69.53 -43.49
C LEU A 267 -19.58 -69.81 -44.36
N THR A 268 -19.35 -70.04 -45.67
CA THR A 268 -20.36 -70.53 -46.64
C THR A 268 -19.71 -71.38 -47.76
N PRO A 269 -20.48 -72.27 -48.42
CA PRO A 269 -19.94 -73.23 -49.42
C PRO A 269 -19.47 -72.66 -50.78
N ASN A 270 -18.21 -72.92 -51.16
CA ASN A 270 -17.57 -72.34 -52.36
C ASN A 270 -16.57 -73.24 -53.14
N PRO A 271 -17.05 -74.09 -54.06
CA PRO A 271 -16.17 -75.16 -54.58
C PRO A 271 -15.06 -74.84 -55.63
N GLU A 272 -15.15 -73.77 -56.42
CA GLU A 272 -14.12 -73.51 -57.44
C GLU A 272 -12.76 -73.27 -56.85
N LEU A 273 -12.80 -72.49 -55.78
CA LEU A 273 -11.65 -71.85 -55.21
C LEU A 273 -10.59 -72.81 -54.75
N ALA A 274 -11.00 -74.02 -54.44
CA ALA A 274 -10.06 -74.98 -53.95
C ALA A 274 -9.19 -75.43 -55.12
N GLU A 275 -9.82 -75.72 -56.25
CA GLU A 275 -9.10 -76.05 -57.48
C GLU A 275 -7.83 -75.20 -57.66
N THR A 276 -7.91 -73.98 -57.16
CA THR A 276 -6.88 -73.00 -57.36
C THR A 276 -5.66 -73.19 -56.43
N ILE A 277 -5.90 -73.34 -55.12
CA ILE A 277 -4.86 -73.26 -54.08
C ILE A 277 -3.90 -74.38 -54.29
N ARG A 278 -4.50 -75.39 -54.84
CA ARG A 278 -3.93 -76.68 -54.97
C ARG A 278 -3.03 -76.66 -56.19
N THR A 279 -3.47 -75.93 -57.21
CA THR A 279 -2.66 -75.67 -58.39
C THR A 279 -1.49 -74.65 -58.19
N LYS A 280 -1.53 -73.76 -57.18
CA LYS A 280 -0.37 -72.88 -56.96
C LYS A 280 0.74 -73.52 -56.20
N CYS A 281 0.43 -73.86 -54.96
CA CYS A 281 1.50 -74.15 -54.02
C CYS A 281 2.20 -75.40 -54.49
N MET A 282 1.68 -76.05 -55.51
CA MET A 282 2.34 -77.24 -56.00
C MET A 282 3.60 -76.95 -56.80
N SER A 283 3.55 -75.96 -57.69
CA SER A 283 4.55 -75.78 -58.74
C SER A 283 5.95 -75.55 -58.22
N LEU A 284 6.04 -75.15 -56.97
CA LEU A 284 7.31 -75.04 -56.30
C LEU A 284 8.00 -76.38 -56.13
N SER A 285 9.30 -76.31 -55.90
CA SER A 285 10.04 -77.43 -55.37
C SER A 285 9.95 -77.25 -53.86
N ASN A 286 9.09 -78.02 -53.20
CA ASN A 286 8.90 -77.91 -51.75
C ASN A 286 9.04 -76.51 -51.13
N TRP A 287 8.04 -75.68 -51.40
CA TRP A 287 7.72 -74.51 -50.57
C TRP A 287 8.89 -73.59 -50.24
N TYR A 288 9.84 -73.54 -51.16
CA TYR A 288 10.74 -72.41 -51.24
C TYR A 288 9.98 -71.16 -51.66
N GLY A 289 10.16 -70.07 -50.94
CA GLY A 289 9.47 -68.84 -51.28
C GLY A 289 7.97 -69.01 -51.17
N LEU A 290 7.52 -69.74 -50.15
CA LEU A 290 6.09 -69.88 -49.92
C LEU A 290 5.51 -68.57 -49.42
N ILE A 291 6.24 -67.86 -48.58
CA ILE A 291 5.74 -66.62 -48.02
C ILE A 291 5.30 -65.62 -49.11
N PRO A 292 6.07 -65.52 -50.22
CA PRO A 292 5.44 -64.78 -51.33
C PRO A 292 4.47 -65.62 -52.17
N ALA A 293 4.38 -66.93 -51.96
CA ALA A 293 3.35 -67.67 -52.67
C ALA A 293 1.99 -67.29 -52.12
N LEU A 294 1.83 -67.47 -50.80
CA LEU A 294 0.61 -67.10 -50.08
C LEU A 294 0.14 -65.68 -50.36
N PHE A 295 1.02 -64.73 -50.16
CA PHE A 295 0.71 -63.33 -50.42
C PHE A 295 1.89 -62.73 -51.15
N PRO A 296 1.87 -62.83 -52.50
CA PRO A 296 2.86 -62.35 -53.47
C PRO A 296 3.24 -60.90 -53.27
N ASN A 297 2.57 -60.26 -52.33
CA ASN A 297 2.60 -58.83 -52.24
C ASN A 297 2.96 -58.35 -50.85
N ALA A 298 3.27 -59.29 -49.96
CA ALA A 298 3.87 -58.91 -48.70
C ALA A 298 5.15 -58.18 -49.01
N LYS A 299 5.32 -57.02 -48.38
CA LYS A 299 6.54 -56.26 -48.56
C LYS A 299 7.65 -56.96 -47.83
N TYR A 300 7.30 -57.63 -46.73
CA TYR A 300 8.34 -58.26 -45.93
C TYR A 300 7.93 -59.39 -45.00
N VAL A 301 8.95 -60.04 -44.45
CA VAL A 301 8.76 -61.00 -43.37
C VAL A 301 9.42 -60.43 -42.13
N TYR A 302 8.61 -60.07 -41.14
CA TYR A 302 9.12 -59.34 -39.99
C TYR A 302 9.30 -60.21 -38.75
N GLY A 303 10.48 -60.13 -38.14
CA GLY A 303 10.77 -60.84 -36.89
C GLY A 303 12.23 -60.78 -36.48
N ILE A 304 12.50 -61.03 -35.20
CA ILE A 304 13.87 -61.10 -34.69
C ILE A 304 14.64 -62.22 -35.37
N MET A 305 15.86 -61.95 -35.80
CA MET A 305 16.58 -62.87 -36.67
C MET A 305 18.05 -62.96 -36.35
N THR A 306 18.37 -62.49 -35.15
CA THR A 306 19.72 -62.54 -34.62
C THR A 306 19.75 -63.38 -33.36
N GLY A 307 20.94 -63.61 -32.83
CA GLY A 307 21.07 -64.24 -31.53
C GLY A 307 20.95 -65.75 -31.45
N SER A 308 20.06 -66.20 -30.56
CA SER A 308 19.98 -67.61 -30.18
C SER A 308 19.44 -68.47 -31.30
N MET A 309 19.02 -67.83 -32.38
CA MET A 309 18.30 -68.53 -33.45
C MET A 309 18.55 -68.04 -34.86
N GLU A 310 19.78 -67.63 -35.15
CA GLU A 310 20.20 -67.47 -36.52
C GLU A 310 19.83 -68.66 -37.45
N PRO A 311 19.85 -69.93 -36.96
CA PRO A 311 19.58 -71.02 -37.90
C PRO A 311 18.17 -71.17 -38.52
N TYR A 312 17.14 -70.46 -38.06
CA TYR A 312 15.87 -70.62 -38.78
C TYR A 312 15.52 -69.39 -39.61
N VAL A 313 16.40 -68.39 -39.64
CA VAL A 313 16.26 -67.40 -40.69
C VAL A 313 16.50 -68.09 -42.05
N PRO A 314 17.41 -69.11 -42.11
CA PRO A 314 17.53 -69.75 -43.42
C PRO A 314 16.36 -70.64 -43.80
N LYS A 315 15.73 -71.35 -42.88
CA LYS A 315 14.60 -72.18 -43.29
C LYS A 315 13.40 -71.26 -43.49
N LEU A 316 13.44 -70.08 -42.89
CA LEU A 316 12.44 -69.08 -43.20
C LEU A 316 12.76 -68.33 -44.49
N ARG A 317 14.03 -67.99 -44.70
CA ARG A 317 14.44 -67.49 -46.00
C ARG A 317 13.98 -68.50 -47.03
N HIS A 318 14.22 -69.76 -46.71
CA HIS A 318 13.72 -70.90 -47.47
C HIS A 318 12.21 -70.74 -47.74
N TYR A 319 11.42 -70.52 -46.69
CA TYR A 319 10.00 -70.23 -46.85
C TYR A 319 9.73 -68.90 -47.56
N ALA A 320 10.57 -67.91 -47.29
CA ALA A 320 10.30 -66.55 -47.77
C ALA A 320 10.89 -66.31 -49.15
N GLY A 321 11.78 -67.19 -49.60
CA GLY A 321 12.40 -67.03 -50.90
C GLY A 321 13.33 -65.84 -51.05
N ASP A 322 13.01 -64.95 -51.98
CA ASP A 322 13.87 -63.80 -52.29
C ASP A 322 13.31 -62.50 -51.70
N LEU A 323 12.06 -62.59 -51.25
CA LEU A 323 11.45 -61.58 -50.39
C LEU A 323 12.44 -61.21 -49.27
N PRO A 324 12.69 -59.91 -49.06
CA PRO A 324 13.55 -59.48 -47.95
C PRO A 324 13.09 -59.99 -46.58
N LEU A 325 14.05 -60.36 -45.74
CA LEU A 325 13.73 -60.85 -44.42
C LEU A 325 14.18 -59.81 -43.37
N VAL A 326 13.23 -59.11 -42.76
CA VAL A 326 13.53 -57.93 -41.93
C VAL A 326 13.50 -58.20 -40.42
N SER A 327 14.56 -57.78 -39.72
CA SER A 327 14.79 -58.14 -38.32
C SER A 327 14.10 -57.25 -37.30
N HIS A 328 13.62 -57.85 -36.20
CA HIS A 328 12.84 -57.11 -35.21
C HIS A 328 13.64 -56.49 -34.06
N ASP A 329 13.23 -55.27 -33.73
CA ASP A 329 13.60 -54.49 -32.54
C ASP A 329 13.62 -55.28 -31.21
N TYR A 330 14.33 -54.76 -30.21
CA TYR A 330 14.56 -55.42 -28.92
C TYR A 330 13.91 -54.79 -27.71
N GLY A 331 13.21 -55.61 -26.92
CA GLY A 331 12.66 -55.20 -25.65
C GLY A 331 11.81 -56.23 -24.94
N SER A 332 11.51 -55.99 -23.66
CA SER A 332 10.62 -56.91 -22.95
C SER A 332 9.72 -56.25 -21.94
N SER A 333 9.09 -57.10 -21.15
CA SER A 333 8.40 -56.63 -19.96
C SER A 333 9.38 -56.04 -18.95
N GLU A 334 10.64 -56.43 -19.04
CA GLU A 334 11.63 -55.94 -18.09
C GLU A 334 12.07 -54.53 -18.42
N GLY A 335 11.76 -54.09 -19.63
CA GLY A 335 12.21 -52.79 -20.10
C GLY A 335 12.75 -52.92 -21.49
N TRP A 336 12.37 -51.99 -22.35
CA TRP A 336 12.73 -52.04 -23.75
C TRP A 336 14.09 -51.37 -23.95
N ILE A 337 14.84 -51.78 -24.98
CA ILE A 337 16.15 -51.19 -25.24
C ILE A 337 16.21 -50.53 -26.62
N ALA A 338 16.35 -51.33 -27.67
CA ALA A 338 16.93 -50.84 -28.92
C ALA A 338 16.16 -51.14 -30.20
N ALA A 339 16.14 -50.16 -31.10
CA ALA A 339 15.35 -50.22 -32.33
C ALA A 339 16.19 -50.15 -33.59
N ASN A 340 15.87 -51.03 -34.54
CA ASN A 340 16.41 -50.95 -35.90
C ASN A 340 15.79 -49.83 -36.71
N VAL A 341 16.34 -48.62 -36.62
CA VAL A 341 15.77 -47.52 -37.38
C VAL A 341 16.27 -47.56 -38.83
N THR A 342 16.98 -48.64 -39.17
CA THR A 342 17.35 -48.92 -40.56
C THR A 342 17.07 -50.39 -40.94
N PRO A 343 15.79 -50.77 -40.97
CA PRO A 343 15.30 -52.15 -41.10
C PRO A 343 15.69 -52.89 -42.37
N ARG A 344 16.02 -52.13 -43.40
CA ARG A 344 16.42 -52.72 -44.68
C ARG A 344 17.68 -53.55 -44.57
N LEU A 345 18.31 -53.53 -43.40
CA LEU A 345 19.56 -54.24 -43.19
C LEU A 345 19.32 -55.73 -42.95
N SER A 346 20.26 -56.53 -43.45
CA SER A 346 20.20 -57.99 -43.37
C SER A 346 20.35 -58.48 -41.93
N PRO A 347 19.72 -59.61 -41.62
CA PRO A 347 19.70 -60.29 -40.31
C PRO A 347 21.08 -60.47 -39.67
N GLU A 348 22.07 -60.85 -40.46
CA GLU A 348 23.38 -61.18 -39.92
C GLU A 348 24.11 -59.89 -39.54
N GLU A 349 23.84 -58.83 -40.29
CA GLU A 349 24.42 -57.52 -40.01
C GLU A 349 23.40 -56.57 -39.38
N ALA A 350 22.27 -57.09 -38.94
CA ALA A 350 21.20 -56.25 -38.40
C ALA A 350 21.53 -55.74 -37.00
N THR A 351 21.33 -54.44 -36.77
CA THR A 351 21.53 -53.87 -35.44
C THR A 351 20.42 -52.89 -35.06
N PHE A 352 20.37 -52.54 -33.78
CA PHE A 352 19.18 -51.88 -33.21
C PHE A 352 19.56 -50.79 -32.23
N ALA A 353 18.96 -49.61 -32.37
CA ALA A 353 19.33 -48.41 -31.58
C ALA A 353 18.41 -48.14 -30.40
N VAL A 354 18.99 -47.78 -29.27
CA VAL A 354 18.23 -47.65 -28.02
C VAL A 354 17.21 -46.50 -28.03
N ILE A 355 16.05 -46.79 -27.45
CA ILE A 355 14.99 -45.80 -27.29
C ILE A 355 15.03 -45.30 -25.85
N PRO A 356 15.09 -43.97 -25.68
CA PRO A 356 15.49 -43.14 -24.54
C PRO A 356 14.72 -43.15 -23.19
N ASN A 357 13.41 -42.98 -23.16
CA ASN A 357 12.76 -42.82 -21.85
C ASN A 357 12.10 -44.08 -21.31
N LEU A 358 12.58 -45.23 -21.78
CA LEU A 358 12.04 -46.51 -21.38
C LEU A 358 12.81 -47.08 -20.21
N GLY A 359 13.91 -46.42 -19.85
CA GLY A 359 14.68 -46.80 -18.69
C GLY A 359 15.92 -45.94 -18.58
N TYR A 360 16.74 -46.24 -17.59
CA TYR A 360 18.07 -45.66 -17.49
C TYR A 360 19.08 -46.79 -17.51
N PHE A 361 19.97 -46.79 -18.50
CA PHE A 361 20.75 -47.98 -18.81
C PHE A 361 22.21 -47.90 -18.39
N GLU A 362 22.77 -49.05 -18.01
CA GLU A 362 24.19 -49.18 -17.69
C GLU A 362 24.78 -50.51 -18.18
N PHE A 363 26.09 -50.56 -18.38
CA PHE A 363 26.76 -51.76 -18.94
C PHE A 363 28.02 -52.21 -18.17
N LEU A 364 28.14 -53.49 -17.85
CA LEU A 364 29.38 -54.03 -17.28
C LEU A 364 30.31 -54.59 -18.37
N PRO A 365 31.55 -54.08 -18.45
CA PRO A 365 32.47 -54.55 -19.50
C PRO A 365 32.98 -55.98 -19.31
N VAL A 366 33.19 -56.68 -20.42
CA VAL A 366 33.86 -57.99 -20.37
C VAL A 366 35.37 -57.80 -20.57
N SER A 367 35.79 -56.57 -20.80
CA SER A 367 37.17 -56.30 -21.23
C SER A 367 38.22 -56.47 -20.12
N GLU A 368 38.76 -57.68 -20.03
CA GLU A 368 39.91 -58.00 -19.18
C GLU A 368 40.36 -59.42 -19.55
N THR A 369 39.57 -60.38 -19.08
CA THR A 369 39.61 -61.77 -19.51
C THR A 369 38.18 -62.26 -19.50
N GLY A 370 37.88 -63.10 -18.52
CA GLY A 370 36.52 -63.49 -18.21
C GLY A 370 36.37 -63.57 -16.70
N GLU A 371 35.50 -62.74 -16.13
CA GLU A 371 34.71 -61.79 -16.89
C GLU A 371 35.34 -60.39 -16.82
N GLY A 372 35.57 -59.89 -15.62
CA GLY A 372 36.19 -58.58 -15.48
C GLY A 372 35.66 -57.76 -14.33
N GLU A 373 36.58 -57.32 -13.48
CA GLU A 373 36.23 -56.56 -12.31
C GLU A 373 36.39 -55.07 -12.57
N GLU A 374 35.63 -54.54 -13.52
CA GLU A 374 35.64 -53.10 -13.77
C GLU A 374 34.22 -52.56 -13.60
N LYS A 375 34.10 -51.26 -13.34
CA LYS A 375 32.80 -50.66 -13.03
C LYS A 375 32.07 -50.13 -14.27
N PRO A 376 30.73 -50.12 -14.25
CA PRO A 376 29.95 -49.80 -15.44
C PRO A 376 30.14 -48.37 -15.91
N VAL A 377 30.10 -48.14 -17.23
CA VAL A 377 30.13 -46.78 -17.74
C VAL A 377 28.84 -46.44 -18.48
N GLY A 378 28.67 -45.15 -18.79
CA GLY A 378 27.41 -44.63 -19.30
C GLY A 378 27.06 -45.05 -20.71
N LEU A 379 25.85 -44.69 -21.13
CA LEU A 379 25.29 -45.18 -22.39
C LEU A 379 26.00 -44.64 -23.62
N THR A 380 26.43 -43.38 -23.54
CA THR A 380 27.15 -42.76 -24.64
C THR A 380 28.64 -42.96 -24.45
N GLN A 381 28.97 -43.76 -23.42
CA GLN A 381 30.34 -43.94 -23.00
C GLN A 381 30.80 -45.36 -23.32
N VAL A 382 29.83 -46.18 -23.69
CA VAL A 382 30.06 -47.51 -24.25
C VAL A 382 31.11 -47.46 -25.37
N LYS A 383 31.87 -48.54 -25.53
CA LYS A 383 32.94 -48.56 -26.52
C LYS A 383 32.57 -49.37 -27.75
N ILE A 384 32.75 -48.76 -28.93
CA ILE A 384 32.43 -49.39 -30.21
C ILE A 384 33.28 -50.61 -30.49
N GLY A 385 32.63 -51.69 -30.91
CA GLY A 385 33.31 -52.92 -31.24
C GLY A 385 33.44 -53.84 -30.04
N GLU A 386 33.33 -53.28 -28.84
CA GLU A 386 33.54 -54.04 -27.61
C GLU A 386 32.24 -54.59 -27.07
N GLU A 387 32.32 -55.66 -26.28
CA GLU A 387 31.11 -56.25 -25.72
C GLU A 387 30.91 -56.00 -24.24
N TYR A 388 29.71 -55.54 -23.90
CA TYR A 388 29.30 -55.31 -22.51
C TYR A 388 28.00 -56.06 -22.19
N GLU A 389 27.81 -56.37 -20.91
CA GLU A 389 26.55 -56.94 -20.40
C GLU A 389 25.60 -55.84 -19.89
N VAL A 390 24.32 -55.87 -20.27
CA VAL A 390 23.43 -54.78 -19.88
C VAL A 390 22.81 -54.98 -18.51
N VAL A 391 22.76 -53.90 -17.74
CA VAL A 391 21.97 -53.87 -16.52
C VAL A 391 20.92 -52.77 -16.69
N ILE A 392 19.80 -52.92 -15.99
CA ILE A 392 18.58 -52.19 -16.33
C ILE A 392 17.91 -51.47 -15.16
N THR A 393 17.63 -50.19 -15.34
CA THR A 393 16.86 -49.41 -14.38
C THR A 393 15.60 -48.87 -15.05
N ASN A 394 14.42 -49.34 -14.63
CA ASN A 394 13.19 -48.97 -15.34
C ASN A 394 11.90 -49.11 -14.54
N TYR A 395 10.79 -48.91 -15.25
CA TYR A 395 9.45 -48.96 -14.70
C TYR A 395 9.04 -50.37 -14.25
N ALA A 396 9.76 -51.38 -14.71
CA ALA A 396 9.34 -52.76 -14.42
C ALA A 396 9.92 -53.29 -13.13
N GLY A 397 10.21 -52.41 -12.18
CA GLY A 397 10.65 -52.86 -10.87
C GLY A 397 12.09 -53.29 -10.81
N LEU A 398 12.84 -52.95 -11.85
CA LEU A 398 14.22 -53.36 -11.94
C LEU A 398 15.10 -52.12 -11.84
N TYR A 399 16.03 -52.12 -10.90
CA TYR A 399 16.84 -50.94 -10.63
C TYR A 399 18.31 -51.31 -10.58
N ARG A 400 19.03 -50.92 -11.64
CA ARG A 400 20.40 -51.36 -11.85
C ARG A 400 20.43 -52.88 -11.80
N TYR A 401 19.47 -53.51 -12.48
CA TYR A 401 19.33 -54.95 -12.37
C TYR A 401 20.21 -55.71 -13.36
N ARG A 402 20.97 -56.66 -12.84
CA ARG A 402 21.80 -57.50 -13.70
C ARG A 402 20.95 -58.64 -14.25
N LEU A 403 20.64 -58.57 -15.54
CA LEU A 403 19.85 -59.59 -16.21
C LEU A 403 20.73 -60.75 -16.66
N GLY A 404 21.96 -60.42 -17.07
CA GLY A 404 22.98 -61.43 -17.30
C GLY A 404 23.17 -61.86 -18.74
N ASP A 405 23.58 -60.93 -19.60
CA ASP A 405 23.65 -61.17 -21.04
C ASP A 405 24.63 -60.23 -21.76
N VAL A 406 25.52 -60.79 -22.57
CA VAL A 406 26.61 -60.00 -23.19
C VAL A 406 26.36 -59.60 -24.65
N VAL A 407 26.56 -58.29 -24.92
CA VAL A 407 26.14 -57.59 -26.14
C VAL A 407 27.32 -56.92 -26.85
N LYS A 408 27.32 -56.85 -28.17
CA LYS A 408 28.40 -56.15 -28.88
C LYS A 408 27.96 -54.80 -29.46
N VAL A 409 28.83 -53.79 -29.35
CA VAL A 409 28.54 -52.45 -29.87
C VAL A 409 29.08 -52.27 -31.29
N ILE A 410 28.22 -51.96 -32.26
CA ILE A 410 28.67 -52.00 -33.64
C ILE A 410 28.82 -50.60 -34.25
N GLY A 411 28.17 -49.60 -33.64
CA GLY A 411 28.18 -48.25 -34.18
C GLY A 411 27.22 -47.28 -33.51
N PHE A 412 27.13 -46.07 -34.06
CA PHE A 412 26.25 -45.03 -33.53
C PHE A 412 25.28 -44.49 -34.59
N TYR A 413 23.99 -44.45 -34.28
CA TYR A 413 23.05 -43.68 -35.11
C TYR A 413 22.95 -42.28 -34.54
N ASN A 414 23.64 -41.33 -35.16
CA ASN A 414 23.85 -40.03 -34.53
C ASN A 414 24.42 -40.25 -33.12
N ASN A 415 23.83 -39.65 -32.09
CA ASN A 415 24.37 -39.82 -30.73
C ASN A 415 23.95 -41.10 -29.99
N THR A 416 23.18 -41.97 -30.63
CA THR A 416 22.75 -43.19 -29.98
C THR A 416 23.40 -44.42 -30.64
N PRO A 417 23.80 -45.42 -29.81
CA PRO A 417 24.51 -46.63 -30.24
C PRO A 417 23.63 -47.73 -30.85
N GLN A 418 24.25 -48.59 -31.66
CA GLN A 418 23.56 -49.73 -32.26
C GLN A 418 24.11 -51.03 -31.69
N LEU A 419 23.22 -51.94 -31.30
CA LEU A 419 23.61 -53.15 -30.58
C LEU A 419 23.50 -54.43 -31.41
N LYS A 420 24.36 -55.39 -31.07
CA LYS A 420 24.41 -56.69 -31.72
C LYS A 420 24.28 -57.81 -30.71
N PHE A 421 23.70 -58.92 -31.13
CA PHE A 421 23.52 -60.06 -30.26
C PHE A 421 23.97 -61.32 -30.98
N ILE A 422 25.08 -61.89 -30.50
CA ILE A 422 25.68 -63.10 -31.02
C ILE A 422 25.35 -64.21 -30.04
N CYS A 423 24.41 -63.89 -29.17
CA CYS A 423 24.21 -64.59 -27.92
C CYS A 423 23.13 -65.68 -28.01
N ARG A 424 22.83 -66.31 -26.89
CA ARG A 424 21.98 -67.51 -26.89
C ARG A 424 21.39 -67.84 -25.52
N ARG A 425 22.26 -68.26 -24.60
CA ARG A 425 21.84 -68.72 -23.27
C ARG A 425 22.53 -67.94 -22.15
N ASN A 426 21.74 -67.37 -21.23
CA ASN A 426 22.30 -66.61 -20.11
C ASN A 426 22.73 -67.55 -18.98
N LEU A 427 23.63 -68.47 -19.32
CA LEU A 427 23.74 -69.69 -18.53
C LEU A 427 24.94 -69.83 -17.61
N ILE A 428 24.66 -69.70 -16.31
CA ILE A 428 25.22 -70.57 -15.29
C ILE A 428 23.98 -70.87 -14.46
N LEU A 429 23.87 -72.06 -13.89
CA LEU A 429 22.70 -72.34 -13.08
C LEU A 429 23.07 -72.59 -11.64
N SER A 430 22.09 -72.97 -10.84
CA SER A 430 22.30 -73.47 -9.48
C SER A 430 21.10 -74.36 -9.14
N ILE A 431 21.00 -74.83 -7.91
CA ILE A 431 19.93 -75.77 -7.58
C ILE A 431 18.78 -75.21 -6.74
N ASN A 432 17.71 -76.00 -6.65
CA ASN A 432 16.35 -75.47 -6.60
C ASN A 432 15.35 -76.09 -5.70
N ILE A 433 14.10 -76.03 -6.16
CA ILE A 433 12.95 -76.71 -5.58
C ILE A 433 11.72 -76.70 -6.48
N ASP A 434 11.87 -76.61 -7.81
CA ASP A 434 10.71 -76.79 -8.69
C ASP A 434 10.78 -78.17 -9.35
N LYS A 435 11.39 -79.11 -8.62
CA LYS A 435 11.84 -80.39 -9.16
C LYS A 435 12.02 -81.39 -8.00
N ASN A 436 11.82 -82.71 -8.20
CA ASN A 436 11.48 -83.40 -9.45
C ASN A 436 12.42 -83.13 -10.61
N THR A 437 13.71 -83.49 -10.43
CA THR A 437 14.79 -83.31 -11.41
C THR A 437 14.34 -82.96 -12.82
N GLU A 438 14.90 -81.90 -13.41
CA GLU A 438 14.51 -81.47 -14.76
C GLU A 438 14.41 -82.66 -15.71
N ARG A 439 15.34 -83.59 -15.55
CA ARG A 439 15.31 -84.85 -16.28
C ARG A 439 14.04 -85.64 -15.97
N ASP A 440 13.56 -85.58 -14.73
CA ASP A 440 12.33 -86.28 -14.38
C ASP A 440 11.15 -85.61 -15.06
N LEU A 441 11.14 -84.28 -15.07
CA LEU A 441 10.00 -83.54 -15.59
C LEU A 441 9.94 -83.63 -17.11
N GLN A 442 11.11 -83.52 -17.75
CA GLN A 442 11.21 -83.77 -19.19
C GLN A 442 10.77 -85.20 -19.49
N LEU A 443 11.22 -86.14 -18.65
CA LEU A 443 10.83 -87.55 -18.80
C LEU A 443 9.35 -87.78 -18.58
N SER A 444 8.72 -86.90 -17.78
CA SER A 444 7.28 -87.00 -17.52
C SER A 444 6.48 -86.69 -18.76
N VAL A 445 6.76 -85.53 -19.32
CA VAL A 445 6.24 -85.11 -20.60
C VAL A 445 6.45 -86.20 -21.63
N GLU A 446 7.70 -86.65 -21.73
CA GLU A 446 8.05 -87.71 -22.67
C GLU A 446 7.22 -88.97 -22.48
N SER A 447 7.09 -89.39 -21.23
CA SER A 447 6.35 -90.61 -20.92
C SER A 447 4.89 -90.49 -21.33
N ALA A 448 4.22 -89.46 -20.83
CA ALA A 448 2.80 -89.31 -21.10
C ALA A 448 2.49 -88.94 -22.55
N ALA A 449 3.38 -88.20 -23.19
CA ALA A 449 3.08 -87.60 -24.50
C ALA A 449 3.08 -88.58 -25.65
N LYS A 450 3.60 -89.78 -25.44
CA LYS A 450 3.59 -90.75 -26.51
C LYS A 450 2.21 -91.39 -26.65
N ARG A 451 1.37 -91.22 -25.63
CA ARG A 451 -0.04 -91.53 -25.76
C ARG A 451 -0.64 -90.61 -26.84
N LEU A 452 -0.08 -89.41 -26.96
CA LEU A 452 -0.47 -88.49 -28.02
C LEU A 452 0.26 -88.85 -29.29
N SER A 453 1.45 -89.45 -29.15
CA SER A 453 2.27 -89.82 -30.31
C SER A 453 1.60 -90.90 -31.15
N GLU A 454 0.67 -91.61 -30.53
CA GLU A 454 -0.19 -92.56 -31.24
C GLU A 454 -1.05 -91.84 -32.27
N GLU A 455 -1.07 -90.52 -32.21
CA GLU A 455 -1.94 -89.74 -33.07
C GLU A 455 -1.16 -89.04 -34.19
N LYS A 456 0.08 -89.49 -34.39
CA LYS A 456 1.04 -88.88 -35.32
C LYS A 456 1.45 -87.51 -34.83
N ILE A 457 1.59 -87.42 -33.51
CA ILE A 457 1.84 -86.19 -32.81
C ILE A 457 3.19 -86.30 -32.10
N GLU A 458 3.89 -85.18 -31.97
CA GLU A 458 5.05 -85.12 -31.08
C GLU A 458 4.73 -84.08 -30.02
N VAL A 459 5.53 -83.98 -28.96
CA VAL A 459 5.33 -82.91 -27.99
C VAL A 459 6.39 -81.81 -28.16
N ILE A 460 5.92 -80.61 -28.50
CA ILE A 460 6.81 -79.51 -28.87
C ILE A 460 7.53 -78.88 -27.68
N ASP A 461 6.79 -78.66 -26.59
CA ASP A 461 7.39 -78.19 -25.34
C ASP A 461 6.43 -78.35 -24.15
N PHE A 462 6.86 -77.93 -22.96
CA PHE A 462 6.10 -78.11 -21.73
C PHE A 462 6.48 -77.10 -20.63
N SER A 463 5.65 -77.01 -19.60
CA SER A 463 5.94 -76.21 -18.40
C SER A 463 5.15 -76.75 -17.19
N SER A 464 5.24 -76.08 -16.02
CA SER A 464 4.42 -76.50 -14.88
C SER A 464 4.05 -75.36 -13.93
N TYR A 465 3.42 -75.69 -12.79
CA TYR A 465 3.00 -74.71 -11.79
C TYR A 465 2.68 -75.32 -10.43
N ILE A 466 3.20 -74.72 -9.36
CA ILE A 466 2.84 -75.15 -8.02
C ILE A 466 1.77 -74.21 -7.43
N ASP A 467 0.59 -74.76 -7.17
CA ASP A 467 -0.54 -73.99 -6.68
C ASP A 467 -0.87 -74.32 -5.23
N VAL A 468 -0.47 -73.47 -4.28
CA VAL A 468 -0.70 -73.77 -2.87
C VAL A 468 -1.76 -72.85 -2.25
N SER A 469 -2.64 -72.33 -3.08
CA SER A 469 -3.81 -71.63 -2.58
C SER A 469 -4.89 -72.66 -2.26
N THR A 470 -4.97 -73.67 -3.12
CA THR A 470 -5.94 -74.74 -2.99
C THR A 470 -5.54 -75.72 -1.89
N ASP A 471 -6.53 -76.41 -1.35
CA ASP A 471 -6.29 -77.37 -0.28
C ASP A 471 -6.81 -78.75 -0.65
N PRO A 472 -5.89 -79.71 -0.79
CA PRO A 472 -4.45 -79.44 -0.75
C PRO A 472 -3.98 -78.80 -2.04
N GLY A 473 -2.71 -78.44 -2.11
CA GLY A 473 -2.17 -77.81 -3.30
C GLY A 473 -1.86 -78.86 -4.33
N HIS A 474 -1.82 -78.44 -5.58
CA HIS A 474 -1.57 -79.37 -6.66
C HIS A 474 -0.61 -78.74 -7.64
N TYR A 475 0.17 -79.58 -8.32
CA TYR A 475 1.04 -79.04 -9.34
C TYR A 475 0.25 -79.00 -10.63
N ALA A 476 0.62 -78.09 -11.53
CA ALA A 476 -0.08 -77.97 -12.79
C ALA A 476 0.88 -78.14 -13.95
N ILE A 477 0.79 -79.25 -14.66
CA ILE A 477 1.70 -79.54 -15.77
C ILE A 477 1.17 -78.91 -17.07
N PHE A 478 2.05 -78.35 -17.88
CA PHE A 478 1.64 -77.58 -19.05
C PHE A 478 2.19 -78.17 -20.36
N TRP A 479 1.45 -78.03 -21.46
CA TRP A 479 1.79 -78.76 -22.70
C TRP A 479 1.53 -78.07 -24.04
N GLU A 480 2.54 -78.07 -24.91
CA GLU A 480 2.33 -77.66 -26.30
C GLU A 480 2.55 -78.81 -27.28
N ILE A 481 1.47 -79.16 -27.98
CA ILE A 481 1.43 -80.33 -28.85
C ILE A 481 1.25 -79.83 -30.29
N SER A 482 1.49 -80.66 -31.31
CA SER A 482 1.45 -80.18 -32.69
C SER A 482 0.06 -80.17 -33.34
N GLY A 483 -0.93 -80.77 -32.67
CA GLY A 483 -2.28 -80.85 -33.22
C GLY A 483 -3.34 -81.23 -32.19
N GLU A 484 -4.61 -81.10 -32.56
CA GLU A 484 -5.74 -81.33 -31.66
C GLU A 484 -6.03 -82.82 -31.43
N THR A 485 -6.55 -83.14 -30.24
CA THR A 485 -7.05 -84.49 -29.93
C THR A 485 -8.13 -84.44 -28.82
N ASN A 486 -8.62 -85.63 -28.43
CA ASN A 486 -9.72 -85.74 -27.47
C ASN A 486 -9.24 -85.81 -26.02
N GLU A 487 -10.19 -85.68 -25.12
CA GLU A 487 -9.88 -85.56 -23.71
C GLU A 487 -9.38 -86.84 -23.04
N ASP A 488 -10.02 -87.97 -23.34
CA ASP A 488 -9.71 -89.22 -22.66
C ASP A 488 -8.21 -89.50 -22.61
N VAL A 489 -7.52 -89.29 -23.72
CA VAL A 489 -6.10 -89.57 -23.78
C VAL A 489 -5.32 -88.55 -22.99
N LEU A 490 -5.82 -87.31 -22.91
CA LEU A 490 -5.13 -86.27 -22.15
C LEU A 490 -5.27 -86.51 -20.66
N GLN A 491 -6.46 -86.92 -20.24
CA GLN A 491 -6.69 -87.37 -18.88
C GLN A 491 -5.70 -88.48 -18.54
N ASP A 492 -5.65 -89.51 -19.37
CA ASP A 492 -4.65 -90.57 -19.24
C ASP A 492 -3.26 -89.99 -19.07
N CYS A 493 -2.94 -89.02 -19.93
CA CYS A 493 -1.63 -88.39 -19.93
C CYS A 493 -1.29 -87.76 -18.57
N CYS A 494 -2.23 -87.05 -17.99
CA CYS A 494 -2.00 -86.43 -16.69
C CYS A 494 -1.62 -87.50 -15.69
N ASN A 495 -2.36 -88.60 -15.69
CA ASN A 495 -2.03 -89.75 -14.84
C ASN A 495 -0.57 -90.14 -15.02
N CYS A 496 -0.12 -90.23 -16.26
CA CYS A 496 1.25 -90.67 -16.52
C CYS A 496 2.26 -89.64 -16.05
N LEU A 497 1.95 -88.35 -16.09
CA LEU A 497 2.89 -87.36 -15.57
C LEU A 497 3.06 -87.58 -14.09
N ASP A 498 1.93 -87.83 -13.42
CA ASP A 498 1.96 -88.26 -12.03
C ASP A 498 2.76 -89.53 -11.93
N ARG A 499 2.60 -90.40 -12.91
CA ARG A 499 3.20 -91.73 -12.87
C ARG A 499 4.66 -91.73 -13.34
N ALA A 500 5.17 -90.54 -13.66
CA ALA A 500 6.51 -90.46 -14.26
C ALA A 500 7.54 -89.77 -13.37
N PHE A 501 7.14 -88.82 -12.54
CA PHE A 501 8.11 -88.28 -11.56
C PHE A 501 8.53 -89.48 -10.77
N ILE A 502 9.73 -90.00 -10.95
CA ILE A 502 9.92 -91.32 -10.38
C ILE A 502 10.36 -91.33 -8.91
N ASP A 503 10.50 -90.17 -8.28
CA ASP A 503 11.07 -90.18 -6.93
C ASP A 503 10.19 -90.69 -5.78
N ALA A 504 10.84 -91.37 -4.84
CA ALA A 504 10.26 -91.86 -3.60
C ALA A 504 9.49 -90.82 -2.80
N GLY A 505 9.88 -89.57 -2.96
CA GLY A 505 9.38 -88.50 -2.11
C GLY A 505 7.90 -88.17 -2.27
N TYR A 506 7.56 -87.64 -3.44
CA TYR A 506 6.24 -87.06 -3.69
C TYR A 506 5.25 -88.20 -3.80
N VAL A 507 5.77 -89.39 -3.54
CA VAL A 507 4.99 -90.59 -3.43
C VAL A 507 4.22 -90.59 -2.15
N SER A 508 4.93 -90.36 -1.06
CA SER A 508 4.31 -90.07 0.20
C SER A 508 3.29 -88.97 -0.02
N SER A 509 3.71 -87.91 -0.71
CA SER A 509 2.86 -86.75 -0.97
C SER A 509 1.50 -86.99 -1.58
N ARG A 510 1.49 -87.36 -2.85
CA ARG A 510 0.23 -87.41 -3.56
C ARG A 510 -0.55 -88.65 -3.17
N LYS A 511 0.11 -89.74 -2.79
CA LYS A 511 -0.66 -90.89 -2.35
C LYS A 511 -1.33 -90.60 -1.04
N CYS A 512 -0.62 -89.90 -0.18
CA CYS A 512 -1.26 -89.36 1.01
C CYS A 512 -2.13 -88.17 0.60
N LYS A 513 -1.92 -87.64 -0.61
CA LYS A 513 -2.66 -86.46 -1.09
C LYS A 513 -2.54 -85.27 -0.15
N THR A 514 -1.40 -85.15 0.51
CA THR A 514 -1.12 -83.97 1.33
C THR A 514 -0.85 -82.81 0.40
N ILE A 515 -0.44 -83.16 -0.81
CA ILE A 515 -0.44 -82.26 -1.95
C ILE A 515 -1.44 -82.92 -2.91
N GLY A 516 -2.43 -82.16 -3.38
CA GLY A 516 -3.58 -82.73 -4.09
C GLY A 516 -3.25 -83.06 -5.52
N ALA A 517 -4.09 -83.85 -6.20
CA ALA A 517 -3.81 -84.39 -7.55
C ALA A 517 -3.20 -83.41 -8.58
N LEU A 518 -2.18 -83.87 -9.33
CA LEU A 518 -1.65 -83.09 -10.46
C LEU A 518 -2.76 -82.69 -11.39
N GLU A 519 -2.82 -81.41 -11.72
CA GLU A 519 -3.74 -80.96 -12.75
C GLU A 519 -2.93 -80.76 -14.01
N LEU A 520 -3.28 -81.50 -15.06
CA LEU A 520 -2.69 -81.22 -16.37
C LEU A 520 -3.62 -80.32 -17.15
N ARG A 521 -3.23 -79.06 -17.27
CA ARG A 521 -3.91 -78.16 -18.18
C ARG A 521 -3.12 -78.19 -19.46
N VAL A 522 -3.69 -78.77 -20.50
CA VAL A 522 -3.00 -78.84 -21.76
C VAL A 522 -3.20 -77.49 -22.44
N VAL A 523 -2.12 -76.91 -22.94
CA VAL A 523 -2.25 -75.63 -23.60
C VAL A 523 -2.06 -75.76 -25.10
N ALA A 524 -2.41 -74.69 -25.80
CA ALA A 524 -2.46 -74.73 -27.24
C ALA A 524 -1.18 -74.19 -27.86
N LYS A 525 -1.01 -74.44 -29.14
CA LYS A 525 0.23 -74.14 -29.84
C LYS A 525 0.66 -72.66 -29.80
N GLY A 526 1.96 -72.42 -29.72
CA GLY A 526 2.45 -71.05 -29.68
C GLY A 526 2.69 -70.54 -28.29
N THR A 527 2.26 -71.30 -27.29
CA THR A 527 2.34 -70.89 -25.90
C THR A 527 3.78 -70.72 -25.46
N PHE A 528 4.55 -71.79 -25.61
CA PHE A 528 5.95 -71.79 -25.24
C PHE A 528 6.74 -71.08 -26.32
N ARG A 529 6.11 -70.91 -27.48
CA ARG A 529 6.67 -70.09 -28.56
C ARG A 529 6.60 -68.62 -28.16
N LYS A 530 5.58 -68.27 -27.38
CA LYS A 530 5.42 -66.88 -26.91
C LYS A 530 6.29 -66.54 -25.73
N ILE A 531 6.62 -67.53 -24.90
CA ILE A 531 7.53 -67.24 -23.82
C ILE A 531 8.87 -67.00 -24.51
N GLN A 532 9.13 -67.76 -25.58
CA GLN A 532 10.32 -67.55 -26.38
C GLN A 532 10.28 -66.19 -27.06
N GLU A 533 9.22 -65.95 -27.83
CA GLU A 533 9.06 -64.69 -28.55
C GLU A 533 9.18 -63.51 -27.62
N HIS A 534 8.78 -63.71 -26.37
CA HIS A 534 9.03 -62.73 -25.35
C HIS A 534 10.51 -62.51 -25.16
N PHE A 535 11.25 -63.62 -25.12
CA PHE A 535 12.57 -63.58 -24.53
C PHE A 535 13.74 -63.13 -25.43
N LEU A 536 13.81 -63.49 -26.71
CA LEU A 536 14.92 -62.92 -27.48
C LEU A 536 14.79 -61.42 -27.66
N GLY A 537 13.56 -60.94 -27.76
CA GLY A 537 13.36 -59.51 -27.89
C GLY A 537 13.75 -58.80 -26.62
N LEU A 538 13.64 -59.51 -25.52
CA LEU A 538 13.96 -59.00 -24.19
C LEU A 538 15.22 -58.15 -24.15
N GLY A 539 15.12 -57.05 -23.40
CA GLY A 539 16.21 -56.11 -23.26
C GLY A 539 17.39 -56.62 -22.46
N SER A 540 18.38 -57.14 -23.18
CA SER A 540 19.64 -57.56 -22.58
C SER A 540 20.61 -57.93 -23.68
N SER A 541 20.83 -59.24 -23.81
CA SER A 541 21.45 -59.82 -25.00
C SER A 541 20.77 -61.14 -25.30
N ALA A 542 21.10 -61.73 -26.45
CA ALA A 542 20.35 -62.87 -26.92
C ALA A 542 20.36 -64.10 -25.98
N GLY A 543 21.10 -64.02 -24.87
CA GLY A 543 21.06 -65.08 -23.88
C GLY A 543 19.74 -65.10 -23.15
N GLN A 544 18.74 -65.71 -23.77
CA GLN A 544 17.40 -65.56 -23.26
C GLN A 544 16.50 -66.75 -23.52
N PHE A 545 17.04 -67.96 -23.59
CA PHE A 545 16.19 -69.04 -24.09
C PHE A 545 15.93 -70.23 -23.21
N LYS A 546 16.66 -70.39 -22.12
CA LYS A 546 16.35 -71.49 -21.22
C LYS A 546 15.09 -71.19 -20.41
N MET A 547 13.99 -71.76 -20.88
CA MET A 547 12.70 -71.58 -20.24
C MET A 547 12.66 -72.30 -18.89
N PRO A 548 12.24 -71.59 -17.84
CA PRO A 548 12.03 -72.22 -16.53
C PRO A 548 10.91 -73.24 -16.64
N ARG A 549 11.12 -74.43 -16.07
CA ARG A 549 10.27 -75.57 -16.37
C ARG A 549 9.17 -75.88 -15.38
N CYS A 550 9.33 -75.46 -14.14
CA CYS A 550 8.25 -75.64 -13.18
C CYS A 550 8.08 -74.46 -12.25
N VAL A 551 6.82 -74.12 -11.97
CA VAL A 551 6.54 -72.84 -11.35
C VAL A 551 6.23 -72.84 -9.86
N LYS A 552 7.11 -72.16 -9.12
CA LYS A 552 6.94 -71.81 -7.71
C LYS A 552 5.95 -70.64 -7.67
N PRO A 553 5.58 -70.09 -6.51
CA PRO A 553 4.66 -68.97 -6.81
C PRO A 553 5.29 -67.79 -7.53
N SER A 554 6.61 -67.83 -7.77
CA SER A 554 7.36 -66.68 -8.27
C SER A 554 7.56 -66.58 -9.79
N ASN A 555 6.76 -67.31 -10.57
CA ASN A 555 6.86 -67.32 -12.04
C ASN A 555 5.66 -66.65 -12.66
N ALA A 556 5.87 -65.96 -13.77
CA ALA A 556 4.84 -65.06 -14.23
C ALA A 556 4.55 -65.15 -15.72
N LYS A 557 5.58 -65.22 -16.56
CA LYS A 557 5.34 -65.21 -17.99
C LYS A 557 4.63 -66.47 -18.42
N VAL A 558 4.96 -67.61 -17.85
CA VAL A 558 4.26 -68.82 -18.27
C VAL A 558 2.87 -68.91 -17.62
N LEU A 559 2.62 -68.10 -16.57
CA LEU A 559 1.43 -68.23 -15.72
C LEU A 559 0.12 -67.59 -16.24
N GLN A 560 0.15 -66.31 -16.61
CA GLN A 560 -1.00 -65.73 -17.31
C GLN A 560 -1.35 -66.61 -18.50
N ILE A 561 -0.32 -67.17 -19.12
CA ILE A 561 -0.51 -68.06 -20.24
C ILE A 561 -1.28 -69.31 -19.83
N LEU A 562 -1.17 -69.71 -18.56
CA LEU A 562 -1.66 -71.05 -18.25
C LEU A 562 -3.17 -71.17 -18.13
N CYS A 563 -3.84 -70.28 -17.39
CA CYS A 563 -5.24 -70.52 -17.12
C CYS A 563 -6.22 -70.39 -18.29
N GLU A 564 -6.17 -69.31 -19.07
CA GLU A 564 -7.26 -69.11 -20.02
C GLU A 564 -7.18 -69.94 -21.30
N ASN A 565 -5.99 -70.41 -21.66
CA ASN A 565 -5.91 -71.32 -22.79
C ASN A 565 -5.85 -72.76 -22.36
N VAL A 566 -6.48 -73.02 -21.22
CA VAL A 566 -6.89 -74.36 -20.87
C VAL A 566 -7.70 -74.88 -22.07
N VAL A 567 -7.03 -75.55 -23.00
CA VAL A 567 -7.79 -76.14 -24.10
C VAL A 567 -8.56 -77.28 -23.46
N SER A 568 -7.95 -77.81 -22.40
CA SER A 568 -8.63 -78.69 -21.45
C SER A 568 -7.89 -78.69 -20.10
N SER A 569 -8.61 -78.96 -19.02
CA SER A 569 -8.00 -79.05 -17.70
C SER A 569 -8.59 -80.14 -16.85
N TYR A 570 -7.71 -80.98 -16.31
CA TYR A 570 -8.23 -82.11 -15.58
C TYR A 570 -7.42 -82.46 -14.35
N PHE A 571 -8.13 -82.98 -13.37
CA PHE A 571 -7.54 -83.44 -12.14
C PHE A 571 -7.62 -84.95 -12.18
N SER A 572 -6.55 -85.61 -11.74
CA SER A 572 -6.35 -87.04 -11.98
C SER A 572 -7.46 -87.91 -11.39
N THR A 573 -7.96 -88.85 -12.21
CA THR A 573 -9.05 -89.74 -11.84
C THR A 573 -8.52 -90.95 -11.08
N ALA A 574 -7.32 -91.39 -11.45
CA ALA A 574 -6.56 -92.23 -10.55
C ALA A 574 -6.33 -91.40 -9.30
N PHE A 575 -5.83 -92.02 -8.22
CA PHE A 575 -5.71 -91.35 -6.93
C PHE A 575 -7.10 -91.10 -6.33
N LEU B 10 1.97 -36.14 28.41
CA LEU B 10 1.21 -36.83 27.38
C LEU B 10 0.28 -35.85 26.64
N PRO B 11 0.43 -35.79 25.30
CA PRO B 11 -0.39 -35.00 24.37
C PRO B 11 -1.83 -35.49 24.35
N ILE B 12 -2.78 -34.57 24.22
CA ILE B 12 -4.19 -34.95 24.24
C ILE B 12 -4.81 -34.79 22.86
N LEU B 13 -5.42 -35.86 22.35
CA LEU B 13 -6.07 -35.81 21.05
C LEU B 13 -7.59 -35.67 21.16
N LEU B 14 -8.11 -34.55 20.68
CA LEU B 14 -9.56 -34.40 20.54
C LEU B 14 -9.91 -34.74 19.10
N ASP B 15 -10.65 -35.84 18.93
CA ASP B 15 -10.83 -36.46 17.63
C ASP B 15 -12.31 -36.83 17.40
N TYR B 16 -12.59 -37.60 16.35
CA TYR B 16 -13.93 -38.11 16.04
C TYR B 16 -13.73 -39.47 15.37
N TRP B 17 -14.23 -40.53 16.00
CA TRP B 17 -13.83 -41.88 15.59
C TRP B 17 -14.08 -42.23 14.11
N PRO B 18 -15.07 -41.60 13.44
CA PRO B 18 -15.08 -41.89 12.00
C PRO B 18 -14.36 -40.83 11.18
N SER B 19 -13.75 -39.84 11.82
CA SER B 19 -13.08 -38.79 11.06
C SER B 19 -11.74 -39.25 10.49
N MET B 20 -11.62 -39.21 9.18
CA MET B 20 -10.41 -39.60 8.47
C MET B 20 -9.26 -38.66 8.79
N PHE B 21 -9.58 -37.39 9.01
CA PHE B 21 -8.57 -36.41 9.35
C PHE B 21 -8.10 -36.71 10.76
N GLY B 22 -9.05 -37.10 11.60
CA GLY B 22 -8.71 -37.53 12.94
C GLY B 22 -7.81 -38.75 12.80
N MET B 23 -8.13 -39.58 11.82
CA MET B 23 -7.33 -40.76 11.55
C MET B 23 -5.93 -40.39 11.07
N ARG B 24 -5.80 -39.23 10.44
CA ARG B 24 -4.48 -38.72 10.08
C ARG B 24 -3.62 -38.53 11.32
N ALA B 25 -4.17 -37.85 12.32
CA ALA B 25 -3.44 -37.55 13.54
C ALA B 25 -3.03 -38.81 14.30
N ARG B 26 -3.97 -39.73 14.52
CA ARG B 26 -3.65 -40.96 15.26
C ARG B 26 -2.61 -41.79 14.49
N VAL B 27 -2.71 -41.83 13.16
CA VAL B 27 -1.73 -42.56 12.34
C VAL B 27 -0.34 -41.95 12.45
N ALA B 28 -0.26 -40.62 12.38
CA ALA B 28 1.02 -39.92 12.49
C ALA B 28 1.70 -40.14 13.84
N LEU B 29 1.00 -39.78 14.91
CA LEU B 29 1.55 -39.88 16.27
C LEU B 29 1.95 -41.30 16.62
N ARG B 30 1.14 -42.26 16.18
CA ARG B 30 1.44 -43.65 16.42
C ARG B 30 2.50 -44.14 15.43
N GLU B 31 2.66 -43.44 14.31
CA GLU B 31 3.66 -43.84 13.31
C GLU B 31 5.06 -43.58 13.84
N LYS B 32 5.20 -42.59 14.71
CA LYS B 32 6.48 -42.29 15.36
C LYS B 32 6.79 -43.25 16.49
N GLY B 33 6.63 -42.77 17.72
CA GLY B 33 6.82 -43.57 18.92
C GLY B 33 6.21 -42.84 20.10
N VAL B 34 5.22 -42.01 19.81
CA VAL B 34 4.63 -41.11 20.79
C VAL B 34 3.43 -41.70 21.52
N GLU B 35 3.48 -41.66 22.85
CA GLU B 35 2.37 -42.11 23.67
C GLU B 35 1.48 -40.90 23.93
N PHE B 36 0.24 -40.96 23.45
CA PHE B 36 -0.72 -39.87 23.61
C PHE B 36 -2.10 -40.40 24.04
N GLU B 37 -2.90 -39.52 24.62
CA GLU B 37 -4.21 -39.88 25.15
C GLU B 37 -5.29 -39.45 24.17
N TYR B 38 -6.18 -40.38 23.84
CA TYR B 38 -7.21 -40.16 22.84
C TYR B 38 -8.53 -39.78 23.50
N ARG B 39 -9.14 -38.70 23.02
CA ARG B 39 -10.40 -38.25 23.61
C ARG B 39 -11.51 -38.17 22.56
N GLU B 40 -12.63 -38.81 22.87
CA GLU B 40 -13.79 -38.80 21.98
C GLU B 40 -14.57 -37.48 22.08
N GLU B 41 -14.84 -36.84 20.95
CA GLU B 41 -15.59 -35.59 20.99
C GLU B 41 -17.07 -35.80 20.71
N ASP B 42 -17.91 -35.06 21.43
CA ASP B 42 -19.36 -35.06 21.22
C ASP B 42 -19.74 -33.76 20.54
N PHE B 43 -20.17 -33.81 19.28
CA PHE B 43 -20.38 -32.57 18.53
C PHE B 43 -21.69 -31.87 18.90
N SER B 44 -22.47 -32.51 19.77
CA SER B 44 -23.54 -31.83 20.45
C SER B 44 -23.03 -31.24 21.76
N ASN B 45 -22.11 -31.96 22.39
CA ASN B 45 -21.56 -31.57 23.70
C ASN B 45 -20.05 -31.48 23.69
N LYS B 46 -19.51 -30.63 22.81
CA LYS B 46 -18.07 -30.50 22.59
C LYS B 46 -17.36 -30.06 23.86
N SER B 47 -16.31 -30.81 24.20
CA SER B 47 -15.57 -30.60 25.44
C SER B 47 -15.19 -29.13 25.63
N PRO B 48 -15.09 -28.69 26.90
CA PRO B 48 -14.54 -27.38 27.23
C PRO B 48 -13.15 -27.22 26.64
N LEU B 49 -12.48 -28.36 26.49
CA LEU B 49 -11.16 -28.45 25.87
C LEU B 49 -11.15 -28.07 24.40
N LEU B 50 -12.19 -28.44 23.65
CA LEU B 50 -12.21 -28.13 22.23
C LEU B 50 -12.64 -26.70 21.98
N LEU B 51 -13.55 -26.19 22.81
CA LEU B 51 -14.06 -24.83 22.66
C LEU B 51 -13.04 -23.81 23.15
N GLN B 52 -12.20 -24.22 24.10
CA GLN B 52 -11.15 -23.31 24.54
C GLN B 52 -9.92 -23.50 23.68
N SER B 53 -9.84 -24.62 22.97
CA SER B 53 -8.75 -24.82 22.03
C SER B 53 -9.14 -24.30 20.66
N ASN B 54 -10.39 -24.53 20.28
CA ASN B 54 -10.89 -24.00 19.02
C ASN B 54 -12.23 -23.28 19.14
N PRO B 55 -12.18 -22.00 19.50
CA PRO B 55 -13.46 -21.30 19.67
C PRO B 55 -14.09 -20.87 18.34
N ILE B 56 -13.41 -21.12 17.23
CA ILE B 56 -13.88 -20.61 15.94
C ILE B 56 -14.49 -21.69 15.05
N HIS B 57 -13.68 -22.64 14.58
CA HIS B 57 -14.22 -23.73 13.76
C HIS B 57 -14.78 -24.79 14.69
N LYS B 58 -14.19 -24.88 15.88
CA LYS B 58 -14.60 -25.86 16.88
C LYS B 58 -14.46 -27.24 16.26
N LYS B 59 -13.28 -27.50 15.69
CA LYS B 59 -13.06 -28.68 14.86
C LYS B 59 -12.01 -29.63 15.39
N ILE B 60 -12.11 -30.89 14.96
CA ILE B 60 -11.11 -31.90 15.22
C ILE B 60 -10.33 -32.10 13.93
N PRO B 61 -9.10 -32.66 14.00
CA PRO B 61 -8.40 -33.07 15.23
C PRO B 61 -7.60 -31.92 15.84
N VAL B 62 -7.47 -31.92 17.16
CA VAL B 62 -6.62 -30.95 17.84
C VAL B 62 -5.83 -31.64 18.94
N LEU B 63 -4.51 -31.46 18.92
CA LEU B 63 -3.63 -32.08 19.90
C LEU B 63 -2.95 -31.03 20.77
N VAL B 64 -3.06 -31.20 22.08
CA VAL B 64 -2.41 -30.32 23.04
C VAL B 64 -1.10 -30.92 23.50
N HIS B 65 -0.01 -30.22 23.22
CA HIS B 65 1.33 -30.63 23.61
C HIS B 65 1.95 -29.41 24.24
N ASN B 66 2.55 -29.58 25.43
CA ASN B 66 3.27 -28.46 26.02
C ASN B 66 2.30 -27.34 26.40
N GLY B 67 1.03 -27.72 26.55
CA GLY B 67 -0.01 -26.79 26.96
C GLY B 67 -0.45 -25.91 25.81
N LYS B 68 -0.44 -26.50 24.61
CA LYS B 68 -0.63 -25.73 23.40
C LYS B 68 -1.48 -26.52 22.41
N PRO B 69 -2.64 -25.97 22.03
CA PRO B 69 -3.48 -26.74 21.09
C PRO B 69 -3.05 -26.55 19.64
N VAL B 70 -2.93 -27.65 18.91
CA VAL B 70 -2.64 -27.61 17.48
C VAL B 70 -3.76 -28.30 16.74
N CYS B 71 -4.32 -27.61 15.76
CA CYS B 71 -5.55 -28.03 15.09
C CYS B 71 -5.35 -28.17 13.58
N GLU B 72 -6.31 -28.82 12.91
CA GLU B 72 -6.21 -29.26 11.50
C GLU B 72 -5.35 -30.52 11.38
N SER B 73 -5.80 -31.45 10.54
CA SER B 73 -5.12 -32.75 10.38
C SER B 73 -3.73 -32.62 9.77
N LEU B 74 -3.64 -32.08 8.56
CA LEU B 74 -2.36 -31.78 7.95
C LEU B 74 -1.48 -30.94 8.88
N ASN B 75 -2.10 -30.07 9.65
CA ASN B 75 -1.33 -29.18 10.52
C ASN B 75 -0.84 -29.89 11.77
N VAL B 76 -1.68 -30.76 12.34
CA VAL B 76 -1.27 -31.59 13.46
C VAL B 76 -0.14 -32.55 13.04
N VAL B 77 -0.27 -33.13 11.85
CA VAL B 77 0.69 -34.13 11.36
C VAL B 77 2.04 -33.51 11.04
N GLN B 78 2.03 -32.36 10.38
CA GLN B 78 3.27 -31.62 10.14
C GLN B 78 3.88 -31.22 11.47
N TYR B 79 3.03 -30.89 12.43
CA TYR B 79 3.47 -30.60 13.78
C TYR B 79 4.15 -31.82 14.40
N VAL B 80 3.74 -33.02 14.00
CA VAL B 80 4.32 -34.24 14.55
C VAL B 80 5.70 -34.50 13.94
N ASP B 81 5.77 -34.36 12.62
CA ASP B 81 7.04 -34.47 11.94
C ASP B 81 8.04 -33.48 12.52
N GLU B 82 7.58 -32.25 12.76
CA GLU B 82 8.47 -31.17 13.15
C GLU B 82 8.92 -31.23 14.62
N ALA B 83 8.07 -31.71 15.52
CA ALA B 83 8.45 -31.77 16.92
C ALA B 83 9.33 -32.98 17.25
N TRP B 84 9.10 -34.12 16.59
CA TRP B 84 9.90 -35.33 16.86
C TRP B 84 10.55 -35.90 15.59
N PRO B 85 11.56 -35.20 15.05
CA PRO B 85 12.22 -35.60 13.80
C PRO B 85 13.57 -36.29 13.98
N GLU B 86 13.60 -37.48 14.56
CA GLU B 86 14.87 -38.19 14.75
C GLU B 86 14.88 -39.65 14.29
N LYS B 87 13.73 -40.21 13.95
CA LYS B 87 13.68 -41.62 13.52
C LYS B 87 13.15 -41.81 12.10
N ASN B 88 11.83 -41.78 11.98
CA ASN B 88 11.15 -41.99 10.70
C ASN B 88 10.59 -40.68 10.14
N PRO B 89 11.39 -39.95 9.36
CA PRO B 89 10.87 -38.68 8.81
C PRO B 89 9.76 -38.88 7.78
N PHE B 90 8.70 -38.09 7.90
CA PHE B 90 7.62 -38.09 6.92
C PHE B 90 8.03 -37.36 5.65
N PHE B 91 9.07 -36.54 5.75
CA PHE B 91 9.51 -35.72 4.63
C PHE B 91 10.83 -36.19 4.05
N PRO B 92 11.03 -36.00 2.74
CA PRO B 92 12.34 -36.21 2.14
C PRO B 92 13.19 -34.94 2.34
N SER B 93 14.50 -35.04 2.20
CA SER B 93 15.41 -33.96 2.59
C SER B 93 15.26 -32.69 1.72
N ASP B 94 14.83 -32.87 0.48
CA ASP B 94 14.83 -31.77 -0.47
C ASP B 94 13.56 -30.92 -0.47
N PRO B 95 13.73 -29.61 -0.66
CA PRO B 95 12.64 -28.63 -0.73
C PRO B 95 11.55 -28.98 -1.74
N TYR B 96 11.93 -29.36 -2.95
CA TYR B 96 10.95 -29.62 -4.00
C TYR B 96 10.15 -30.91 -3.74
N GLY B 97 10.75 -31.87 -3.07
CA GLY B 97 10.08 -33.13 -2.78
C GLY B 97 9.11 -33.09 -1.63
N ARG B 98 9.39 -32.26 -0.62
CA ARG B 98 8.43 -32.01 0.45
C ARG B 98 7.33 -31.15 -0.14
N ALA B 99 7.68 -30.50 -1.25
CA ALA B 99 6.76 -29.71 -2.04
C ALA B 99 5.82 -30.58 -2.86
N GLN B 100 6.27 -31.80 -3.17
CA GLN B 100 5.47 -32.72 -3.96
C GLN B 100 4.70 -33.67 -3.07
N ALA B 101 4.94 -33.59 -1.77
CA ALA B 101 4.09 -34.27 -0.83
C ALA B 101 3.00 -33.30 -0.43
N ARG B 102 3.34 -32.01 -0.41
CA ARG B 102 2.39 -30.97 -0.12
C ARG B 102 1.39 -30.80 -1.25
N PHE B 103 1.89 -30.84 -2.48
CA PHE B 103 1.06 -30.70 -3.64
C PHE B 103 -0.01 -31.78 -3.65
N TRP B 104 0.39 -33.01 -3.35
CA TRP B 104 -0.52 -34.13 -3.38
C TRP B 104 -1.28 -34.27 -2.06
N ALA B 105 -0.72 -33.72 -0.98
CA ALA B 105 -1.46 -33.64 0.27
C ALA B 105 -2.71 -32.82 0.02
N ASP B 106 -2.52 -31.64 -0.55
CA ASP B 106 -3.63 -30.75 -0.86
C ASP B 106 -4.58 -31.39 -1.86
N PHE B 107 -4.06 -32.22 -2.77
CA PHE B 107 -4.94 -32.88 -3.73
C PHE B 107 -5.84 -33.89 -3.05
N VAL B 108 -5.25 -34.76 -2.24
CA VAL B 108 -6.03 -35.73 -1.48
C VAL B 108 -7.01 -34.98 -0.61
N ASP B 109 -6.55 -33.86 -0.08
CA ASP B 109 -7.31 -33.06 0.87
C ASP B 109 -8.51 -32.31 0.29
N LYS B 110 -8.41 -31.82 -0.95
CA LYS B 110 -9.49 -30.98 -1.46
C LYS B 110 -10.33 -31.65 -2.55
N LYS B 111 -9.90 -31.55 -3.80
CA LYS B 111 -10.67 -32.13 -4.90
C LYS B 111 -10.96 -33.62 -4.67
N PHE B 112 -10.00 -34.34 -4.11
CA PHE B 112 -10.23 -35.76 -3.87
C PHE B 112 -11.22 -35.95 -2.72
N THR B 113 -11.13 -35.10 -1.71
CA THR B 113 -11.95 -35.26 -0.51
C THR B 113 -13.37 -34.74 -0.73
N ASP B 114 -13.54 -33.84 -1.69
CA ASP B 114 -14.88 -33.40 -2.04
C ASP B 114 -15.58 -34.48 -2.83
N ALA B 115 -14.90 -34.98 -3.87
CA ALA B 115 -15.40 -36.10 -4.67
C ALA B 115 -15.88 -37.26 -3.81
N GLN B 116 -15.06 -37.67 -2.85
CA GLN B 116 -15.42 -38.78 -1.97
C GLN B 116 -16.54 -38.43 -1.02
N PHE B 117 -16.62 -37.14 -0.66
CA PHE B 117 -17.62 -36.63 0.28
C PHE B 117 -19.00 -36.68 -0.36
N LYS B 118 -19.07 -36.38 -1.66
CA LYS B 118 -20.32 -36.51 -2.38
C LYS B 118 -20.60 -37.99 -2.70
N VAL B 119 -19.59 -38.85 -2.60
CA VAL B 119 -19.84 -40.28 -2.76
C VAL B 119 -20.71 -40.76 -1.62
N TRP B 120 -20.29 -40.50 -0.38
CA TRP B 120 -20.96 -41.07 0.78
C TRP B 120 -22.05 -40.17 1.33
N GLY B 121 -22.12 -38.94 0.86
CA GLY B 121 -23.06 -38.00 1.45
C GLY B 121 -24.27 -37.63 0.60
N LYS B 122 -24.37 -38.16 -0.62
CA LYS B 122 -25.35 -37.64 -1.56
C LYS B 122 -26.12 -38.66 -2.40
N LYS B 123 -27.18 -38.15 -3.02
CA LYS B 123 -28.08 -38.95 -3.84
C LYS B 123 -28.14 -38.46 -5.28
N GLY B 124 -28.38 -39.38 -6.21
CA GLY B 124 -28.71 -39.00 -7.57
C GLY B 124 -27.57 -38.43 -8.39
N GLU B 125 -27.78 -37.23 -8.94
CA GLU B 125 -26.86 -36.59 -9.89
C GLU B 125 -25.43 -36.46 -9.36
N GLU B 126 -25.26 -35.74 -8.26
CA GLU B 126 -23.92 -35.53 -7.72
C GLU B 126 -23.30 -36.87 -7.31
N GLN B 127 -24.15 -37.82 -6.91
CA GLN B 127 -23.64 -39.13 -6.48
C GLN B 127 -22.95 -39.79 -7.66
N GLU B 128 -23.63 -39.82 -8.80
CA GLU B 128 -23.08 -40.41 -10.00
C GLU B 128 -21.88 -39.61 -10.55
N ALA B 129 -22.10 -38.34 -10.88
CA ALA B 129 -21.03 -37.50 -11.43
C ALA B 129 -19.84 -37.45 -10.49
N GLY B 130 -20.12 -37.68 -9.21
CA GLY B 130 -19.05 -37.77 -8.22
C GLY B 130 -18.35 -39.11 -8.28
N LYS B 131 -19.10 -40.17 -8.55
CA LYS B 131 -18.49 -41.47 -8.83
C LYS B 131 -17.45 -41.26 -9.93
N LYS B 132 -17.84 -40.56 -10.98
CA LYS B 132 -16.90 -40.12 -12.01
C LYS B 132 -15.68 -39.49 -11.38
N GLU B 133 -15.90 -38.35 -10.70
CA GLU B 133 -14.84 -37.58 -10.05
C GLU B 133 -13.89 -38.47 -9.25
N PHE B 134 -14.49 -39.37 -8.48
CA PHE B 134 -13.73 -40.30 -7.68
C PHE B 134 -12.88 -41.21 -8.57
N ILE B 135 -13.47 -41.70 -9.65
CA ILE B 135 -12.76 -42.55 -10.61
C ILE B 135 -11.68 -41.73 -11.32
N GLU B 136 -11.91 -40.42 -11.43
CA GLU B 136 -10.99 -39.51 -12.10
C GLU B 136 -9.81 -39.10 -11.21
N ALA B 137 -10.10 -38.67 -9.99
CA ALA B 137 -9.06 -38.24 -9.08
C ALA B 137 -8.20 -39.43 -8.68
N VAL B 138 -8.85 -40.56 -8.40
CA VAL B 138 -8.12 -41.80 -8.15
C VAL B 138 -7.23 -42.07 -9.34
N LYS B 139 -7.78 -41.85 -10.55
CA LYS B 139 -7.04 -42.07 -11.81
C LYS B 139 -5.78 -41.24 -11.93
N ILE B 140 -5.78 -40.04 -11.38
CA ILE B 140 -4.61 -39.20 -11.53
C ILE B 140 -3.58 -39.65 -10.47
N LEU B 141 -4.02 -39.84 -9.23
CA LEU B 141 -3.10 -40.20 -8.14
C LEU B 141 -2.36 -41.51 -8.42
N GLU B 142 -3.00 -42.47 -9.09
CA GLU B 142 -2.29 -43.67 -9.52
C GLU B 142 -1.22 -43.32 -10.54
N SER B 143 -1.52 -42.34 -11.39
CA SER B 143 -0.64 -42.00 -12.51
C SER B 143 0.67 -41.38 -12.04
N GLU B 144 0.61 -40.35 -11.20
CA GLU B 144 1.82 -39.67 -10.75
C GLU B 144 2.65 -40.50 -9.79
N LEU B 145 2.00 -41.34 -8.99
CA LEU B 145 2.73 -42.26 -8.13
C LEU B 145 3.57 -43.18 -8.99
N GLY B 146 3.14 -43.39 -10.23
CA GLY B 146 3.92 -44.13 -11.20
C GLY B 146 4.14 -45.54 -10.74
N ASP B 147 5.04 -45.70 -9.77
CA ASP B 147 5.23 -46.93 -9.04
C ASP B 147 5.96 -46.67 -7.72
N LYS B 148 5.24 -46.16 -6.73
CA LYS B 148 5.76 -46.00 -5.37
C LYS B 148 4.99 -46.84 -4.36
N PRO B 149 5.70 -47.58 -3.50
CA PRO B 149 4.94 -48.38 -2.53
C PRO B 149 4.24 -47.48 -1.54
N TYR B 150 4.89 -46.36 -1.26
CA TYR B 150 4.35 -45.37 -0.37
C TYR B 150 4.18 -44.07 -1.13
N PHE B 151 4.53 -42.95 -0.49
CA PHE B 151 4.18 -41.64 -1.03
C PHE B 151 5.19 -40.53 -0.75
N GLY B 152 5.29 -40.12 0.51
CA GLY B 152 6.01 -38.91 0.88
C GLY B 152 7.53 -39.02 0.95
N GLY B 153 8.03 -40.25 1.02
CA GLY B 153 9.45 -40.51 1.10
C GLY B 153 9.57 -42.01 0.91
N ASP B 154 10.76 -42.57 1.13
CA ASP B 154 10.98 -44.00 0.93
C ASP B 154 10.16 -44.92 1.84
N SER B 155 9.69 -44.39 2.97
CA SER B 155 8.82 -45.16 3.86
C SER B 155 7.44 -44.56 3.97
N PHE B 156 6.79 -44.74 5.12
CA PHE B 156 5.46 -44.18 5.33
C PHE B 156 5.58 -42.67 5.30
N GLY B 157 4.79 -42.01 4.46
CA GLY B 157 4.98 -40.59 4.19
C GLY B 157 3.91 -39.65 4.70
N TYR B 158 3.94 -38.44 4.18
CA TYR B 158 3.02 -37.39 4.54
C TYR B 158 1.72 -37.50 3.74
N VAL B 159 1.85 -37.64 2.43
CA VAL B 159 0.66 -37.71 1.60
C VAL B 159 0.06 -39.12 1.72
N ASP B 160 0.83 -40.09 2.19
CA ASP B 160 0.26 -41.43 2.38
C ASP B 160 -0.61 -41.47 3.63
N ILE B 161 -0.19 -40.80 4.70
CA ILE B 161 -1.03 -40.71 5.89
C ILE B 161 -2.25 -39.90 5.51
N SER B 162 -2.08 -38.99 4.56
CA SER B 162 -3.18 -38.14 4.11
C SER B 162 -4.27 -38.97 3.45
N LEU B 163 -3.86 -40.01 2.73
CA LEU B 163 -4.81 -40.80 1.95
C LEU B 163 -5.17 -42.13 2.60
N ILE B 164 -4.28 -42.68 3.43
CA ILE B 164 -4.50 -43.99 4.03
C ILE B 164 -5.75 -44.01 4.89
N THR B 165 -6.11 -42.86 5.43
CA THR B 165 -7.29 -42.78 6.26
C THR B 165 -8.53 -42.96 5.40
N PHE B 166 -8.34 -42.75 4.09
CA PHE B 166 -9.41 -42.95 3.12
C PHE B 166 -9.45 -44.40 2.64
N SER B 167 -8.66 -45.28 3.29
CA SER B 167 -8.74 -46.73 3.08
C SER B 167 -9.92 -47.29 3.83
N SER B 168 -10.17 -46.74 5.01
CA SER B 168 -11.26 -47.19 5.85
C SER B 168 -12.59 -46.63 5.37
N TRP B 169 -12.60 -46.04 4.19
CA TRP B 169 -13.82 -45.53 3.57
C TRP B 169 -13.98 -46.06 2.15
N PHE B 170 -12.92 -46.67 1.64
CA PHE B 170 -12.93 -47.30 0.31
C PHE B 170 -14.07 -48.30 0.16
N GLN B 171 -14.35 -48.98 1.26
CA GLN B 171 -15.37 -50.01 1.32
C GLN B 171 -16.77 -49.40 1.41
N ALA B 172 -16.87 -48.26 2.08
CA ALA B 172 -18.09 -47.47 2.04
C ALA B 172 -18.32 -46.94 0.63
N TYR B 173 -17.23 -46.67 -0.06
CA TYR B 173 -17.29 -46.07 -1.39
C TYR B 173 -17.54 -47.14 -2.44
N GLU B 174 -17.38 -48.39 -2.04
CA GLU B 174 -17.59 -49.48 -2.96
C GLU B 174 -19.02 -49.99 -2.85
N LYS B 175 -19.76 -49.43 -1.90
CA LYS B 175 -21.18 -49.79 -1.75
C LYS B 175 -22.09 -48.64 -2.16
N PHE B 176 -21.79 -47.42 -1.72
CA PHE B 176 -22.61 -46.27 -2.07
C PHE B 176 -22.22 -45.68 -3.42
N GLY B 177 -20.92 -45.69 -3.71
CA GLY B 177 -20.44 -45.30 -5.03
C GLY B 177 -20.58 -46.51 -5.93
N ASN B 178 -20.58 -47.68 -5.30
CA ASN B 178 -20.90 -48.95 -5.94
C ASN B 178 -19.95 -49.28 -7.10
N PHE B 179 -18.68 -49.03 -6.87
CA PHE B 179 -17.64 -49.39 -7.83
C PHE B 179 -16.69 -50.38 -7.17
N SER B 180 -15.78 -50.94 -7.95
CA SER B 180 -14.61 -51.58 -7.36
C SER B 180 -13.41 -50.88 -7.95
N ILE B 181 -12.83 -49.98 -7.17
CA ILE B 181 -11.63 -49.29 -7.60
C ILE B 181 -10.46 -50.27 -7.55
N GLU B 182 -10.65 -51.41 -6.91
CA GLU B 182 -9.65 -52.46 -7.00
C GLU B 182 -9.60 -53.07 -8.40
N SER B 183 -10.75 -53.27 -9.03
CA SER B 183 -10.71 -53.90 -10.34
C SER B 183 -10.64 -52.90 -11.48
N GLU B 184 -10.40 -51.64 -11.15
CA GLU B 184 -10.06 -50.65 -12.17
C GLU B 184 -8.76 -49.93 -11.76
N SER B 185 -8.31 -50.19 -10.53
CA SER B 185 -7.06 -49.65 -10.02
C SER B 185 -6.70 -50.31 -8.68
N PRO B 186 -6.27 -51.58 -8.73
CA PRO B 186 -5.96 -52.25 -7.45
C PRO B 186 -4.76 -51.59 -6.81
N LYS B 187 -4.03 -50.84 -7.63
CA LYS B 187 -2.88 -50.08 -7.21
C LYS B 187 -3.11 -49.33 -5.89
N LEU B 188 -4.17 -48.54 -5.84
CA LEU B 188 -4.43 -47.64 -4.72
C LEU B 188 -4.84 -48.33 -3.40
N ILE B 189 -5.90 -49.15 -3.40
CA ILE B 189 -6.29 -49.79 -2.15
C ILE B 189 -5.21 -50.72 -1.64
N ALA B 190 -4.30 -51.10 -2.53
CA ALA B 190 -3.27 -52.03 -2.14
C ALA B 190 -2.03 -51.28 -1.67
N TRP B 191 -1.97 -49.97 -1.93
CA TRP B 191 -1.07 -49.14 -1.13
C TRP B 191 -1.66 -49.28 0.24
N ALA B 192 -2.97 -49.07 0.28
CA ALA B 192 -3.70 -48.98 1.53
C ALA B 192 -3.53 -50.24 2.37
N LYS B 193 -3.55 -51.41 1.73
CA LYS B 193 -3.37 -52.67 2.46
C LYS B 193 -1.89 -53.02 2.65
N ARG B 194 -1.02 -52.52 1.78
CA ARG B 194 0.41 -52.46 2.07
C ARG B 194 0.58 -51.75 3.39
N CYS B 195 -0.09 -50.61 3.49
CA CYS B 195 0.05 -49.74 4.64
C CYS B 195 -0.65 -50.30 5.87
N MET B 196 -1.54 -51.26 5.65
CA MET B 196 -2.30 -51.88 6.74
C MET B 196 -1.50 -52.95 7.47
N GLU B 197 -0.37 -53.38 6.90
CA GLU B 197 0.50 -54.30 7.60
C GLU B 197 1.23 -53.57 8.74
N LYS B 198 1.13 -52.24 8.73
CA LYS B 198 1.76 -51.44 9.76
C LYS B 198 0.76 -51.07 10.85
N GLU B 199 1.27 -50.93 12.07
CA GLU B 199 0.42 -50.85 13.25
C GLU B 199 -0.23 -49.50 13.47
N SER B 200 0.28 -48.46 12.83
CA SER B 200 -0.37 -47.17 12.95
C SER B 200 -1.71 -47.29 12.24
N VAL B 201 -1.77 -48.09 11.17
CA VAL B 201 -3.02 -48.26 10.43
C VAL B 201 -3.87 -49.42 10.97
N SER B 202 -3.22 -50.40 11.57
CA SER B 202 -3.95 -51.58 12.04
C SER B 202 -4.65 -51.37 13.39
N LYS B 203 -4.37 -50.24 14.03
CA LYS B 203 -5.03 -49.95 15.31
C LYS B 203 -5.54 -48.51 15.42
N SER B 204 -5.27 -47.68 14.40
CA SER B 204 -5.83 -46.33 14.41
C SER B 204 -7.09 -46.23 13.59
N LEU B 205 -7.02 -46.66 12.33
CA LEU B 205 -8.19 -46.71 11.47
C LEU B 205 -9.17 -47.72 12.05
N PRO B 206 -10.37 -47.25 12.47
CA PRO B 206 -11.33 -48.20 13.03
C PRO B 206 -11.83 -49.21 12.00
N ASP B 207 -12.65 -50.16 12.46
CA ASP B 207 -13.14 -51.23 11.59
C ASP B 207 -13.87 -50.71 10.35
N SER B 208 -13.62 -51.36 9.22
CA SER B 208 -14.18 -50.95 7.93
C SER B 208 -15.70 -50.98 7.92
N GLU B 209 -16.27 -52.01 8.53
CA GLU B 209 -17.72 -52.19 8.56
C GLU B 209 -18.43 -51.04 9.27
N LYS B 210 -17.85 -50.57 10.36
CA LYS B 210 -18.47 -49.53 11.16
C LYS B 210 -18.52 -48.20 10.42
N ILE B 211 -17.50 -47.93 9.61
CA ILE B 211 -17.51 -46.72 8.78
C ILE B 211 -18.68 -46.80 7.80
N VAL B 212 -18.86 -47.97 7.22
CA VAL B 212 -20.01 -48.21 6.37
C VAL B 212 -21.29 -47.96 7.14
N ALA B 213 -21.34 -48.47 8.36
CA ALA B 213 -22.51 -48.30 9.22
C ALA B 213 -22.85 -46.83 9.44
N TYR B 214 -21.85 -46.05 9.86
CA TYR B 214 -22.06 -44.64 10.14
C TYR B 214 -22.27 -43.80 8.87
N ALA B 215 -21.64 -44.20 7.77
CA ALA B 215 -21.86 -43.50 6.51
C ALA B 215 -23.31 -43.67 6.08
N ALA B 216 -23.83 -44.88 6.22
CA ALA B 216 -25.21 -45.19 5.86
C ALA B 216 -26.18 -44.53 6.82
N GLU B 217 -25.73 -44.34 8.06
CA GLU B 217 -26.59 -43.80 9.10
C GLU B 217 -26.63 -42.28 9.04
N TYR B 218 -25.53 -41.68 8.63
CA TYR B 218 -25.54 -40.25 8.32
C TYR B 218 -26.57 -40.06 7.22
N ARG B 219 -26.58 -40.99 6.27
CA ARG B 219 -27.56 -40.95 5.20
C ARG B 219 -28.98 -41.13 5.72
N LYS B 220 -29.12 -41.85 6.82
CA LYS B 220 -30.42 -42.04 7.45
C LYS B 220 -30.92 -40.77 8.11
N ASN B 221 -30.01 -40.04 8.75
CA ASN B 221 -30.41 -38.92 9.59
C ASN B 221 -30.82 -37.67 8.83
N ASN B 222 -30.16 -37.38 7.71
CA ASN B 222 -30.56 -36.27 6.86
C ASN B 222 -30.97 -36.71 5.46
N LEU B 223 -31.98 -36.04 4.89
CA LEU B 223 -32.54 -36.42 3.60
C LEU B 223 -32.14 -35.44 2.50
N LEU C 10 17.06 -18.05 -13.32
CA LEU C 10 16.01 -17.06 -13.12
C LEU C 10 14.63 -17.67 -12.97
N PRO C 11 13.97 -17.41 -11.84
CA PRO C 11 12.64 -17.89 -11.42
C PRO C 11 11.54 -17.35 -12.32
N ILE C 12 10.76 -18.22 -12.95
CA ILE C 12 9.68 -17.72 -13.81
C ILE C 12 8.30 -17.91 -13.20
N LEU C 13 7.66 -16.79 -12.87
CA LEU C 13 6.37 -16.84 -12.21
C LEU C 13 5.23 -16.59 -13.19
N LEU C 14 4.23 -17.44 -13.11
CA LEU C 14 3.06 -17.34 -13.96
C LEU C 14 1.98 -16.66 -13.16
N ASP C 15 1.67 -15.43 -13.53
CA ASP C 15 0.86 -14.56 -12.66
C ASP C 15 -0.24 -13.84 -13.40
N TYR C 16 -1.10 -13.19 -12.62
CA TYR C 16 -2.33 -12.61 -13.12
C TYR C 16 -2.57 -11.37 -12.30
N TRP C 17 -2.69 -10.22 -12.97
CA TRP C 17 -2.61 -8.93 -12.27
C TRP C 17 -3.54 -8.83 -11.05
N PRO C 18 -4.76 -9.40 -11.10
CA PRO C 18 -5.44 -9.22 -9.84
C PRO C 18 -5.46 -10.49 -9.01
N SER C 19 -4.50 -11.38 -9.22
CA SER C 19 -4.50 -12.59 -8.40
C SER C 19 -3.99 -12.29 -7.00
N MET C 20 -4.88 -12.25 -6.02
CA MET C 20 -4.48 -12.19 -4.62
C MET C 20 -3.50 -13.31 -4.33
N PHE C 21 -3.65 -14.38 -5.09
CA PHE C 21 -2.84 -15.58 -4.95
C PHE C 21 -1.53 -15.41 -5.70
N GLY C 22 -1.60 -14.86 -6.91
CA GLY C 22 -0.39 -14.45 -7.63
C GLY C 22 0.38 -13.45 -6.78
N MET C 23 -0.35 -12.58 -6.09
CA MET C 23 0.29 -11.64 -5.16
C MET C 23 0.92 -12.34 -3.98
N ARG C 24 0.31 -13.43 -3.50
CA ARG C 24 0.91 -14.22 -2.42
C ARG C 24 2.29 -14.68 -2.86
N ALA C 25 2.40 -15.15 -4.09
CA ALA C 25 3.68 -15.59 -4.62
C ALA C 25 4.66 -14.42 -4.77
N ARG C 26 4.18 -13.32 -5.34
CA ARG C 26 5.04 -12.18 -5.60
C ARG C 26 5.54 -11.56 -4.30
N VAL C 27 4.64 -11.39 -3.34
CA VAL C 27 5.00 -10.83 -2.04
C VAL C 27 5.98 -11.76 -1.36
N ALA C 28 5.71 -13.07 -1.41
CA ALA C 28 6.61 -14.04 -0.80
C ALA C 28 8.04 -13.92 -1.33
N LEU C 29 8.20 -14.12 -2.64
CA LEU C 29 9.51 -14.03 -3.29
C LEU C 29 10.24 -12.69 -3.06
N ARG C 30 9.57 -11.58 -3.37
CA ARG C 30 10.15 -10.26 -3.17
C ARG C 30 10.46 -9.96 -1.71
N GLU C 31 9.73 -10.60 -0.79
CA GLU C 31 10.02 -10.45 0.62
C GLU C 31 11.33 -11.13 0.95
N LYS C 32 11.63 -12.20 0.23
CA LYS C 32 12.83 -12.97 0.54
C LYS C 32 14.12 -12.34 0.03
N GLY C 33 14.22 -12.12 -1.28
CA GLY C 33 15.42 -11.54 -1.85
C GLY C 33 15.77 -12.13 -3.22
N VAL C 34 14.77 -12.57 -3.95
CA VAL C 34 14.97 -13.12 -5.29
C VAL C 34 14.74 -12.05 -6.37
N GLU C 35 15.58 -12.03 -7.40
CA GLU C 35 15.21 -11.29 -8.60
C GLU C 35 14.55 -12.29 -9.54
N PHE C 36 13.32 -11.99 -9.95
CA PHE C 36 12.51 -12.95 -10.71
C PHE C 36 11.72 -12.31 -11.83
N GLU C 37 11.22 -13.12 -12.77
CA GLU C 37 10.41 -12.58 -13.86
C GLU C 37 8.93 -12.94 -13.81
N TYR C 38 8.10 -11.93 -14.04
CA TYR C 38 6.66 -12.07 -14.09
C TYR C 38 6.12 -12.19 -15.52
N ARG C 39 5.22 -13.14 -15.74
CA ARG C 39 4.52 -13.20 -17.02
C ARG C 39 3.02 -13.22 -16.83
N GLU C 40 2.36 -12.29 -17.50
CA GLU C 40 0.94 -12.03 -17.31
C GLU C 40 0.14 -13.01 -18.12
N GLU C 41 -0.93 -13.53 -17.53
CA GLU C 41 -1.67 -14.60 -18.19
C GLU C 41 -2.96 -14.13 -18.77
N ASP C 42 -3.26 -14.65 -19.96
CA ASP C 42 -4.58 -14.56 -20.53
C ASP C 42 -5.22 -15.93 -20.28
N PHE C 43 -6.04 -16.06 -19.24
CA PHE C 43 -6.56 -17.37 -18.89
C PHE C 43 -7.48 -17.96 -19.95
N SER C 44 -7.79 -17.14 -20.95
CA SER C 44 -8.41 -17.61 -22.17
C SER C 44 -7.39 -18.37 -22.99
N ASN C 45 -6.11 -17.99 -22.89
CA ASN C 45 -5.05 -18.75 -23.54
C ASN C 45 -3.95 -19.07 -22.55
N LYS C 46 -4.17 -20.12 -21.75
CA LYS C 46 -3.21 -20.54 -20.76
C LYS C 46 -1.95 -21.14 -21.41
N SER C 47 -0.80 -20.53 -21.09
CA SER C 47 0.50 -20.77 -21.74
C SER C 47 0.93 -22.22 -21.78
N PRO C 48 1.65 -22.58 -22.87
CA PRO C 48 2.29 -23.87 -23.09
C PRO C 48 3.05 -24.39 -21.88
N LEU C 49 3.72 -23.48 -21.18
CA LEU C 49 4.53 -23.89 -20.06
C LEU C 49 3.73 -23.96 -18.75
N LEU C 50 2.62 -23.21 -18.68
CA LEU C 50 1.65 -23.42 -17.60
C LEU C 50 0.82 -24.66 -17.80
N LEU C 51 0.41 -24.89 -19.04
CA LEU C 51 -0.42 -26.05 -19.36
C LEU C 51 0.46 -27.28 -19.22
N GLN C 52 1.76 -27.06 -19.09
CA GLN C 52 2.68 -28.12 -18.75
C GLN C 52 2.94 -28.12 -17.24
N SER C 53 2.74 -26.97 -16.61
CA SER C 53 2.98 -26.86 -15.16
C SER C 53 1.83 -27.46 -14.36
N ASN C 54 0.61 -27.18 -14.81
CA ASN C 54 -0.58 -27.71 -14.16
C ASN C 54 -1.66 -27.94 -15.22
N PRO C 55 -1.56 -29.07 -15.93
CA PRO C 55 -2.40 -29.38 -17.08
C PRO C 55 -3.86 -29.65 -16.73
N ILE C 56 -4.21 -29.63 -15.45
CA ILE C 56 -5.60 -29.87 -15.05
C ILE C 56 -6.22 -28.68 -14.31
N HIS C 57 -5.58 -28.18 -13.26
CA HIS C 57 -6.09 -27.01 -12.55
C HIS C 57 -6.01 -25.81 -13.47
N LYS C 58 -4.88 -25.73 -14.18
CA LYS C 58 -4.56 -24.64 -15.08
C LYS C 58 -4.52 -23.34 -14.31
N LYS C 59 -4.17 -23.46 -13.04
CA LYS C 59 -4.26 -22.34 -12.10
C LYS C 59 -2.91 -21.83 -11.60
N ILE C 60 -2.86 -20.53 -11.33
CA ILE C 60 -1.67 -19.85 -10.87
C ILE C 60 -1.82 -19.48 -9.39
N PRO C 61 -0.75 -19.00 -8.73
CA PRO C 61 0.62 -18.69 -9.17
C PRO C 61 1.48 -19.92 -9.44
N VAL C 62 2.37 -19.79 -10.41
CA VAL C 62 3.30 -20.87 -10.74
C VAL C 62 4.73 -20.33 -10.78
N LEU C 63 5.55 -20.69 -9.79
CA LEU C 63 6.96 -20.27 -9.81
C LEU C 63 7.81 -21.41 -10.35
N VAL C 64 8.63 -21.18 -11.37
CA VAL C 64 9.36 -22.29 -11.96
C VAL C 64 10.85 -22.21 -11.66
N HIS C 65 11.36 -23.26 -11.00
CA HIS C 65 12.76 -23.33 -10.56
C HIS C 65 13.38 -24.66 -10.94
N ASN C 66 14.62 -24.63 -11.44
CA ASN C 66 15.32 -25.79 -12.01
C ASN C 66 14.51 -26.50 -13.10
N GLY C 67 13.53 -25.80 -13.65
CA GLY C 67 12.58 -26.41 -14.56
C GLY C 67 11.58 -27.30 -13.86
N LYS C 68 11.28 -26.96 -12.61
CA LYS C 68 10.27 -27.71 -11.89
C LYS C 68 9.22 -26.73 -11.39
N PRO C 69 7.99 -26.88 -11.91
CA PRO C 69 6.87 -26.02 -11.57
C PRO C 69 6.39 -26.16 -10.14
N VAL C 70 6.31 -25.02 -9.46
CA VAL C 70 5.90 -24.98 -8.08
C VAL C 70 4.53 -24.27 -8.05
N CYS C 71 3.52 -24.94 -7.51
CA CYS C 71 2.16 -24.47 -7.69
C CYS C 71 1.41 -24.30 -6.39
N GLU C 72 0.30 -23.57 -6.47
CA GLU C 72 -0.56 -23.19 -5.33
C GLU C 72 0.14 -22.13 -4.48
N SER C 73 -0.59 -21.06 -4.15
CA SER C 73 -0.01 -19.87 -3.54
C SER C 73 0.74 -20.11 -2.24
N LEU C 74 0.08 -20.71 -1.25
CA LEU C 74 0.73 -20.96 0.03
C LEU C 74 1.77 -22.05 -0.10
N ASN C 75 1.51 -23.01 -0.98
CA ASN C 75 2.52 -24.01 -1.29
C ASN C 75 3.72 -23.25 -1.82
N VAL C 76 3.49 -22.37 -2.79
CA VAL C 76 4.56 -21.52 -3.33
C VAL C 76 5.32 -20.65 -2.30
N VAL C 77 4.64 -20.09 -1.30
CA VAL C 77 5.39 -19.26 -0.34
C VAL C 77 6.24 -20.08 0.64
N GLN C 78 5.80 -21.26 1.08
CA GLN C 78 6.74 -22.03 1.89
C GLN C 78 7.86 -22.53 1.00
N TYR C 79 7.55 -22.69 -0.30
CA TYR C 79 8.59 -22.96 -1.29
C TYR C 79 9.62 -21.87 -1.23
N VAL C 80 9.15 -20.64 -1.04
CA VAL C 80 10.00 -19.47 -0.94
C VAL C 80 10.92 -19.62 0.28
N ASP C 81 10.34 -19.94 1.44
CA ASP C 81 11.11 -20.15 2.66
C ASP C 81 12.24 -21.13 2.45
N GLU C 82 11.88 -22.28 1.88
CA GLU C 82 12.77 -23.43 1.80
C GLU C 82 13.76 -23.36 0.65
N ALA C 83 13.48 -22.51 -0.33
CA ALA C 83 14.37 -22.36 -1.48
C ALA C 83 15.62 -21.56 -1.10
N TRP C 84 15.45 -20.59 -0.21
CA TRP C 84 16.55 -19.75 0.24
C TRP C 84 16.59 -19.59 1.77
N PRO C 85 16.98 -20.65 2.49
CA PRO C 85 16.83 -20.67 3.96
C PRO C 85 17.99 -20.04 4.72
N GLU C 86 18.24 -18.75 4.56
CA GLU C 86 19.45 -18.21 5.20
C GLU C 86 19.28 -16.82 5.77
N LYS C 87 18.34 -16.06 5.21
CA LYS C 87 18.20 -14.65 5.55
C LYS C 87 16.87 -14.34 6.22
N ASN C 88 15.79 -14.41 5.45
CA ASN C 88 14.45 -14.00 5.89
C ASN C 88 13.49 -15.17 6.05
N PRO C 89 13.43 -15.75 7.28
CA PRO C 89 12.46 -16.81 7.58
C PRO C 89 11.06 -16.27 7.82
N PHE C 90 10.01 -16.90 7.31
CA PHE C 90 8.70 -16.36 7.66
C PHE C 90 8.14 -16.94 8.96
N PHE C 91 8.53 -18.17 9.28
CA PHE C 91 8.12 -18.87 10.50
C PHE C 91 9.06 -18.53 11.64
N PRO C 92 8.59 -18.67 12.89
CA PRO C 92 9.54 -18.68 14.01
C PRO C 92 10.16 -20.06 14.18
N SER C 93 11.00 -20.24 15.20
CA SER C 93 11.78 -21.47 15.35
C SER C 93 11.02 -22.69 15.88
N ASP C 94 9.95 -22.46 16.63
CA ASP C 94 9.23 -23.57 17.26
C ASP C 94 8.24 -24.23 16.31
N PRO C 95 8.00 -25.54 16.50
CA PRO C 95 7.01 -26.25 15.67
C PRO C 95 5.60 -25.76 15.95
N TYR C 96 5.32 -25.34 17.19
CA TYR C 96 4.00 -24.85 17.58
C TYR C 96 3.61 -23.63 16.78
N GLY C 97 4.51 -22.66 16.74
CA GLY C 97 4.27 -21.39 16.08
C GLY C 97 4.04 -21.59 14.61
N ARG C 98 4.83 -22.49 14.03
CA ARG C 98 4.65 -22.88 12.64
C ARG C 98 3.23 -23.40 12.40
N ALA C 99 2.74 -24.23 13.33
CA ALA C 99 1.41 -24.80 13.22
C ALA C 99 0.31 -23.75 13.38
N GLN C 100 0.52 -22.78 14.25
CA GLN C 100 -0.42 -21.66 14.37
C GLN C 100 -0.48 -20.75 13.16
N ALA C 101 0.67 -20.46 12.59
CA ALA C 101 0.74 -19.67 11.38
C ALA C 101 0.04 -20.42 10.25
N ARG C 102 0.37 -21.70 10.08
CA ARG C 102 -0.27 -22.56 9.07
C ARG C 102 -1.75 -22.67 9.32
N PHE C 103 -2.11 -22.79 10.60
CA PHE C 103 -3.51 -22.79 11.02
C PHE C 103 -4.19 -21.58 10.47
N TRP C 104 -3.63 -20.43 10.81
CA TRP C 104 -4.25 -19.18 10.43
C TRP C 104 -4.13 -18.99 8.92
N ALA C 105 -3.17 -19.61 8.24
CA ALA C 105 -3.16 -19.46 6.78
C ALA C 105 -4.33 -20.19 6.15
N ASP C 106 -4.61 -21.37 6.70
CA ASP C 106 -5.81 -22.12 6.36
C ASP C 106 -7.07 -21.28 6.63
N PHE C 107 -7.05 -20.47 7.69
CA PHE C 107 -8.16 -19.56 7.96
C PHE C 107 -8.39 -18.56 6.85
N VAL C 108 -7.31 -17.89 6.41
CA VAL C 108 -7.42 -16.91 5.34
C VAL C 108 -8.06 -17.52 4.10
N ASP C 109 -7.74 -18.78 3.84
CA ASP C 109 -8.17 -19.47 2.62
C ASP C 109 -9.62 -20.00 2.54
N LYS C 110 -10.32 -20.17 3.67
CA LYS C 110 -11.67 -20.77 3.61
C LYS C 110 -12.80 -19.72 3.69
N LYS C 111 -13.28 -19.41 4.89
CA LYS C 111 -14.52 -18.65 5.00
C LYS C 111 -14.27 -17.22 4.59
N PHE C 112 -13.04 -16.78 4.82
CA PHE C 112 -12.58 -15.44 4.49
C PHE C 112 -12.58 -15.17 2.99
N THR C 113 -11.90 -16.04 2.23
CA THR C 113 -11.84 -15.90 0.77
C THR C 113 -13.22 -16.01 0.14
N ASP C 114 -13.99 -16.99 0.59
CA ASP C 114 -15.30 -17.21 0.03
C ASP C 114 -16.22 -16.04 0.33
N ALA C 115 -16.15 -15.52 1.55
CA ALA C 115 -16.98 -14.38 1.96
C ALA C 115 -16.67 -13.12 1.17
N GLN C 116 -15.39 -12.83 0.94
CA GLN C 116 -15.03 -11.72 0.07
C GLN C 116 -15.53 -11.97 -1.33
N PHE C 117 -15.36 -13.19 -1.80
CA PHE C 117 -15.88 -13.62 -3.08
C PHE C 117 -17.36 -13.29 -3.16
N LYS C 118 -18.06 -13.45 -2.04
CA LYS C 118 -19.49 -13.12 -1.98
C LYS C 118 -19.75 -11.62 -1.99
N VAL C 119 -18.92 -10.83 -1.32
CA VAL C 119 -19.22 -9.42 -1.18
C VAL C 119 -19.01 -8.64 -2.48
N TRP C 120 -18.02 -9.02 -3.29
CA TRP C 120 -17.81 -8.29 -4.54
C TRP C 120 -18.36 -9.05 -5.75
N GLY C 121 -18.59 -10.35 -5.59
CA GLY C 121 -18.98 -11.18 -6.72
C GLY C 121 -20.45 -11.51 -6.88
N LYS C 122 -21.22 -11.38 -5.79
CA LYS C 122 -22.63 -11.73 -5.82
C LYS C 122 -23.46 -10.66 -5.11
N LYS C 123 -24.78 -10.72 -5.22
CA LYS C 123 -25.62 -9.70 -4.59
C LYS C 123 -26.85 -10.24 -3.85
N GLY C 124 -27.49 -9.36 -3.09
CA GLY C 124 -28.76 -9.68 -2.45
C GLY C 124 -28.66 -10.72 -1.34
N GLU C 125 -29.49 -11.76 -1.42
CA GLU C 125 -29.54 -12.83 -0.43
C GLU C 125 -28.15 -13.43 -0.21
N GLU C 126 -27.42 -13.64 -1.30
CA GLU C 126 -26.02 -14.05 -1.20
C GLU C 126 -25.15 -12.98 -0.54
N GLN C 127 -25.44 -11.71 -0.80
CA GLN C 127 -24.52 -10.65 -0.42
C GLN C 127 -24.37 -10.49 1.09
N GLU C 128 -25.47 -10.28 1.78
CA GLU C 128 -25.40 -9.98 3.22
C GLU C 128 -24.84 -11.16 3.99
N ALA C 129 -25.13 -12.37 3.52
CA ALA C 129 -24.52 -13.56 4.09
C ALA C 129 -23.03 -13.39 4.05
N GLY C 130 -22.51 -13.06 2.87
CA GLY C 130 -21.10 -12.79 2.69
C GLY C 130 -20.62 -11.59 3.49
N LYS C 131 -21.50 -10.64 3.75
CA LYS C 131 -21.09 -9.43 4.46
C LYS C 131 -20.90 -9.66 5.95
N LYS C 132 -21.86 -10.35 6.58
CA LYS C 132 -21.72 -10.71 7.99
C LYS C 132 -20.56 -11.70 8.14
N GLU C 133 -20.39 -12.56 7.14
CA GLU C 133 -19.27 -13.49 7.14
C GLU C 133 -17.92 -12.78 7.13
N PHE C 134 -17.77 -11.73 6.32
CA PHE C 134 -16.45 -11.11 6.29
C PHE C 134 -16.24 -10.24 7.53
N ILE C 135 -17.28 -9.59 8.04
CA ILE C 135 -17.08 -8.78 9.25
C ILE C 135 -16.75 -9.69 10.41
N GLU C 136 -17.39 -10.86 10.45
CA GLU C 136 -17.05 -11.86 11.44
C GLU C 136 -15.59 -12.25 11.27
N ALA C 137 -15.17 -12.51 10.02
CA ALA C 137 -13.81 -12.93 9.72
C ALA C 137 -12.80 -11.88 10.14
N VAL C 138 -13.01 -10.64 9.71
CA VAL C 138 -12.08 -9.57 10.07
C VAL C 138 -12.11 -9.34 11.60
N LYS C 139 -13.15 -9.82 12.27
CA LYS C 139 -13.22 -9.69 13.76
C LYS C 139 -12.41 -10.75 14.53
N ILE C 140 -12.53 -12.03 14.16
CA ILE C 140 -11.66 -13.08 14.73
C ILE C 140 -10.21 -12.74 14.45
N LEU C 141 -9.99 -12.31 13.21
CA LEU C 141 -8.75 -11.73 12.74
C LEU C 141 -8.14 -10.65 13.62
N GLU C 142 -8.95 -9.61 13.81
CA GLU C 142 -8.60 -8.50 14.66
C GLU C 142 -8.25 -9.01 16.06
N SER C 143 -9.01 -10.00 16.54
CA SER C 143 -8.78 -10.55 17.87
C SER C 143 -7.41 -11.22 17.96
N GLU C 144 -7.04 -11.98 16.93
CA GLU C 144 -5.78 -12.72 16.96
C GLU C 144 -4.56 -11.85 16.59
N LEU C 145 -4.77 -10.81 15.79
CA LEU C 145 -3.71 -9.82 15.54
C LEU C 145 -3.32 -9.21 16.88
N GLY C 146 -4.31 -9.05 17.75
CA GLY C 146 -4.09 -8.66 19.12
C GLY C 146 -3.29 -7.39 19.24
N ASP C 147 -2.00 -7.46 18.91
CA ASP C 147 -1.04 -6.40 19.21
C ASP C 147 0.14 -6.41 18.27
N LYS C 148 0.43 -7.60 17.75
CA LYS C 148 1.68 -7.91 17.07
C LYS C 148 1.75 -7.16 15.73
N PRO C 149 2.97 -6.71 15.34
CA PRO C 149 3.15 -5.94 14.13
C PRO C 149 2.69 -6.72 12.93
N TYR C 150 2.82 -8.03 13.06
CA TYR C 150 2.50 -8.94 11.98
C TYR C 150 1.71 -10.13 12.51
N PHE C 151 2.11 -11.35 12.14
CA PHE C 151 1.26 -12.51 12.43
C PHE C 151 2.03 -13.80 12.71
N GLY C 152 3.00 -14.10 11.85
CA GLY C 152 3.59 -15.42 11.83
C GLY C 152 4.92 -15.51 12.52
N GLY C 153 5.34 -14.39 13.11
CA GLY C 153 6.55 -14.39 13.90
C GLY C 153 6.67 -13.01 14.49
N ASP C 154 7.84 -12.70 15.03
CA ASP C 154 8.02 -11.38 15.60
C ASP C 154 8.18 -10.32 14.50
N SER C 155 8.38 -10.77 13.26
CA SER C 155 8.50 -9.86 12.12
C SER C 155 7.56 -10.22 10.96
N PHE C 156 7.93 -9.82 9.75
CA PHE C 156 7.11 -10.07 8.58
C PHE C 156 7.03 -11.58 8.39
N GLY C 157 5.81 -12.09 8.27
CA GLY C 157 5.61 -13.51 8.48
C GLY C 157 5.10 -14.26 7.28
N TYR C 158 4.73 -15.51 7.51
CA TYR C 158 4.17 -16.38 6.49
C TYR C 158 2.80 -15.91 6.06
N VAL C 159 1.97 -15.68 7.05
CA VAL C 159 0.58 -15.41 6.74
C VAL C 159 0.40 -13.91 6.53
N ASP C 160 1.35 -13.12 7.02
CA ASP C 160 1.41 -11.71 6.62
C ASP C 160 1.30 -11.62 5.13
N ILE C 161 2.10 -12.42 4.46
CA ILE C 161 2.01 -12.61 3.02
C ILE C 161 0.63 -13.11 2.60
N SER C 162 0.14 -14.14 3.29
CA SER C 162 -1.15 -14.75 2.97
C SER C 162 -2.33 -13.78 2.90
N LEU C 163 -2.44 -12.86 3.85
CA LEU C 163 -3.65 -12.04 3.92
C LEU C 163 -3.44 -10.55 3.62
N ILE C 164 -2.20 -10.09 3.52
CA ILE C 164 -1.93 -8.69 3.15
C ILE C 164 -2.43 -8.39 1.74
N THR C 165 -2.38 -9.40 0.88
CA THR C 165 -2.65 -9.22 -0.53
C THR C 165 -4.15 -9.00 -0.79
N PHE C 166 -4.98 -9.23 0.23
CA PHE C 166 -6.41 -8.94 0.14
C PHE C 166 -6.72 -7.48 0.36
N SER C 167 -5.75 -6.72 0.86
CA SER C 167 -6.00 -5.33 1.27
C SER C 167 -6.02 -4.32 0.14
N SER C 168 -5.90 -4.79 -1.10
CA SER C 168 -6.09 -3.88 -2.21
C SER C 168 -7.50 -4.09 -2.78
N TRP C 169 -8.09 -5.22 -2.41
CA TRP C 169 -9.49 -5.52 -2.71
C TRP C 169 -10.39 -4.91 -1.68
N PHE C 170 -9.80 -4.46 -0.58
CA PHE C 170 -10.54 -3.83 0.50
C PHE C 170 -11.39 -2.71 -0.06
N GLN C 171 -10.88 -1.98 -1.05
CA GLN C 171 -11.67 -0.90 -1.68
C GLN C 171 -12.93 -1.44 -2.37
N ALA C 172 -12.81 -2.54 -3.08
CA ALA C 172 -13.97 -3.06 -3.81
C ALA C 172 -15.03 -3.59 -2.83
N TYR C 173 -14.55 -4.10 -1.71
CA TYR C 173 -15.43 -4.62 -0.67
C TYR C 173 -16.19 -3.47 -0.03
N GLU C 174 -15.48 -2.34 0.16
CA GLU C 174 -16.11 -1.18 0.76
C GLU C 174 -17.16 -0.56 -0.15
N LYS C 175 -17.00 -0.68 -1.47
CA LYS C 175 -17.94 0.01 -2.36
C LYS C 175 -19.13 -0.85 -2.77
N PHE C 176 -18.93 -2.09 -3.20
CA PHE C 176 -20.09 -2.89 -3.60
C PHE C 176 -20.83 -3.24 -2.32
N GLY C 177 -20.10 -3.61 -1.29
CA GLY C 177 -20.73 -3.83 0.00
C GLY C 177 -21.41 -2.56 0.46
N ASN C 178 -21.01 -1.43 -0.16
CA ASN C 178 -21.27 -0.07 0.32
C ASN C 178 -21.11 -0.02 1.83
N PHE C 179 -20.04 -0.66 2.30
CA PHE C 179 -19.69 -0.75 3.71
C PHE C 179 -18.59 0.19 4.08
N SER C 180 -17.97 -0.14 5.21
CA SER C 180 -16.72 0.44 5.67
C SER C 180 -16.19 -0.54 6.72
N ILE C 181 -15.31 -1.44 6.29
CA ILE C 181 -14.86 -2.54 7.15
C ILE C 181 -13.89 -2.09 8.24
N GLU C 182 -13.85 -0.77 8.46
CA GLU C 182 -12.86 -0.16 9.33
C GLU C 182 -13.43 0.29 10.69
N SER C 183 -14.67 0.78 10.72
CA SER C 183 -15.23 1.22 11.98
C SER C 183 -15.69 0.02 12.80
N GLU C 184 -15.83 -1.12 12.14
CA GLU C 184 -16.18 -2.37 12.81
C GLU C 184 -14.91 -3.13 13.22
N SER C 185 -13.85 -3.01 12.41
CA SER C 185 -12.55 -3.63 12.71
C SER C 185 -11.44 -2.87 12.00
N PRO C 186 -10.82 -1.92 12.71
CA PRO C 186 -9.87 -0.96 12.14
C PRO C 186 -8.44 -1.44 12.16
N LYS C 187 -8.02 -2.09 13.24
CA LYS C 187 -6.63 -2.50 13.37
C LYS C 187 -6.17 -3.38 12.22
N LEU C 188 -7.13 -3.98 11.53
CA LEU C 188 -6.83 -4.88 10.43
C LEU C 188 -6.33 -4.11 9.20
N ILE C 189 -7.18 -3.24 8.65
CA ILE C 189 -6.80 -2.39 7.52
C ILE C 189 -5.61 -1.55 7.93
N ALA C 190 -5.64 -1.22 9.21
CA ALA C 190 -4.62 -0.47 9.85
C ALA C 190 -3.28 -1.21 9.80
N TRP C 191 -3.30 -2.50 10.10
CA TRP C 191 -2.12 -3.34 9.98
C TRP C 191 -1.70 -3.48 8.51
N ALA C 192 -2.68 -3.38 7.63
CA ALA C 192 -2.45 -3.67 6.22
C ALA C 192 -1.65 -2.56 5.54
N LYS C 193 -1.96 -1.30 5.81
CA LYS C 193 -1.22 -0.23 5.18
C LYS C 193 0.07 -0.02 5.91
N ARG C 194 0.16 -0.63 7.09
CA ARG C 194 1.43 -0.85 7.74
C ARG C 194 2.25 -1.80 6.89
N CYS C 195 1.65 -2.92 6.54
CA CYS C 195 2.37 -3.95 5.81
C CYS C 195 2.70 -3.52 4.39
N MET C 196 2.06 -2.45 3.93
CA MET C 196 2.32 -1.92 2.61
C MET C 196 3.74 -1.36 2.48
N GLU C 197 4.37 -1.02 3.61
CA GLU C 197 5.72 -0.42 3.58
C GLU C 197 6.80 -1.43 3.18
N LYS C 198 6.45 -2.70 3.15
CA LYS C 198 7.42 -3.70 2.75
C LYS C 198 7.52 -3.73 1.24
N GLU C 199 8.74 -3.61 0.73
CA GLU C 199 8.97 -3.54 -0.71
C GLU C 199 8.50 -4.79 -1.48
N SER C 200 8.16 -5.84 -0.75
CA SER C 200 7.61 -7.06 -1.32
C SER C 200 6.17 -6.90 -1.82
N VAL C 201 5.42 -6.02 -1.18
CA VAL C 201 4.01 -5.85 -1.49
C VAL C 201 3.82 -4.49 -2.15
N SER C 202 4.76 -3.59 -1.89
CA SER C 202 4.68 -2.23 -2.40
C SER C 202 4.90 -2.17 -3.90
N LYS C 203 5.43 -3.25 -4.46
CA LYS C 203 5.73 -3.27 -5.88
C LYS C 203 5.14 -4.48 -6.58
N SER C 204 4.64 -5.44 -5.81
CA SER C 204 4.02 -6.63 -6.41
C SER C 204 2.52 -6.47 -6.67
N LEU C 205 1.87 -5.56 -5.94
CA LEU C 205 0.42 -5.41 -6.01
C LEU C 205 -0.04 -4.24 -6.87
N PRO C 206 -0.84 -4.52 -7.91
CA PRO C 206 -1.42 -3.46 -8.74
C PRO C 206 -2.41 -2.57 -8.00
N ASP C 207 -2.80 -1.51 -8.69
CA ASP C 207 -3.65 -0.47 -8.11
C ASP C 207 -5.08 -0.95 -7.83
N SER C 208 -5.68 -0.41 -6.77
CA SER C 208 -7.00 -0.84 -6.31
C SER C 208 -8.17 -0.26 -7.09
N GLU C 209 -8.00 0.90 -7.72
CA GLU C 209 -9.10 1.43 -8.52
C GLU C 209 -9.33 0.47 -9.69
N LYS C 210 -8.23 -0.09 -10.21
CA LYS C 210 -8.29 -1.07 -11.28
C LYS C 210 -8.89 -2.40 -10.82
N ILE C 211 -8.50 -2.82 -9.62
CA ILE C 211 -9.02 -4.06 -9.01
C ILE C 211 -10.52 -3.94 -8.74
N VAL C 212 -10.89 -2.81 -8.14
CA VAL C 212 -12.29 -2.40 -8.03
C VAL C 212 -13.00 -2.49 -9.37
N ALA C 213 -12.30 -2.06 -10.41
CA ALA C 213 -12.89 -1.97 -11.74
C ALA C 213 -13.03 -3.34 -12.39
N TYR C 214 -12.15 -4.26 -12.01
CA TYR C 214 -12.26 -5.63 -12.49
C TYR C 214 -13.42 -6.33 -11.79
N ALA C 215 -13.62 -6.00 -10.51
CA ALA C 215 -14.80 -6.45 -9.80
C ALA C 215 -16.03 -5.88 -10.48
N ALA C 216 -15.87 -4.69 -11.04
CA ALA C 216 -16.98 -4.01 -11.69
C ALA C 216 -17.27 -4.65 -13.04
N GLU C 217 -16.24 -5.19 -13.67
CA GLU C 217 -16.39 -5.83 -14.96
C GLU C 217 -17.04 -7.17 -14.72
N TYR C 218 -16.62 -7.83 -13.65
CA TYR C 218 -17.18 -9.11 -13.25
C TYR C 218 -18.66 -8.98 -12.95
N ARG C 219 -18.99 -7.95 -12.19
CA ARG C 219 -20.37 -7.68 -11.81
C ARG C 219 -21.26 -7.30 -12.99
N LYS C 220 -20.71 -6.48 -13.88
CA LYS C 220 -21.49 -5.97 -15.00
C LYS C 220 -21.78 -7.11 -15.97
N ASN C 221 -20.91 -8.12 -15.99
CA ASN C 221 -21.10 -9.29 -16.85
C ASN C 221 -22.17 -10.24 -16.35
N ASN C 222 -22.37 -10.33 -15.04
CA ASN C 222 -23.23 -11.39 -14.48
C ASN C 222 -24.36 -10.87 -13.59
N LEU C 223 -25.31 -10.16 -14.17
CA LEU C 223 -26.37 -9.57 -13.37
C LEU C 223 -27.72 -10.22 -13.61
N THR D 7 -4.90 55.20 -5.82
CA THR D 7 -5.38 55.11 -7.20
C THR D 7 -4.22 54.90 -8.18
N PHE D 8 -4.23 53.75 -8.83
CA PHE D 8 -3.11 53.31 -9.67
C PHE D 8 -2.92 54.13 -10.95
N ASP D 9 -1.74 54.74 -11.05
CA ASP D 9 -1.21 55.28 -12.30
C ASP D 9 0.23 54.78 -12.33
N MET D 10 0.90 54.85 -13.49
CA MET D 10 2.26 54.31 -13.59
C MET D 10 3.37 55.26 -13.17
N ASN D 11 3.48 56.38 -13.87
CA ASN D 11 4.66 57.23 -13.72
C ASN D 11 4.78 57.89 -12.37
N ARG D 12 3.66 58.29 -11.77
CA ARG D 12 3.71 58.95 -10.49
C ARG D 12 4.23 58.02 -9.38
N VAL D 13 3.73 56.79 -9.34
CA VAL D 13 4.16 55.87 -8.31
C VAL D 13 5.66 55.56 -8.43
N ILE D 14 6.15 55.48 -9.66
CA ILE D 14 7.55 55.13 -9.86
C ILE D 14 8.39 56.34 -9.45
N ASP D 15 7.90 57.54 -9.74
CA ASP D 15 8.59 58.77 -9.37
C ASP D 15 8.61 58.96 -7.87
N GLU D 16 7.48 58.65 -7.23
CA GLU D 16 7.37 58.73 -5.78
C GLU D 16 8.32 57.76 -5.08
N PHE D 17 8.50 56.58 -5.68
CA PHE D 17 9.44 55.60 -5.17
C PHE D 17 10.89 55.92 -5.61
N ASP D 18 11.06 56.55 -6.78
CA ASP D 18 12.37 57.08 -7.16
C ASP D 18 12.83 58.01 -6.05
N GLU D 19 11.96 58.96 -5.72
CA GLU D 19 12.12 59.88 -4.59
C GLU D 19 12.41 59.13 -3.29
N MET D 20 11.59 58.11 -3.01
CA MET D 20 11.66 57.31 -1.80
C MET D 20 12.93 56.47 -1.66
N THR D 21 13.34 55.83 -2.75
CA THR D 21 14.52 54.97 -2.73
C THR D 21 15.78 55.81 -2.64
N ARG D 22 15.69 57.04 -3.15
CA ARG D 22 16.79 57.95 -3.07
C ARG D 22 16.72 58.61 -1.70
N ASN D 23 15.51 58.58 -1.15
CA ASN D 23 15.22 59.05 0.20
C ASN D 23 15.55 57.95 1.21
N ALA D 24 16.07 56.83 0.71
CA ALA D 24 16.30 55.62 1.49
C ALA D 24 16.68 55.85 2.95
N HIS D 25 17.54 56.81 3.22
CA HIS D 25 17.98 57.03 4.60
C HIS D 25 17.00 57.78 5.49
N GLN D 26 16.36 58.86 5.01
CA GLN D 26 15.31 59.45 5.83
C GLN D 26 14.15 58.46 5.95
N VAL D 27 13.83 57.79 4.85
CA VAL D 27 12.80 56.75 4.90
C VAL D 27 13.19 55.72 5.94
N GLN D 28 14.43 55.23 5.87
CA GLN D 28 14.90 54.22 6.82
C GLN D 28 14.72 54.68 8.25
N LYS D 29 15.44 55.74 8.66
CA LYS D 29 15.36 56.24 10.02
C LYS D 29 13.93 56.63 10.42
N GLN D 30 13.22 57.41 9.60
CA GLN D 30 11.86 57.83 9.92
C GLN D 30 10.94 56.62 10.14
N THR D 31 11.11 55.58 9.33
CA THR D 31 10.34 54.36 9.54
C THR D 31 10.68 53.76 10.89
N LEU D 32 11.95 53.79 11.25
CA LEU D 32 12.37 53.32 12.55
C LEU D 32 11.67 54.16 13.62
N LYS D 33 11.77 55.48 13.53
CA LYS D 33 11.11 56.36 14.49
C LYS D 33 9.63 56.04 14.54
N GLU D 34 9.02 55.88 13.37
CA GLU D 34 7.62 55.47 13.26
C GLU D 34 7.37 54.12 13.91
N ILE D 35 8.36 53.23 13.85
CA ILE D 35 8.25 51.93 14.50
C ILE D 35 8.08 52.11 15.99
N LEU D 36 8.99 52.87 16.60
CA LEU D 36 9.00 52.98 18.04
C LEU D 36 8.03 54.06 18.51
N LEU D 37 7.61 54.92 17.58
CA LEU D 37 6.51 55.85 17.83
C LEU D 37 5.20 55.10 17.93
N LYS D 38 4.93 54.28 16.93
CA LYS D 38 3.71 53.50 16.97
C LYS D 38 3.78 52.50 18.09
N ASN D 39 4.99 52.14 18.55
CA ASN D 39 5.16 50.99 19.46
C ASN D 39 5.91 51.23 20.76
N GLN D 40 5.99 52.49 21.16
CA GLN D 40 6.75 52.93 22.33
C GLN D 40 6.58 52.11 23.61
N SER D 41 5.45 51.42 23.72
CA SER D 41 5.08 50.80 24.98
C SER D 41 5.53 49.35 25.22
N ALA D 42 6.30 48.79 24.29
CA ALA D 42 6.64 47.37 24.34
C ALA D 42 7.52 46.98 25.52
N ILE D 43 7.17 45.85 26.14
CA ILE D 43 7.87 45.35 27.32
C ILE D 43 9.28 44.91 27.03
N TYR D 44 9.50 44.26 25.89
CA TYR D 44 10.86 43.98 25.47
C TYR D 44 11.71 45.23 25.61
N LEU D 45 11.07 46.36 25.32
CA LEU D 45 11.74 47.65 25.32
C LEU D 45 11.84 48.24 26.75
N GLN D 46 10.95 47.85 27.66
CA GLN D 46 11.23 47.91 29.11
C GLN D 46 12.60 47.33 29.50
N ASN D 47 12.90 46.13 29.03
CA ASN D 47 14.08 45.44 29.48
C ASN D 47 15.32 46.14 28.96
N CYS D 48 15.13 46.93 27.90
CA CYS D 48 16.25 47.52 27.18
C CYS D 48 16.46 49.02 27.41
N GLY D 49 15.54 49.65 28.14
CA GLY D 49 15.71 51.04 28.53
C GLY D 49 15.16 52.12 27.61
N LEU D 50 14.23 51.76 26.72
CA LEU D 50 13.72 52.69 25.70
C LEU D 50 12.49 53.46 26.16
N ASN D 51 12.27 54.64 25.58
CA ASN D 51 11.10 55.45 25.92
C ASN D 51 10.63 56.40 24.82
N GLY D 52 11.53 56.77 23.90
CA GLY D 52 11.17 57.75 22.88
C GLY D 52 12.38 58.41 22.24
N ASN D 53 12.12 59.37 21.34
CA ASN D 53 13.11 59.97 20.44
C ASN D 53 14.52 60.19 21.00
N ALA D 54 14.73 61.28 21.75
CA ALA D 54 16.08 61.79 22.07
C ALA D 54 16.71 62.33 20.78
N THR D 55 18.02 62.50 20.74
CA THR D 55 18.71 62.91 19.51
C THR D 55 19.81 61.90 19.25
N ASP D 56 19.84 60.87 20.10
CA ASP D 56 20.63 59.68 19.80
C ASP D 56 19.68 58.48 19.72
N PRO D 57 18.60 58.62 18.96
CA PRO D 57 17.46 57.68 19.03
C PRO D 57 17.82 56.31 18.49
N GLU D 58 18.28 56.34 17.25
CA GLU D 58 18.73 55.20 16.48
C GLU D 58 19.96 54.56 17.11
N GLU D 59 20.84 55.41 17.63
CA GLU D 59 22.03 54.97 18.36
C GLU D 59 21.62 54.29 19.66
N ALA D 60 20.71 54.92 20.40
CA ALA D 60 20.16 54.33 21.61
C ALA D 60 19.72 52.90 21.37
N PHE D 61 18.94 52.72 20.30
CA PHE D 61 18.47 51.40 19.92
C PHE D 61 19.63 50.41 19.76
N LYS D 62 20.50 50.68 18.79
CA LYS D 62 21.55 49.73 18.42
C LYS D 62 22.49 49.36 19.58
N SER D 63 22.58 50.22 20.59
CA SER D 63 23.55 50.00 21.67
C SER D 63 22.93 49.38 22.91
N MET D 64 21.63 49.51 23.08
CA MET D 64 21.02 49.06 24.33
C MET D 64 20.24 47.75 24.21
N VAL D 65 19.74 47.46 23.02
CA VAL D 65 18.87 46.30 22.86
C VAL D 65 19.60 45.17 22.12
N PRO D 66 19.52 43.95 22.66
CA PRO D 66 20.21 42.82 22.03
C PRO D 66 19.43 42.22 20.88
N LEU D 67 20.16 41.67 19.92
CA LEU D 67 19.59 40.88 18.84
C LEU D 67 18.88 39.66 19.42
N VAL D 68 17.80 39.20 18.79
CA VAL D 68 17.06 38.10 19.37
C VAL D 68 16.99 36.89 18.45
N THR D 69 16.81 35.72 19.06
CA THR D 69 16.53 34.52 18.29
C THR D 69 15.10 34.10 18.54
N ASP D 70 14.61 33.22 17.67
CA ASP D 70 13.26 32.68 17.78
C ASP D 70 12.94 32.09 19.17
N VAL D 71 13.94 31.55 19.85
CA VAL D 71 13.70 30.96 21.16
C VAL D 71 13.33 32.02 22.20
N GLU D 72 13.94 33.19 22.10
CA GLU D 72 13.69 34.23 23.10
C GLU D 72 12.40 34.98 22.82
N LEU D 73 12.06 35.10 21.55
CA LEU D 73 10.81 35.75 21.15
C LEU D 73 9.62 34.84 21.30
N GLU D 74 9.86 33.53 21.35
CA GLU D 74 8.78 32.56 21.27
C GLU D 74 7.76 32.62 22.42
N PRO D 75 8.21 32.58 23.69
CA PRO D 75 7.22 32.55 24.79
C PRO D 75 6.31 33.77 24.78
N TYR D 76 6.78 34.85 24.19
CA TYR D 76 6.08 36.12 24.26
C TYR D 76 4.96 36.29 23.27
N ILE D 77 5.14 35.90 22.02
CA ILE D 77 3.99 36.06 21.15
C ILE D 77 3.16 34.79 21.35
N LYS D 78 3.78 33.73 21.87
CA LYS D 78 2.99 32.61 22.39
C LYS D 78 2.12 33.13 23.53
N ARG D 79 2.60 34.17 24.23
CA ARG D 79 1.79 34.82 25.25
C ARG D 79 0.57 35.51 24.64
N MET D 80 0.60 35.77 23.35
CA MET D 80 -0.46 36.52 22.69
C MET D 80 -1.65 35.67 22.31
N VAL D 81 -1.35 34.46 21.86
CA VAL D 81 -2.28 33.69 21.05
C VAL D 81 -3.16 32.68 21.81
N ASP D 82 -2.70 32.17 22.96
CA ASP D 82 -3.42 31.07 23.60
C ASP D 82 -4.33 31.46 24.75
N GLY D 83 -5.35 32.27 24.48
CA GLY D 83 -6.35 32.57 25.50
C GLY D 83 -5.95 33.76 26.35
N ASP D 84 -4.66 33.87 26.65
CA ASP D 84 -4.16 35.13 27.15
C ASP D 84 -3.98 35.97 25.91
N THR D 85 -4.97 36.82 25.64
CA THR D 85 -4.97 37.53 24.37
C THR D 85 -4.05 38.75 24.47
N SER D 86 -3.04 38.63 25.34
CA SER D 86 -2.09 39.68 25.75
C SER D 86 -0.97 40.07 24.75
N PRO D 87 -0.71 41.38 24.62
CA PRO D 87 0.33 42.11 23.88
C PRO D 87 1.73 42.13 24.52
N ILE D 88 2.79 41.98 23.73
CA ILE D 88 4.12 41.71 24.28
C ILE D 88 5.35 42.51 23.82
N LEU D 89 5.72 42.39 22.55
CA LEU D 89 7.05 42.80 22.09
C LEU D 89 7.00 43.82 20.96
N THR D 90 6.12 43.61 20.00
CA THR D 90 5.60 44.73 19.25
C THR D 90 4.56 45.34 20.12
N GLY D 91 3.33 44.87 19.97
CA GLY D 91 2.29 45.37 20.81
C GLY D 91 0.91 44.80 20.75
N HIS D 92 -0.07 45.60 20.31
CA HIS D 92 -1.48 45.22 20.30
C HIS D 92 -1.61 43.77 19.94
N PRO D 93 -2.47 43.05 20.65
CA PRO D 93 -2.74 41.67 20.23
C PRO D 93 -3.11 41.68 18.77
N VAL D 94 -2.40 40.87 18.01
CA VAL D 94 -2.52 40.88 16.56
C VAL D 94 -3.80 40.23 16.07
N PRO D 95 -4.26 40.65 14.88
CA PRO D 95 -5.38 39.91 14.30
C PRO D 95 -4.94 38.53 13.84
N ALA D 96 -3.63 38.30 13.69
CA ALA D 96 -3.10 37.00 13.27
C ALA D 96 -1.61 36.89 13.54
N ILE D 97 -1.06 35.69 13.51
CA ILE D 97 0.39 35.54 13.67
C ILE D 97 1.01 34.59 12.63
N SER D 98 2.32 34.74 12.42
CA SER D 98 3.03 33.96 11.39
C SER D 98 3.99 32.92 11.97
N LEU D 99 4.47 32.07 11.07
CA LEU D 99 5.41 31.00 11.39
C LEU D 99 6.60 31.08 10.44
N SER D 100 7.75 30.60 10.91
CA SER D 100 8.97 30.61 10.11
C SER D 100 9.52 29.23 9.78
N SER D 101 10.06 29.10 8.57
CA SER D 101 10.71 27.86 8.14
C SER D 101 12.02 27.74 8.87
N GLY D 102 12.55 26.53 8.94
CA GLY D 102 13.59 26.25 9.90
C GLY D 102 12.80 26.18 11.18
N THR D 103 13.45 26.10 12.33
CA THR D 103 12.69 25.97 13.55
C THR D 103 13.24 26.80 14.69
N SER D 104 12.41 26.99 15.70
CA SER D 104 12.87 27.53 16.98
C SER D 104 13.32 26.35 17.83
N GLN D 105 14.56 25.91 17.62
CA GLN D 105 15.16 24.75 18.31
C GLN D 105 14.44 23.45 18.02
N GLY D 106 14.09 23.23 16.75
CA GLY D 106 13.27 22.09 16.40
C GLY D 106 11.81 22.50 16.56
N ARG D 107 11.55 23.37 17.53
CA ARG D 107 10.19 23.78 17.87
C ARG D 107 9.62 24.88 17.00
N PRO D 108 8.28 24.93 16.91
CA PRO D 108 7.46 25.96 16.32
C PRO D 108 7.74 27.40 16.81
N LYS D 109 7.90 28.34 15.88
CA LYS D 109 8.20 29.75 16.22
C LYS D 109 7.06 30.67 15.81
N PHE D 110 6.68 31.55 16.72
CA PHE D 110 5.45 32.36 16.62
C PHE D 110 5.77 33.85 16.46
N ILE D 111 5.05 34.55 15.57
CA ILE D 111 5.34 35.95 15.17
C ILE D 111 4.13 36.80 14.72
N PRO D 112 3.98 38.03 15.25
CA PRO D 112 2.86 38.95 14.98
C PRO D 112 2.56 39.38 13.52
N PHE D 113 1.26 39.57 13.23
CA PHE D 113 0.76 40.15 11.97
C PHE D 113 -0.07 41.39 12.26
N THR D 114 0.24 42.52 11.62
CA THR D 114 -0.57 43.71 11.80
C THR D 114 -1.12 44.27 10.49
N ASP D 115 -1.89 45.35 10.60
CA ASP D 115 -2.56 45.97 9.45
C ASP D 115 -1.59 46.63 8.47
N GLU D 116 -0.43 47.03 8.98
CA GLU D 116 0.57 47.68 8.13
C GLU D 116 1.15 46.70 7.12
N LEU D 117 1.18 45.42 7.50
CA LEU D 117 1.67 44.37 6.62
C LEU D 117 0.87 44.32 5.32
N MET D 118 -0.43 44.51 5.45
CA MET D 118 -1.31 44.59 4.29
C MET D 118 -1.00 45.84 3.46
N GLU D 119 -0.75 46.96 4.14
CA GLU D 119 -0.32 48.17 3.45
C GLU D 119 0.98 47.94 2.70
N ASN D 120 1.91 47.27 3.35
CA ASN D 120 3.17 46.92 2.71
C ASN D 120 2.85 46.13 1.44
N THR D 121 1.90 45.21 1.61
CA THR D 121 1.47 44.28 0.56
C THR D 121 0.82 44.96 -0.63
N LEU D 122 -0.13 45.85 -0.39
CA LEU D 122 -0.78 46.53 -1.50
C LEU D 122 0.26 47.34 -2.24
N GLN D 123 1.12 48.01 -1.47
CA GLN D 123 2.07 48.96 -2.01
C GLN D 123 3.11 48.28 -2.89
N LEU D 124 3.70 47.19 -2.39
CA LEU D 124 4.76 46.55 -3.16
C LEU D 124 4.22 46.06 -4.50
N PHE D 125 2.97 45.59 -4.50
CA PHE D 125 2.38 45.12 -5.77
C PHE D 125 1.82 46.20 -6.68
N ARG D 126 1.29 47.29 -6.13
CA ARG D 126 0.91 48.41 -6.98
C ARG D 126 2.16 48.79 -7.79
N THR D 127 3.27 48.87 -7.05
CA THR D 127 4.56 49.22 -7.59
C THR D 127 5.16 48.14 -8.48
N ALA D 128 5.21 46.91 -7.99
CA ALA D 128 5.75 45.81 -8.76
C ALA D 128 5.02 45.62 -10.08
N PHE D 129 3.69 45.59 -10.04
CA PHE D 129 2.93 45.50 -11.27
C PHE D 129 3.24 46.71 -12.14
N ALA D 130 3.32 47.88 -11.53
CA ALA D 130 3.63 49.10 -12.29
C ALA D 130 4.90 48.97 -13.14
N PHE D 131 6.03 48.76 -12.49
CA PHE D 131 7.32 48.66 -13.18
C PHE D 131 7.37 47.49 -14.15
N ARG D 132 6.71 46.40 -13.79
CA ARG D 132 6.67 45.22 -14.63
C ARG D 132 5.80 45.49 -15.85
N ASN D 133 4.71 46.22 -15.64
CA ASN D 133 3.87 46.61 -16.75
C ASN D 133 4.58 47.69 -17.56
N ARG D 134 5.60 48.30 -16.99
CA ARG D 134 6.43 49.20 -17.77
C ARG D 134 7.19 48.36 -18.79
N ASP D 135 7.65 47.16 -18.40
CA ASP D 135 8.38 46.32 -19.34
C ASP D 135 7.48 45.25 -19.99
N PHE D 136 6.41 44.87 -19.31
CA PHE D 136 5.45 43.91 -19.87
C PHE D 136 4.01 44.44 -19.75
N PRO D 137 3.65 45.44 -20.57
CA PRO D 137 2.34 46.13 -20.49
C PRO D 137 1.11 45.25 -20.75
N ILE D 138 0.18 45.23 -19.80
CA ILE D 138 -1.00 44.37 -19.91
C ILE D 138 -2.28 45.15 -20.22
N ASP D 139 -3.24 44.46 -20.83
CA ASP D 139 -4.50 45.08 -21.21
C ASP D 139 -5.41 45.26 -20.00
N ASP D 140 -6.03 46.43 -19.92
CA ASP D 140 -6.87 46.78 -18.79
C ASP D 140 -8.24 46.10 -18.84
N ASN D 141 -8.44 45.24 -19.83
CA ASN D 141 -9.69 44.48 -19.95
C ASN D 141 -9.49 42.97 -19.96
N GLY D 142 -8.27 42.51 -19.68
CA GLY D 142 -7.98 41.08 -19.75
C GLY D 142 -8.13 40.33 -18.44
N LYS D 143 -7.30 39.30 -18.29
CA LYS D 143 -7.37 38.39 -17.15
C LYS D 143 -5.98 37.83 -16.84
N ALA D 144 -5.78 37.30 -15.63
CA ALA D 144 -4.52 36.62 -15.30
C ALA D 144 -4.72 35.19 -14.81
N LEU D 145 -3.80 34.30 -15.19
CA LEU D 145 -3.80 32.95 -14.65
C LEU D 145 -2.99 32.93 -13.36
N GLN D 146 -3.70 33.03 -12.24
CA GLN D 146 -3.07 33.15 -10.93
C GLN D 146 -3.30 31.92 -10.05
N PHE D 147 -2.32 31.03 -10.00
CA PHE D 147 -2.49 29.82 -9.23
C PHE D 147 -2.42 30.10 -7.73
N ILE D 148 -3.47 30.71 -7.20
CA ILE D 148 -3.45 31.24 -5.85
C ILE D 148 -4.54 30.68 -4.96
N PHE D 149 -4.21 30.44 -3.69
CA PHE D 149 -5.22 29.97 -2.77
C PHE D 149 -4.93 30.48 -1.38
N SER D 150 -6.01 30.75 -0.65
CA SER D 150 -5.92 31.08 0.76
C SER D 150 -7.21 30.55 1.34
N SER D 151 -7.46 29.31 1.01
CA SER D 151 -8.74 28.67 1.16
C SER D 151 -9.00 28.25 2.59
N LYS D 152 -7.93 28.12 3.35
CA LYS D 152 -8.09 27.69 4.73
C LYS D 152 -7.91 28.81 5.73
N GLN D 153 -8.75 28.79 6.76
CA GLN D 153 -8.56 29.67 7.90
C GLN D 153 -8.96 28.97 9.18
N TYR D 154 -7.96 28.71 10.02
CA TYR D 154 -8.19 28.18 11.35
C TYR D 154 -8.30 29.33 12.34
N ILE D 155 -8.85 29.03 13.50
CA ILE D 155 -8.84 29.94 14.62
C ILE D 155 -7.99 29.32 15.68
N SER D 156 -7.02 30.06 16.21
CA SER D 156 -6.20 29.51 17.29
C SER D 156 -7.08 29.11 18.45
N THR D 157 -6.54 28.27 19.33
CA THR D 157 -7.23 27.80 20.52
C THR D 157 -7.77 28.93 21.39
N GLY D 158 -7.01 30.02 21.50
CA GLY D 158 -7.40 31.13 22.35
C GLY D 158 -8.51 32.01 21.79
N GLY D 159 -8.94 31.74 20.57
CA GLY D 159 -10.00 32.50 19.96
C GLY D 159 -9.48 33.61 19.07
N VAL D 160 -8.16 33.72 18.99
CA VAL D 160 -7.55 34.77 18.16
C VAL D 160 -7.16 34.18 16.80
N PRO D 161 -7.48 34.91 15.70
CA PRO D 161 -7.03 34.43 14.38
C PRO D 161 -5.51 34.46 14.29
N VAL D 162 -4.94 33.58 13.46
CA VAL D 162 -3.52 33.25 13.50
C VAL D 162 -3.14 32.67 12.15
N GLY D 163 -2.33 33.35 11.33
CA GLY D 163 -2.14 32.85 9.98
C GLY D 163 -1.03 33.27 9.03
N THR D 164 -1.03 32.61 7.87
CA THR D 164 -0.07 32.78 6.78
C THR D 164 -0.29 34.08 6.04
N ALA D 165 0.76 34.57 5.39
CA ALA D 165 0.66 35.71 4.49
C ALA D 165 -0.47 35.54 3.46
N THR D 166 -0.63 34.33 2.92
CA THR D 166 -1.66 34.07 1.90
C THR D 166 -3.08 34.27 2.38
N THR D 167 -3.46 33.57 3.44
CA THR D 167 -4.85 33.58 3.89
C THR D 167 -5.24 34.94 4.42
N ASN D 168 -4.35 35.58 5.16
CA ASN D 168 -4.64 36.92 5.63
C ASN D 168 -4.63 37.96 4.52
N VAL D 169 -3.86 37.78 3.46
CA VAL D 169 -3.95 38.77 2.39
C VAL D 169 -5.23 38.55 1.59
N TYR D 170 -5.60 37.31 1.31
CA TYR D 170 -6.75 37.13 0.42
C TYR D 170 -8.07 37.34 1.16
N ARG D 171 -8.12 36.99 2.45
CA ARG D 171 -9.36 37.17 3.22
C ARG D 171 -9.40 38.45 4.05
N ASN D 172 -8.33 39.24 4.01
CA ASN D 172 -8.44 40.54 4.66
C ASN D 172 -9.44 41.37 3.86
N PRO D 173 -10.21 42.21 4.57
CA PRO D 173 -11.28 43.05 3.99
C PRO D 173 -10.86 43.95 2.82
N ASN D 174 -9.58 44.36 2.72
CA ASN D 174 -9.21 45.30 1.67
C ASN D 174 -8.46 44.69 0.49
N PHE D 175 -8.40 43.36 0.41
CA PHE D 175 -7.71 42.71 -0.70
C PHE D 175 -8.37 42.96 -2.06
N LYS D 176 -9.67 42.70 -2.13
CA LYS D 176 -10.41 42.82 -3.39
C LYS D 176 -10.44 44.25 -3.89
N ALA D 177 -10.84 45.17 -3.01
CA ALA D 177 -10.91 46.59 -3.34
C ALA D 177 -9.50 47.13 -3.51
N GLY D 178 -8.55 46.50 -2.85
CA GLY D 178 -7.16 46.87 -3.01
C GLY D 178 -6.64 46.61 -4.41
N MET D 179 -6.86 45.40 -4.91
CA MET D 179 -6.14 44.91 -6.09
C MET D 179 -6.81 45.20 -7.45
N LYS D 180 -8.08 45.60 -7.45
CA LYS D 180 -8.89 45.71 -8.67
C LYS D 180 -8.23 46.42 -9.88
N SER D 181 -7.54 47.52 -9.61
CA SER D 181 -6.91 48.30 -10.67
C SER D 181 -5.51 47.84 -11.07
N ILE D 182 -4.88 46.97 -10.30
CA ILE D 182 -3.49 46.61 -10.57
C ILE D 182 -3.29 45.14 -10.82
N THR D 183 -4.38 44.43 -11.06
CA THR D 183 -4.27 43.07 -11.57
C THR D 183 -5.28 42.93 -12.69
N SER D 184 -5.06 41.95 -13.55
CA SER D 184 -6.12 41.56 -14.45
C SER D 184 -6.98 40.57 -13.69
N PRO D 185 -8.31 40.72 -13.77
CA PRO D 185 -9.32 39.99 -13.00
C PRO D 185 -9.06 38.50 -12.94
N SER D 186 -9.16 37.90 -11.75
CA SER D 186 -8.91 36.48 -11.58
C SER D 186 -9.82 35.66 -12.49
N CYS D 187 -9.28 34.55 -12.96
CA CYS D 187 -10.04 33.57 -13.72
C CYS D 187 -10.99 32.84 -12.79
N SER D 188 -10.65 32.89 -11.52
CA SER D 188 -11.37 32.15 -10.53
C SER D 188 -12.28 33.04 -9.71
N PRO D 189 -13.47 32.53 -9.39
CA PRO D 189 -14.29 33.14 -8.35
C PRO D 189 -13.50 33.13 -7.07
N ASP D 190 -13.78 34.00 -6.11
CA ASP D 190 -13.03 33.92 -4.86
C ASP D 190 -13.33 32.57 -4.19
N GLU D 191 -14.56 32.10 -4.35
CA GLU D 191 -15.01 30.86 -3.70
C GLU D 191 -14.17 29.63 -4.03
N VAL D 192 -13.65 29.53 -5.25
CA VAL D 192 -12.82 28.37 -5.59
C VAL D 192 -11.37 28.63 -5.16
N ILE D 193 -10.94 29.88 -5.22
CA ILE D 193 -9.67 30.29 -4.60
C ILE D 193 -9.73 29.93 -3.14
N PHE D 194 -10.90 30.20 -2.55
CA PHE D 194 -11.13 29.91 -1.15
C PHE D 194 -11.88 28.60 -0.94
N SER D 195 -11.87 27.72 -1.94
CA SER D 195 -12.56 26.43 -1.81
C SER D 195 -11.95 25.61 -0.69
N PRO D 196 -12.81 25.07 0.19
CA PRO D 196 -12.31 24.22 1.26
C PRO D 196 -11.67 22.93 0.75
N ASP D 197 -11.57 22.78 -0.57
CA ASP D 197 -10.82 21.70 -1.19
C ASP D 197 -9.92 22.27 -2.29
N VAL D 198 -8.66 22.62 -1.99
CA VAL D 198 -7.82 23.29 -3.01
C VAL D 198 -7.16 22.38 -4.02
N HIS D 199 -7.13 21.09 -3.77
CA HIS D 199 -6.59 20.18 -4.78
C HIS D 199 -7.63 20.08 -5.87
N GLN D 200 -8.89 20.13 -5.47
CA GLN D 200 -9.95 20.21 -6.44
C GLN D 200 -10.06 21.63 -6.96
N ALA D 201 -9.78 22.60 -6.10
CA ALA D 201 -9.82 24.00 -6.51
C ALA D 201 -8.70 24.31 -7.49
N LEU D 202 -7.59 23.57 -7.41
CA LEU D 202 -6.52 23.65 -8.41
C LEU D 202 -6.95 23.32 -9.82
N TYR D 203 -7.42 22.11 -10.07
CA TYR D 203 -7.79 21.76 -11.43
C TYR D 203 -8.84 22.77 -11.82
N CYS D 204 -9.65 23.16 -10.84
CA CYS D 204 -10.54 24.28 -11.06
C CYS D 204 -9.78 25.59 -11.38
N HIS D 205 -8.55 25.83 -10.89
CA HIS D 205 -7.87 27.01 -11.43
C HIS D 205 -7.25 26.73 -12.77
N LEU D 206 -6.68 25.53 -12.94
CA LEU D 206 -6.11 25.14 -14.23
C LEU D 206 -7.20 25.42 -15.24
N LEU D 207 -8.34 24.82 -14.94
CA LEU D 207 -9.61 25.05 -15.61
C LEU D 207 -9.94 26.53 -15.75
N SER D 208 -9.76 27.29 -14.68
CA SER D 208 -10.20 28.69 -14.70
C SER D 208 -9.31 29.58 -15.56
N GLY D 209 -8.00 29.50 -15.39
CA GLY D 209 -7.09 30.33 -16.17
C GLY D 209 -7.23 29.97 -17.62
N ILE D 210 -7.46 28.68 -17.84
CA ILE D 210 -7.66 28.19 -19.16
C ILE D 210 -8.95 28.85 -19.71
N LEU D 211 -9.94 29.12 -18.84
CA LEU D 211 -11.26 29.65 -19.27
C LEU D 211 -11.26 30.95 -20.10
N PHE D 212 -10.48 31.96 -19.71
CA PHE D 212 -10.47 33.21 -20.49
C PHE D 212 -9.08 33.40 -21.08
N ARG D 213 -8.41 32.31 -21.35
CA ARG D 213 -7.04 32.28 -21.88
C ARG D 213 -6.65 33.35 -22.89
N ASP D 214 -7.58 33.66 -23.79
CA ASP D 214 -7.23 34.53 -24.91
C ASP D 214 -6.95 35.95 -24.47
N GLN D 215 -7.63 36.41 -23.42
CA GLN D 215 -7.39 37.74 -22.91
C GLN D 215 -6.35 37.73 -21.80
N VAL D 216 -5.96 36.53 -21.36
CA VAL D 216 -5.04 36.35 -20.24
C VAL D 216 -3.64 36.93 -20.48
N GLN D 217 -3.12 37.67 -19.50
CA GLN D 217 -1.85 38.36 -19.67
C GLN D 217 -0.64 37.61 -19.11
N TYR D 218 -0.86 36.81 -18.07
CA TYR D 218 0.25 36.04 -17.53
C TYR D 218 -0.18 34.80 -16.76
N VAL D 219 0.76 33.87 -16.63
CA VAL D 219 0.61 32.73 -15.75
C VAL D 219 1.45 33.00 -14.50
N PHE D 220 0.85 32.76 -13.34
CA PHE D 220 1.54 33.03 -12.09
C PHE D 220 1.48 31.90 -11.08
N ALA D 221 2.64 31.68 -10.47
CA ALA D 221 2.74 31.10 -9.13
C ALA D 221 3.90 31.88 -8.56
N VAL D 222 3.98 32.02 -7.25
CA VAL D 222 5.09 32.81 -6.74
C VAL D 222 6.34 31.97 -6.94
N PHE D 223 6.17 30.64 -6.99
CA PHE D 223 7.27 29.71 -7.29
C PHE D 223 7.17 28.99 -8.61
N ALA D 224 8.33 28.70 -9.18
CA ALA D 224 8.42 27.90 -10.38
C ALA D 224 7.91 26.49 -10.13
N HIS D 225 8.14 25.97 -8.93
CA HIS D 225 7.80 24.58 -8.64
C HIS D 225 6.30 24.43 -8.50
N GLY D 226 5.62 25.55 -8.26
CA GLY D 226 4.17 25.56 -8.24
C GLY D 226 3.63 25.49 -9.66
N LEU D 227 4.25 26.28 -10.54
CA LEU D 227 3.94 26.30 -11.97
C LEU D 227 4.21 24.94 -12.60
N VAL D 228 5.42 24.42 -12.40
CA VAL D 228 5.74 23.07 -12.86
C VAL D 228 4.71 22.07 -12.38
N HIS D 229 4.31 22.22 -11.12
CA HIS D 229 3.32 21.34 -10.52
C HIS D 229 1.99 21.45 -11.26
N ALA D 230 1.62 22.69 -11.60
CA ALA D 230 0.36 22.95 -12.29
C ALA D 230 0.35 22.31 -13.67
N PHE D 231 1.48 22.36 -14.34
CA PHE D 231 1.52 21.92 -15.73
C PHE D 231 1.91 20.45 -15.88
N ARG D 232 2.56 19.87 -14.88
CA ARG D 232 2.78 18.44 -14.98
C ARG D 232 1.45 17.77 -14.64
N THR D 233 0.71 18.33 -13.68
CA THR D 233 -0.67 17.88 -13.46
C THR D 233 -1.48 18.05 -14.74
N PHE D 234 -1.23 19.14 -15.45
CA PHE D 234 -1.91 19.40 -16.71
C PHE D 234 -1.59 18.30 -17.71
N GLU D 235 -0.35 17.83 -17.66
CA GLU D 235 0.13 16.75 -18.52
C GLU D 235 -0.66 15.49 -18.22
N GLN D 236 -1.08 15.33 -16.97
CA GLN D 236 -1.78 14.14 -16.51
C GLN D 236 -3.27 14.15 -16.81
N VAL D 237 -3.90 15.31 -16.69
CA VAL D 237 -5.35 15.40 -16.68
C VAL D 237 -6.00 16.14 -17.83
N TRP D 238 -5.24 16.48 -18.86
CA TRP D 238 -5.84 17.28 -19.92
C TRP D 238 -7.09 16.60 -20.46
N GLU D 239 -7.04 15.27 -20.60
CA GLU D 239 -8.15 14.49 -21.12
C GLU D 239 -9.35 14.44 -20.19
N GLU D 240 -9.08 14.43 -18.90
CA GLU D 240 -10.13 14.50 -17.91
C GLU D 240 -10.81 15.86 -17.99
N ILE D 241 -10.02 16.92 -18.17
CA ILE D 241 -10.61 18.24 -18.25
C ILE D 241 -11.52 18.34 -19.48
N VAL D 242 -11.04 17.97 -20.67
CA VAL D 242 -11.89 18.07 -21.85
C VAL D 242 -13.23 17.39 -21.66
N THR D 243 -13.26 16.19 -21.09
CA THR D 243 -14.51 15.53 -20.78
C THR D 243 -15.35 16.34 -19.79
N ASP D 244 -14.68 16.93 -18.81
CA ASP D 244 -15.35 17.69 -17.75
C ASP D 244 -16.14 18.85 -18.33
N ILE D 245 -15.44 19.65 -19.09
CA ILE D 245 -16.02 20.82 -19.71
C ILE D 245 -17.00 20.38 -20.80
N LYS D 246 -16.71 19.23 -21.42
CA LYS D 246 -17.44 18.70 -22.58
C LYS D 246 -18.95 18.56 -22.46
N ASP D 247 -19.39 17.80 -21.46
CA ASP D 247 -20.77 17.39 -21.37
C ASP D 247 -21.60 18.41 -20.62
N GLY D 248 -20.97 19.55 -20.32
CA GLY D 248 -21.56 20.55 -19.47
C GLY D 248 -21.69 19.99 -18.07
N VAL D 249 -20.92 18.95 -17.79
CA VAL D 249 -20.98 18.25 -16.51
C VAL D 249 -19.56 17.97 -16.02
N LEU D 250 -19.26 18.47 -14.84
CA LEU D 250 -17.95 18.28 -14.20
C LEU D 250 -17.71 16.80 -13.92
N SER D 251 -16.44 16.40 -13.88
CA SER D 251 -16.08 15.02 -13.50
C SER D 251 -16.69 14.67 -12.16
N ASN D 252 -16.80 13.39 -11.87
CA ASN D 252 -17.32 12.97 -10.58
C ASN D 252 -16.23 13.08 -9.51
N ARG D 253 -15.08 13.58 -9.93
CA ARG D 253 -13.95 13.88 -9.04
C ARG D 253 -14.25 15.00 -8.04
N ILE D 254 -15.18 15.88 -8.40
CA ILE D 254 -15.47 17.10 -7.65
C ILE D 254 -16.42 16.76 -6.50
N THR D 255 -16.20 17.25 -5.29
CA THR D 255 -17.12 16.86 -4.21
C THR D 255 -17.70 17.94 -3.26
N VAL D 256 -17.03 19.07 -3.06
CA VAL D 256 -17.59 20.09 -2.17
C VAL D 256 -18.72 20.91 -2.83
N PRO D 257 -19.93 20.88 -2.23
CA PRO D 257 -21.16 21.37 -2.86
C PRO D 257 -21.10 22.82 -3.37
N SER D 258 -20.62 23.76 -2.56
CA SER D 258 -20.66 25.19 -2.92
C SER D 258 -19.80 25.50 -4.14
N VAL D 259 -18.69 24.81 -4.29
CA VAL D 259 -17.80 25.04 -5.43
C VAL D 259 -18.35 24.24 -6.62
N ARG D 260 -18.91 23.06 -6.35
CA ARG D 260 -19.61 22.31 -7.40
C ARG D 260 -20.77 23.17 -7.86
N THR D 261 -21.43 23.82 -6.90
CA THR D 261 -22.46 24.80 -7.18
C THR D 261 -21.93 25.90 -8.09
N ALA D 262 -20.80 26.49 -7.72
CA ALA D 262 -20.25 27.62 -8.48
C ALA D 262 -20.03 27.23 -9.94
N MET D 263 -19.24 26.19 -10.19
CA MET D 263 -18.89 25.83 -11.56
C MET D 263 -20.07 25.22 -12.35
N SER D 264 -21.09 24.71 -11.67
CA SER D 264 -22.28 24.22 -12.36
C SER D 264 -23.04 25.42 -12.93
N LYS D 265 -23.04 26.53 -12.21
CA LYS D 265 -23.62 27.77 -12.75
C LYS D 265 -22.82 28.20 -13.97
N LEU D 266 -21.63 27.63 -14.08
CA LEU D 266 -20.74 27.90 -15.19
C LEU D 266 -20.79 26.87 -16.31
N LEU D 267 -21.69 25.89 -16.32
CA LEU D 267 -21.53 24.72 -17.23
C LEU D 267 -22.68 24.39 -18.19
N THR D 268 -22.39 24.20 -19.49
CA THR D 268 -23.37 23.75 -20.52
C THR D 268 -22.69 22.89 -21.62
N PRO D 269 -23.47 22.07 -22.38
CA PRO D 269 -22.87 21.11 -23.32
C PRO D 269 -22.21 21.66 -24.59
N ASN D 270 -20.90 21.45 -24.77
CA ASN D 270 -20.16 21.97 -25.94
C ASN D 270 -19.15 21.05 -26.64
N PRO D 271 -19.59 20.33 -27.70
CA PRO D 271 -18.88 19.34 -28.53
C PRO D 271 -17.55 19.68 -29.26
N GLU D 272 -17.47 20.82 -29.93
CA GLU D 272 -16.44 21.06 -30.93
C GLU D 272 -15.03 21.29 -30.37
N LEU D 273 -14.97 21.65 -29.11
CA LEU D 273 -13.82 22.32 -28.56
C LEU D 273 -12.87 21.29 -27.97
N ALA D 274 -13.46 20.14 -27.69
CA ALA D 274 -12.73 18.93 -27.33
C ALA D 274 -11.85 18.50 -28.50
N GLU D 275 -12.40 18.59 -29.70
CA GLU D 275 -11.66 18.38 -30.93
C GLU D 275 -10.42 19.28 -30.95
N THR D 276 -10.62 20.55 -30.61
CA THR D 276 -9.53 21.51 -30.68
C THR D 276 -8.39 21.10 -29.77
N ILE D 277 -8.70 20.90 -28.49
CA ILE D 277 -7.68 20.61 -27.50
C ILE D 277 -6.94 19.34 -27.76
N ARG D 278 -7.64 18.35 -28.31
CA ARG D 278 -7.09 17.02 -28.37
C ARG D 278 -5.99 17.07 -29.40
N THR D 279 -6.34 17.58 -30.57
CA THR D 279 -5.36 17.93 -31.58
C THR D 279 -4.16 18.71 -31.02
N LYS D 280 -4.40 19.75 -30.21
CA LYS D 280 -3.28 20.56 -29.70
C LYS D 280 -2.39 19.78 -28.78
N CYS D 281 -2.98 19.27 -27.70
CA CYS D 281 -2.24 18.57 -26.66
C CYS D 281 -1.47 17.39 -27.22
N MET D 282 -2.05 16.69 -28.18
CA MET D 282 -1.38 15.52 -28.70
C MET D 282 -0.33 15.86 -29.74
N SER D 283 -0.32 17.11 -30.25
CA SER D 283 0.66 17.46 -31.28
C SER D 283 2.01 17.89 -30.73
N LEU D 284 2.13 17.99 -29.41
CA LEU D 284 3.37 18.43 -28.78
C LEU D 284 4.30 17.26 -28.48
N SER D 285 5.52 17.58 -28.03
CA SER D 285 6.53 16.58 -27.73
C SER D 285 7.03 16.74 -26.28
N ASN D 286 6.50 15.91 -25.39
CA ASN D 286 6.75 16.02 -23.95
C ASN D 286 6.38 17.40 -23.41
N TRP D 287 5.36 18.00 -24.01
CA TRP D 287 4.75 19.23 -23.52
C TRP D 287 5.69 20.44 -23.43
N TYR D 288 6.77 20.46 -24.23
CA TYR D 288 7.68 21.60 -24.20
C TYR D 288 6.96 22.87 -24.64
N GLY D 289 7.21 23.97 -23.92
CA GLY D 289 6.57 25.23 -24.23
C GLY D 289 5.07 25.11 -24.12
N LEU D 290 4.61 24.54 -23.01
CA LEU D 290 3.20 24.31 -22.75
C LEU D 290 2.50 25.64 -22.50
N ILE D 291 3.19 26.53 -21.82
CA ILE D 291 2.59 27.78 -21.36
C ILE D 291 2.20 28.76 -22.49
N PRO D 292 3.13 29.12 -23.41
CA PRO D 292 2.62 29.92 -24.53
C PRO D 292 1.71 29.11 -25.45
N ALA D 293 1.76 27.78 -25.35
CA ALA D 293 0.85 26.96 -26.14
C ALA D 293 -0.58 27.26 -25.70
N LEU D 294 -0.84 27.23 -24.39
CA LEU D 294 -2.19 27.48 -23.90
C LEU D 294 -2.64 28.91 -24.17
N PHE D 295 -1.96 29.89 -23.57
CA PHE D 295 -2.29 31.29 -23.77
C PHE D 295 -1.06 31.99 -24.33
N PRO D 296 -1.02 32.12 -25.66
CA PRO D 296 0.06 32.55 -26.52
C PRO D 296 0.34 34.03 -26.53
N ASN D 297 -0.52 34.80 -25.89
CA ASN D 297 -0.35 36.22 -25.87
C ASN D 297 -0.06 36.70 -24.47
N ALA D 298 0.19 35.73 -23.61
CA ALA D 298 0.80 36.01 -22.33
C ALA D 298 2.16 36.68 -22.58
N LYS D 299 2.44 37.74 -21.85
CA LYS D 299 3.67 38.49 -22.04
C LYS D 299 4.78 37.99 -21.11
N TYR D 300 4.39 37.28 -20.04
CA TYR D 300 5.39 36.72 -19.14
C TYR D 300 4.92 35.60 -18.21
N VAL D 301 5.89 34.86 -17.71
CA VAL D 301 5.69 33.87 -16.67
C VAL D 301 6.22 34.51 -15.40
N TYR D 302 5.47 34.48 -14.31
CA TYR D 302 5.88 35.25 -13.13
C TYR D 302 6.05 34.44 -11.85
N GLY D 303 7.17 34.64 -11.15
CA GLY D 303 7.40 33.99 -9.87
C GLY D 303 8.85 34.16 -9.40
N ILE D 304 9.18 33.62 -8.23
CA ILE D 304 10.58 33.59 -7.80
C ILE D 304 11.33 32.57 -8.66
N MET D 305 12.50 32.96 -9.12
CA MET D 305 13.28 32.09 -9.99
C MET D 305 14.66 31.89 -9.41
N THR D 306 14.85 32.42 -8.20
CA THR D 306 16.17 32.47 -7.57
C THR D 306 16.27 31.61 -6.31
N GLY D 307 17.48 31.50 -5.77
CA GLY D 307 17.71 30.76 -4.54
C GLY D 307 17.39 29.28 -4.66
N SER D 308 16.68 28.75 -3.67
CA SER D 308 16.36 27.31 -3.63
C SER D 308 15.54 26.90 -4.83
N MET D 309 14.96 27.89 -5.52
CA MET D 309 14.08 27.62 -6.63
C MET D 309 14.79 27.59 -7.98
N GLU D 310 16.11 27.64 -8.02
CA GLU D 310 16.80 27.61 -9.31
C GLU D 310 16.79 26.25 -10.02
N PRO D 311 16.63 25.13 -9.29
CA PRO D 311 16.41 23.94 -10.12
C PRO D 311 15.02 23.83 -10.77
N TYR D 312 14.02 24.63 -10.36
CA TYR D 312 12.69 24.51 -10.96
C TYR D 312 12.49 25.49 -12.10
N VAL D 313 13.43 26.43 -12.29
CA VAL D 313 13.35 27.30 -13.45
C VAL D 313 13.55 26.52 -14.76
N PRO D 314 14.40 25.47 -14.78
CA PRO D 314 14.46 24.76 -16.06
C PRO D 314 13.21 23.97 -16.43
N LYS D 315 12.62 23.19 -15.51
CA LYS D 315 11.42 22.47 -15.91
C LYS D 315 10.33 23.48 -16.26
N LEU D 316 10.30 24.63 -15.57
CA LEU D 316 9.40 25.71 -15.94
C LEU D 316 9.81 26.21 -17.31
N ARG D 317 11.12 26.40 -17.52
CA ARG D 317 11.58 26.92 -18.80
C ARG D 317 11.02 26.02 -19.88
N HIS D 318 11.10 24.72 -19.64
CA HIS D 318 10.61 23.71 -20.56
C HIS D 318 9.14 23.98 -20.85
N TYR D 319 8.37 24.09 -19.78
CA TYR D 319 6.95 24.45 -19.86
C TYR D 319 6.71 25.83 -20.48
N ALA D 320 7.64 26.75 -20.26
CA ALA D 320 7.45 28.14 -20.68
C ALA D 320 7.82 28.40 -22.13
N GLY D 321 8.54 27.46 -22.74
CA GLY D 321 9.08 27.69 -24.08
C GLY D 321 10.05 28.84 -24.06
N ASP D 322 9.85 29.79 -24.99
CA ASP D 322 10.75 30.92 -25.14
C ASP D 322 10.33 32.12 -24.28
N LEU D 323 9.14 32.06 -23.66
CA LEU D 323 8.64 33.16 -22.84
C LEU D 323 9.59 33.51 -21.70
N PRO D 324 9.80 34.81 -21.47
CA PRO D 324 10.67 35.29 -20.39
C PRO D 324 10.14 34.90 -19.02
N LEU D 325 11.03 34.55 -18.10
CA LEU D 325 10.61 34.33 -16.72
C LEU D 325 11.00 35.52 -15.86
N VAL D 326 10.00 36.23 -15.32
CA VAL D 326 10.25 37.45 -14.56
C VAL D 326 10.25 37.16 -13.07
N SER D 327 11.27 37.67 -12.39
CA SER D 327 11.51 37.33 -11.00
C SER D 327 10.63 38.16 -10.09
N HIS D 328 10.02 37.51 -9.11
CA HIS D 328 9.21 38.27 -8.18
C HIS D 328 10.04 38.87 -7.05
N ASP D 329 9.46 39.88 -6.39
CA ASP D 329 10.14 40.67 -5.38
C ASP D 329 10.26 39.99 -4.05
N TYR D 330 11.12 40.55 -3.21
CA TYR D 330 11.59 39.84 -2.06
C TYR D 330 11.14 40.41 -0.72
N GLY D 331 10.08 39.83 -0.14
CA GLY D 331 9.58 40.26 1.14
C GLY D 331 8.47 39.38 1.70
N SER D 332 7.95 39.75 2.87
CA SER D 332 6.90 38.97 3.53
C SER D 332 6.21 39.67 4.68
N SER D 333 5.39 38.91 5.39
CA SER D 333 4.68 39.40 6.56
C SER D 333 5.64 39.75 7.70
N GLU D 334 6.80 39.12 7.75
CA GLU D 334 7.80 39.50 8.76
C GLU D 334 8.48 40.78 8.34
N GLY D 335 8.08 41.30 7.18
CA GLY D 335 8.65 42.52 6.67
C GLY D 335 9.03 42.30 5.23
N TRP D 336 8.68 43.27 4.38
CA TRP D 336 9.07 43.21 2.99
C TRP D 336 10.42 43.89 2.86
N ILE D 337 11.21 43.45 1.90
CA ILE D 337 12.55 43.98 1.76
C ILE D 337 12.66 44.69 0.45
N ALA D 338 12.42 43.97 -0.65
CA ALA D 338 12.86 44.45 -1.95
C ALA D 338 11.90 44.20 -3.11
N ALA D 339 11.95 45.09 -4.10
CA ALA D 339 11.11 44.95 -5.29
C ALA D 339 11.96 44.75 -6.54
N ASN D 340 11.66 43.72 -7.32
CA ASN D 340 12.33 43.61 -8.61
C ASN D 340 11.79 44.72 -9.49
N VAL D 341 12.56 45.80 -9.57
CA VAL D 341 12.13 47.00 -10.27
C VAL D 341 12.59 46.98 -11.73
N THR D 342 13.42 46.01 -12.08
CA THR D 342 13.75 45.81 -13.49
C THR D 342 13.46 44.37 -13.92
N PRO D 343 12.17 44.01 -13.93
CA PRO D 343 11.69 42.62 -14.10
C PRO D 343 12.17 41.98 -15.40
N ARG D 344 12.58 42.81 -16.37
CA ARG D 344 12.97 42.33 -17.68
C ARG D 344 14.26 41.50 -17.67
N LEU D 345 15.04 41.53 -16.59
CA LEU D 345 16.27 40.73 -16.56
C LEU D 345 15.95 39.27 -16.24
N SER D 346 16.60 38.36 -16.96
CA SER D 346 16.36 36.91 -16.86
C SER D 346 16.60 36.38 -15.43
N PRO D 347 16.14 35.15 -15.14
CA PRO D 347 16.23 34.55 -13.80
C PRO D 347 17.61 34.42 -13.13
N GLU D 348 18.67 34.10 -13.86
CA GLU D 348 19.96 33.84 -13.20
C GLU D 348 20.66 35.14 -12.77
N GLU D 349 20.21 36.26 -13.31
CA GLU D 349 20.79 37.57 -12.98
C GLU D 349 19.87 38.39 -12.06
N ALA D 350 18.87 37.73 -11.49
CA ALA D 350 17.80 38.42 -10.79
C ALA D 350 18.22 38.99 -9.43
N THR D 351 18.02 40.30 -9.28
CA THR D 351 18.23 40.97 -8.00
C THR D 351 17.04 41.87 -7.68
N PHE D 352 16.84 42.14 -6.39
CA PHE D 352 15.64 42.87 -5.96
C PHE D 352 16.00 44.14 -5.17
N ALA D 353 15.24 45.21 -5.38
CA ALA D 353 15.56 46.53 -4.80
C ALA D 353 14.75 46.88 -3.56
N VAL D 354 15.44 47.14 -2.45
CA VAL D 354 14.80 47.33 -1.15
C VAL D 354 13.76 48.45 -1.10
N ILE D 355 12.59 48.14 -0.51
CA ILE D 355 11.59 49.18 -0.24
C ILE D 355 11.74 49.71 1.18
N PRO D 356 12.22 50.96 1.30
CA PRO D 356 12.77 51.54 2.54
C PRO D 356 11.80 51.91 3.67
N ASN D 357 10.49 51.94 3.46
CA ASN D 357 9.55 52.30 4.55
C ASN D 357 8.87 51.12 5.19
N LEU D 358 9.28 49.92 4.81
CA LEU D 358 8.56 48.75 5.27
C LEU D 358 9.13 48.26 6.59
N GLY D 359 10.30 48.77 6.96
CA GLY D 359 10.92 48.49 8.26
C GLY D 359 12.32 49.07 8.35
N TYR D 360 12.97 48.90 9.50
CA TYR D 360 14.34 49.39 9.69
C TYR D 360 15.33 48.25 9.83
N PHE D 361 16.29 48.17 8.93
CA PHE D 361 17.01 46.92 8.73
C PHE D 361 18.50 47.11 8.96
N GLU D 362 19.12 46.11 9.57
CA GLU D 362 20.54 46.13 9.87
C GLU D 362 21.14 44.77 9.49
N PHE D 363 22.41 44.74 9.12
CA PHE D 363 23.01 43.52 8.59
C PHE D 363 24.33 43.11 9.26
N LEU D 364 24.41 41.89 9.79
CA LEU D 364 25.68 41.38 10.30
C LEU D 364 26.56 40.79 9.21
N PRO D 365 27.74 41.41 8.98
CA PRO D 365 28.72 40.87 8.02
C PRO D 365 29.28 39.52 8.40
N VAL D 366 29.55 38.69 7.40
CA VAL D 366 30.07 37.35 7.68
C VAL D 366 31.57 37.33 7.44
N SER D 367 32.14 38.52 7.24
CA SER D 367 33.49 38.65 6.71
C SER D 367 34.60 38.59 7.75
N GLU D 368 35.20 37.41 7.90
CA GLU D 368 36.41 37.23 8.70
C GLU D 368 36.96 35.82 8.50
N THR D 369 36.08 34.84 8.71
CA THR D 369 36.31 33.46 8.32
C THR D 369 34.93 32.85 8.17
N GLY D 370 34.57 31.95 9.07
CA GLY D 370 33.18 31.58 9.30
C GLY D 370 33.05 31.36 10.81
N GLU D 371 32.37 32.26 11.52
CA GLU D 371 31.54 33.30 10.94
C GLU D 371 32.22 34.66 10.90
N GLY D 372 32.55 35.20 12.07
CA GLY D 372 33.14 36.53 12.15
C GLY D 372 32.51 37.39 13.24
N GLU D 373 33.36 38.06 14.03
CA GLU D 373 32.85 38.86 15.14
C GLU D 373 32.81 40.35 14.81
N GLU D 374 32.00 40.71 13.81
CA GLU D 374 31.80 42.12 13.44
C GLU D 374 30.38 42.59 13.76
N LYS D 375 30.28 43.86 14.17
CA LYS D 375 29.04 44.52 14.54
C LYS D 375 28.34 45.10 13.30
N PRO D 376 27.00 45.13 13.30
CA PRO D 376 26.16 45.46 12.13
C PRO D 376 26.31 46.87 11.58
N VAL D 377 26.42 46.98 10.26
CA VAL D 377 26.36 48.26 9.58
C VAL D 377 25.01 48.37 8.86
N GLY D 378 24.63 49.59 8.51
CA GLY D 378 23.29 49.85 8.01
C GLY D 378 23.10 49.53 6.54
N LEU D 379 21.84 49.53 6.12
CA LEU D 379 21.43 49.15 4.76
C LEU D 379 22.32 49.75 3.65
N THR D 380 22.49 51.07 3.66
CA THR D 380 23.23 51.73 2.61
C THR D 380 24.73 51.72 2.90
N GLN D 381 25.11 51.17 4.05
CA GLN D 381 26.50 51.11 4.47
C GLN D 381 27.13 49.79 4.07
N VAL D 382 26.26 48.83 3.78
CA VAL D 382 26.66 47.53 3.26
C VAL D 382 27.50 47.75 2.02
N LYS D 383 28.44 46.84 1.78
CA LYS D 383 29.41 47.06 0.72
C LYS D 383 29.13 46.13 -0.45
N ILE D 384 29.26 46.65 -1.66
CA ILE D 384 28.98 45.91 -2.88
C ILE D 384 29.89 44.69 -3.04
N GLY D 385 29.31 43.54 -3.39
CA GLY D 385 30.08 42.31 -3.50
C GLY D 385 30.15 41.53 -2.20
N GLU D 386 30.07 42.24 -1.09
CA GLU D 386 30.08 41.60 0.23
C GLU D 386 28.72 41.00 0.56
N GLU D 387 28.72 39.99 1.43
CA GLU D 387 27.49 39.27 1.75
C GLU D 387 27.17 39.28 3.23
N TYR D 388 25.98 39.76 3.58
CA TYR D 388 25.57 39.96 4.97
C TYR D 388 24.36 39.14 5.38
N GLU D 389 24.22 38.89 6.68
CA GLU D 389 23.01 38.31 7.24
C GLU D 389 22.05 39.42 7.69
N VAL D 390 20.76 39.19 7.49
CA VAL D 390 19.77 40.23 7.78
C VAL D 390 19.34 40.31 9.26
N VAL D 391 19.16 41.54 9.72
CA VAL D 391 18.49 41.79 10.98
C VAL D 391 17.34 42.73 10.64
N ILE D 392 16.14 42.40 11.08
CA ILE D 392 14.95 43.14 10.63
C ILE D 392 14.27 43.85 11.79
N THR D 393 13.71 45.03 11.53
CA THR D 393 12.91 45.72 12.52
C THR D 393 11.73 46.41 11.85
N ASN D 394 10.54 45.88 12.07
CA ASN D 394 9.32 46.50 11.58
C ASN D 394 8.13 46.15 12.48
N TYR D 395 6.92 46.30 11.94
CA TYR D 395 5.70 46.14 12.72
C TYR D 395 5.24 44.69 12.84
N ALA D 396 6.15 43.74 12.62
CA ALA D 396 5.76 42.34 12.57
C ALA D 396 6.13 41.55 13.82
N GLY D 397 6.47 42.23 14.91
CA GLY D 397 6.73 41.55 16.16
C GLY D 397 8.21 41.34 16.41
N LEU D 398 9.03 41.75 15.45
CA LEU D 398 10.45 41.49 15.52
C LEU D 398 11.19 42.78 15.80
N TYR D 399 12.16 42.72 16.70
CA TYR D 399 12.98 43.89 16.99
C TYR D 399 14.44 43.50 17.07
N ARG D 400 15.15 43.87 16.02
CA ARG D 400 16.52 43.46 15.79
C ARG D 400 16.59 41.94 15.83
N TYR D 401 15.62 41.30 15.18
CA TYR D 401 15.54 39.85 15.20
C TYR D 401 16.34 39.21 14.07
N ARG D 402 17.05 38.14 14.42
CA ARG D 402 17.84 37.37 13.48
C ARG D 402 17.03 36.37 12.69
N LEU D 403 16.98 36.54 11.38
CA LEU D 403 16.27 35.56 10.56
C LEU D 403 17.20 34.46 10.12
N GLY D 404 18.47 34.80 9.93
CA GLY D 404 19.47 33.78 9.69
C GLY D 404 19.61 33.39 8.24
N ASP D 405 20.01 34.36 7.42
CA ASP D 405 20.19 34.10 6.01
C ASP D 405 21.03 35.20 5.33
N VAL D 406 21.88 34.78 4.40
CA VAL D 406 22.95 35.59 3.80
C VAL D 406 22.55 36.20 2.48
N VAL D 407 22.82 37.50 2.32
CA VAL D 407 22.42 38.27 1.14
C VAL D 407 23.65 38.82 0.46
N LYS D 408 23.57 39.07 -0.84
CA LYS D 408 24.66 39.75 -1.55
C LYS D 408 24.25 41.12 -2.10
N VAL D 409 25.12 42.11 -1.96
CA VAL D 409 24.88 43.39 -2.61
C VAL D 409 25.51 43.41 -3.99
N ILE D 410 24.64 43.38 -4.99
CA ILE D 410 25.01 43.24 -6.39
C ILE D 410 25.26 44.60 -7.01
N GLY D 411 24.64 45.63 -6.44
CA GLY D 411 24.75 46.98 -6.95
C GLY D 411 23.71 47.95 -6.41
N PHE D 412 23.61 49.12 -7.04
CA PHE D 412 22.70 50.16 -6.57
C PHE D 412 21.69 50.62 -7.65
N TYR D 413 20.38 50.54 -7.33
CA TYR D 413 19.37 51.29 -8.09
C TYR D 413 19.30 52.65 -7.43
N ASN D 414 19.96 53.65 -8.00
CA ASN D 414 20.16 54.93 -7.33
C ASN D 414 20.88 54.71 -5.99
N ASN D 415 20.49 55.36 -4.90
CA ASN D 415 21.28 55.15 -3.68
C ASN D 415 20.73 54.04 -2.80
N THR D 416 19.94 53.13 -3.39
CA THR D 416 19.42 51.98 -2.66
C THR D 416 20.08 50.71 -3.17
N PRO D 417 20.33 49.73 -2.27
CA PRO D 417 21.14 48.57 -2.68
C PRO D 417 20.35 47.43 -3.36
N GLN D 418 20.86 46.92 -4.48
CA GLN D 418 20.27 45.75 -5.14
C GLN D 418 20.86 44.47 -4.55
N LEU D 419 20.01 43.49 -4.26
CA LEU D 419 20.47 42.28 -3.58
C LEU D 419 20.19 41.00 -4.38
N LYS D 420 21.08 40.01 -4.29
CA LYS D 420 20.84 38.71 -4.94
C LYS D 420 21.00 37.57 -3.92
N PHE D 421 20.32 36.47 -4.18
CA PHE D 421 20.25 35.37 -3.23
C PHE D 421 20.71 34.07 -3.85
N ILE D 422 21.67 33.42 -3.20
CA ILE D 422 22.15 32.13 -3.63
C ILE D 422 21.83 31.12 -2.52
N CYS D 423 20.81 31.44 -1.73
CA CYS D 423 20.57 30.66 -0.53
C CYS D 423 19.59 29.52 -0.70
N ARG D 424 19.63 28.68 0.32
CA ARG D 424 18.94 27.43 0.32
C ARG D 424 18.33 27.30 1.69
N ARG D 425 19.18 27.03 2.67
CA ARG D 425 18.74 26.68 4.00
C ARG D 425 19.26 27.64 5.08
N ASN D 426 18.35 28.13 5.91
CA ASN D 426 18.77 28.83 7.13
C ASN D 426 19.23 27.79 8.15
N LEU D 427 20.15 26.93 7.69
CA LEU D 427 20.36 25.64 8.31
C LEU D 427 21.34 25.62 9.46
N ILE D 428 20.76 25.60 10.65
CA ILE D 428 21.25 24.79 11.73
C ILE D 428 19.96 24.28 12.35
N LEU D 429 20.00 23.10 12.95
CA LEU D 429 18.83 22.58 13.64
C LEU D 429 19.14 22.45 15.12
N SER D 430 18.12 22.15 15.90
CA SER D 430 18.32 21.85 17.30
C SER D 430 17.30 20.81 17.75
N ILE D 431 17.37 20.46 19.02
CA ILE D 431 16.56 19.35 19.49
C ILE D 431 15.16 19.79 19.89
N ASN D 432 14.21 19.04 19.36
CA ASN D 432 12.81 19.36 19.21
C ASN D 432 11.95 19.00 20.41
N ILE D 433 10.68 18.71 20.10
CA ILE D 433 9.75 17.81 20.81
C ILE D 433 8.41 17.81 20.10
N ASP D 434 8.35 18.35 18.89
CA ASP D 434 7.14 18.21 18.10
C ASP D 434 7.20 16.86 17.36
N LYS D 435 7.74 15.87 18.06
CA LYS D 435 8.18 14.59 17.52
C LYS D 435 8.34 13.63 18.73
N ASN D 436 8.40 12.30 18.60
CA ASN D 436 8.22 11.45 17.41
C ASN D 436 9.22 11.73 16.29
N THR D 437 10.47 11.30 16.48
CA THR D 437 11.60 11.55 15.54
C THR D 437 11.17 11.92 14.12
N GLU D 438 11.70 12.99 13.55
CA GLU D 438 11.33 13.39 12.18
C GLU D 438 11.28 12.19 11.24
N ARG D 439 12.17 11.23 11.49
CA ARG D 439 12.24 10.01 10.74
C ARG D 439 10.95 9.21 10.94
N ASP D 440 10.40 9.26 12.14
CA ASP D 440 9.15 8.56 12.50
C ASP D 440 7.93 9.19 11.83
N LEU D 441 7.90 10.52 11.83
CA LEU D 441 6.81 11.26 11.20
C LEU D 441 6.81 11.01 9.71
N GLN D 442 7.99 11.13 9.12
CA GLN D 442 8.18 10.89 7.70
C GLN D 442 7.79 9.46 7.38
N LEU D 443 8.29 8.53 8.19
CA LEU D 443 7.95 7.12 8.07
C LEU D 443 6.44 6.90 8.21
N SER D 444 5.81 7.72 9.05
CA SER D 444 4.37 7.61 9.30
C SER D 444 3.57 7.94 8.06
N VAL D 445 3.87 9.08 7.45
CA VAL D 445 3.24 9.47 6.21
C VAL D 445 3.52 8.43 5.15
N GLU D 446 4.79 8.09 4.96
CA GLU D 446 5.20 7.07 4.00
C GLU D 446 4.43 5.76 4.17
N SER D 447 4.26 5.33 5.42
CA SER D 447 3.58 4.07 5.71
C SER D 447 2.12 4.11 5.30
N ALA D 448 1.40 5.11 5.79
CA ALA D 448 -0.03 5.23 5.53
C ALA D 448 -0.35 5.62 4.09
N ALA D 449 0.54 6.40 3.47
CA ALA D 449 0.27 6.98 2.15
C ALA D 449 0.28 6.00 1.00
N LYS D 450 0.79 4.79 1.21
CA LYS D 450 0.84 3.86 0.09
C LYS D 450 -0.48 3.16 -0.06
N ARG D 451 -1.31 3.23 0.97
CA ARG D 451 -2.73 2.91 0.84
C ARG D 451 -3.31 3.82 -0.23
N LEU D 452 -2.81 5.03 -0.27
CA LEU D 452 -3.17 5.97 -1.29
C LEU D 452 -2.44 5.65 -2.59
N SER D 453 -1.22 5.12 -2.48
CA SER D 453 -0.44 4.77 -3.67
C SER D 453 -1.10 3.67 -4.49
N GLU D 454 -1.98 2.91 -3.85
CA GLU D 454 -2.81 1.94 -4.55
C GLU D 454 -3.63 2.60 -5.63
N GLU D 455 -3.63 3.93 -5.66
CA GLU D 455 -4.48 4.69 -6.56
C GLU D 455 -3.64 5.51 -7.53
N LYS D 456 -2.38 5.08 -7.69
CA LYS D 456 -1.44 5.68 -8.63
C LYS D 456 -1.01 7.08 -8.18
N ILE D 457 -0.90 7.30 -6.87
CA ILE D 457 -0.53 8.61 -6.36
C ILE D 457 0.52 8.58 -5.26
N GLU D 458 1.33 9.63 -5.18
CA GLU D 458 2.39 9.76 -4.21
C GLU D 458 2.09 10.91 -3.23
N VAL D 459 2.67 10.87 -2.04
CA VAL D 459 2.57 12.04 -1.14
C VAL D 459 3.55 13.10 -1.57
N ILE D 460 3.04 14.29 -1.84
CA ILE D 460 3.91 15.36 -2.27
C ILE D 460 4.57 16.00 -1.03
N ASP D 461 3.81 16.24 0.03
CA ASP D 461 4.39 16.70 1.31
C ASP D 461 3.45 16.51 2.51
N PHE D 462 3.90 16.88 3.71
CA PHE D 462 3.14 16.63 4.94
C PHE D 462 3.61 17.42 6.17
N SER D 463 2.76 17.49 7.21
CA SER D 463 3.09 18.08 8.52
C SER D 463 2.07 17.65 9.59
N SER D 464 2.21 18.16 10.82
CA SER D 464 1.28 17.81 11.92
C SER D 464 1.12 18.89 13.02
N TYR D 465 0.40 18.62 14.12
CA TYR D 465 -0.02 19.69 15.08
C TYR D 465 -0.35 19.27 16.52
N ILE D 466 0.06 20.11 17.50
CA ILE D 466 -0.19 19.88 18.93
C ILE D 466 -1.31 20.77 19.49
N ASP D 467 -2.35 20.15 20.04
CA ASP D 467 -3.53 20.90 20.52
C ASP D 467 -3.81 20.72 22.03
N VAL D 468 -3.80 21.81 22.79
CA VAL D 468 -4.22 21.66 24.19
C VAL D 468 -5.48 22.46 24.48
N SER D 469 -6.40 22.53 23.51
CA SER D 469 -7.73 23.03 23.80
C SER D 469 -8.65 21.87 24.12
N THR D 470 -8.46 20.75 23.42
CA THR D 470 -9.34 19.60 23.65
C THR D 470 -8.89 18.79 24.85
N ASP D 471 -9.84 18.06 25.43
CA ASP D 471 -9.52 17.08 26.47
C ASP D 471 -10.07 15.74 26.04
N PRO D 472 -9.17 14.80 25.69
CA PRO D 472 -7.72 15.01 25.65
C PRO D 472 -7.28 15.75 24.39
N GLY D 473 -6.08 16.31 24.43
CA GLY D 473 -5.51 16.92 23.24
C GLY D 473 -5.26 15.84 22.22
N HIS D 474 -5.18 16.21 20.94
CA HIS D 474 -4.98 15.20 19.92
C HIS D 474 -4.01 15.63 18.84
N TYR D 475 -3.39 14.65 18.20
CA TYR D 475 -2.46 14.99 17.15
C TYR D 475 -3.25 15.24 15.90
N ALA D 476 -2.72 16.11 15.07
CA ALA D 476 -3.39 16.45 13.84
C ALA D 476 -2.34 16.33 12.75
N ILE D 477 -2.60 15.45 11.79
CA ILE D 477 -1.62 15.09 10.77
C ILE D 477 -2.11 15.53 9.39
N PHE D 478 -1.20 16.05 8.57
CA PHE D 478 -1.63 16.73 7.35
C PHE D 478 -0.87 16.33 6.11
N TRP D 479 -1.64 16.13 5.05
CA TRP D 479 -1.11 15.52 3.87
C TRP D 479 -1.35 16.31 2.60
N GLU D 480 -0.34 16.34 1.76
CA GLU D 480 -0.53 16.80 0.40
C GLU D 480 -0.15 15.67 -0.53
N ILE D 481 -1.15 15.20 -1.26
CA ILE D 481 -0.98 14.09 -2.19
C ILE D 481 -1.27 14.59 -3.59
N SER D 482 -1.28 13.70 -4.57
CA SER D 482 -1.44 14.15 -5.96
C SER D 482 -2.83 13.98 -6.54
N GLY D 483 -3.77 13.41 -5.79
CA GLY D 483 -5.11 13.17 -6.33
C GLY D 483 -6.25 12.94 -5.35
N GLU D 484 -7.48 13.11 -5.85
CA GLU D 484 -8.68 12.93 -5.03
C GLU D 484 -9.01 11.45 -4.84
N THR D 485 -9.34 11.06 -3.62
CA THR D 485 -9.94 9.74 -3.39
C THR D 485 -11.00 9.76 -2.31
N ASN D 486 -11.48 8.57 -1.95
CA ASN D 486 -12.56 8.44 -1.00
C ASN D 486 -12.08 8.48 0.44
N GLU D 487 -13.02 8.59 1.34
CA GLU D 487 -12.71 8.72 2.75
C GLU D 487 -12.19 7.45 3.40
N ASP D 488 -12.78 6.32 3.02
CA ASP D 488 -12.52 5.07 3.71
C ASP D 488 -11.01 4.78 3.79
N VAL D 489 -10.30 4.97 2.68
CA VAL D 489 -8.84 4.79 2.69
C VAL D 489 -8.13 5.81 3.58
N LEU D 490 -8.65 7.03 3.62
CA LEU D 490 -8.00 8.09 4.38
C LEU D 490 -8.16 7.85 5.87
N GLN D 491 -9.34 7.37 6.26
CA GLN D 491 -9.59 6.97 7.63
C GLN D 491 -8.62 5.85 7.95
N ASP D 492 -8.54 4.87 7.05
CA ASP D 492 -7.55 3.82 7.16
C ASP D 492 -6.18 4.43 7.41
N CYS D 493 -5.78 5.37 6.55
CA CYS D 493 -4.46 5.98 6.64
C CYS D 493 -4.21 6.66 7.97
N CYS D 494 -5.22 7.36 8.48
CA CYS D 494 -5.11 8.05 9.78
C CYS D 494 -4.70 7.02 10.81
N ASN D 495 -5.39 5.88 10.76
CA ASN D 495 -5.04 4.76 11.59
C ASN D 495 -3.55 4.43 11.44
N CYS D 496 -3.03 4.38 10.22
CA CYS D 496 -1.64 3.99 10.03
C CYS D 496 -0.63 4.99 10.52
N LEU D 497 -0.96 6.27 10.40
CA LEU D 497 -0.11 7.29 10.96
C LEU D 497 -0.01 7.01 12.46
N ASP D 498 -1.11 6.53 13.06
CA ASP D 498 -1.12 6.09 14.46
C ASP D 498 -0.21 4.88 14.66
N ARG D 499 -0.31 3.92 13.74
CA ARG D 499 0.45 2.68 13.85
C ARG D 499 1.88 2.86 13.48
N ALA D 500 2.23 4.02 12.95
CA ALA D 500 3.58 4.21 12.46
C ALA D 500 4.45 4.96 13.44
N PHE D 501 3.82 5.65 14.39
CA PHE D 501 4.57 6.29 15.45
C PHE D 501 5.14 5.21 16.34
N ILE D 502 6.37 4.85 16.01
CA ILE D 502 7.01 3.60 16.35
C ILE D 502 7.37 3.47 17.85
N ASP D 503 7.59 4.61 18.51
CA ASP D 503 8.12 4.58 19.87
C ASP D 503 7.12 4.11 20.93
N ALA D 504 7.65 3.54 22.01
CA ALA D 504 6.87 2.91 23.08
C ALA D 504 5.86 3.78 23.85
N GLY D 505 6.11 5.06 23.99
CA GLY D 505 5.30 5.85 24.91
C GLY D 505 4.02 6.49 24.43
N TYR D 506 4.10 7.03 23.23
CA TYR D 506 3.00 7.64 22.54
C TYR D 506 1.88 6.64 22.61
N VAL D 507 2.25 5.38 22.42
CA VAL D 507 1.33 4.27 22.43
C VAL D 507 0.77 4.02 23.81
N SER D 508 1.57 4.17 24.85
CA SER D 508 1.02 3.87 26.17
C SER D 508 -0.06 4.84 26.60
N SER D 509 0.18 6.13 26.44
CA SER D 509 -0.88 7.05 26.82
C SER D 509 -1.98 6.98 25.82
N ARG D 510 -1.64 7.03 24.55
CA ARG D 510 -2.68 7.07 23.54
C ARG D 510 -3.45 5.75 23.61
N LYS D 511 -2.80 4.65 24.02
CA LYS D 511 -3.55 3.45 24.40
C LYS D 511 -4.45 3.75 25.58
N CYS D 512 -3.90 4.42 26.57
CA CYS D 512 -4.70 4.75 27.72
C CYS D 512 -5.56 5.99 27.38
N LYS D 513 -5.21 6.66 26.28
CA LYS D 513 -6.03 7.75 25.72
C LYS D 513 -6.03 9.05 26.53
N THR D 514 -4.94 9.36 27.24
CA THR D 514 -4.93 10.63 27.97
C THR D 514 -4.47 11.78 27.08
N ILE D 515 -3.86 11.45 25.95
CA ILE D 515 -3.81 12.38 24.83
C ILE D 515 -4.56 11.69 23.70
N GLY D 516 -5.47 12.42 23.07
CA GLY D 516 -6.45 11.85 22.17
C GLY D 516 -5.95 11.28 20.86
N ALA D 517 -6.85 10.57 20.20
CA ALA D 517 -6.58 9.94 18.92
C ALA D 517 -6.06 10.95 17.91
N LEU D 518 -5.02 10.60 17.17
CA LEU D 518 -4.57 11.43 16.05
C LEU D 518 -5.71 11.81 15.12
N GLU D 519 -5.77 13.08 14.78
CA GLU D 519 -6.75 13.52 13.81
C GLU D 519 -6.04 13.70 12.48
N LEU D 520 -6.31 12.84 11.50
CA LEU D 520 -5.74 13.07 10.17
C LEU D 520 -6.68 13.92 9.39
N ARG D 521 -6.21 15.13 9.12
CA ARG D 521 -6.91 16.06 8.28
C ARG D 521 -6.15 16.01 6.98
N VAL D 522 -6.71 15.31 5.99
CA VAL D 522 -6.06 15.25 4.70
C VAL D 522 -6.37 16.55 4.01
N VAL D 523 -5.33 17.32 3.76
CA VAL D 523 -5.49 18.64 3.20
C VAL D 523 -5.13 18.62 1.72
N ALA D 524 -5.42 19.71 1.02
CA ALA D 524 -5.41 19.64 -0.43
C ALA D 524 -4.14 20.20 -1.06
N LYS D 525 -3.99 19.96 -2.36
CA LYS D 525 -2.79 20.31 -3.13
C LYS D 525 -2.40 21.78 -3.04
N GLY D 526 -1.09 22.02 -3.12
CA GLY D 526 -0.56 23.37 -3.18
C GLY D 526 -0.36 23.99 -1.82
N THR D 527 -0.84 23.29 -0.79
CA THR D 527 -0.83 23.80 0.59
C THR D 527 0.57 24.00 1.13
N PHE D 528 1.36 22.93 1.08
CA PHE D 528 2.72 22.98 1.55
C PHE D 528 3.54 23.79 0.57
N ARG D 529 3.00 23.91 -0.63
CA ARG D 529 3.55 24.79 -1.65
C ARG D 529 3.28 26.24 -1.26
N LYS D 530 2.14 26.50 -0.62
CA LYS D 530 1.86 27.82 -0.04
C LYS D 530 2.91 28.13 1.02
N ILE D 531 3.46 27.08 1.60
CA ILE D 531 4.39 27.24 2.69
C ILE D 531 5.77 27.66 2.20
N GLN D 532 6.29 26.97 1.20
CA GLN D 532 7.57 27.39 0.67
C GLN D 532 7.42 28.73 -0.02
N GLU D 533 6.32 28.93 -0.75
CA GLU D 533 6.10 30.18 -1.49
C GLU D 533 6.04 31.43 -0.65
N HIS D 534 5.46 31.35 0.53
CA HIS D 534 5.54 32.51 1.40
C HIS D 534 6.98 32.62 1.90
N PHE D 535 7.66 31.50 1.99
CA PHE D 535 8.97 31.48 2.65
C PHE D 535 10.18 31.92 1.85
N LEU D 536 10.29 31.59 0.57
CA LEU D 536 11.49 32.03 -0.14
C LEU D 536 11.48 33.52 -0.31
N GLY D 537 10.30 34.08 -0.53
CA GLY D 537 10.15 35.50 -0.71
C GLY D 537 10.28 36.18 0.62
N LEU D 538 10.08 35.42 1.69
CA LEU D 538 10.19 35.92 3.06
C LEU D 538 11.44 36.75 3.18
N GLY D 539 11.22 38.03 3.48
CA GLY D 539 12.25 39.03 3.29
C GLY D 539 13.41 38.89 4.24
N SER D 540 14.55 38.55 3.66
CA SER D 540 15.80 38.23 4.35
C SER D 540 16.85 37.68 3.37
N SER D 541 16.88 36.36 3.17
CA SER D 541 17.70 35.74 2.12
C SER D 541 17.17 34.32 1.90
N ALA D 542 17.38 33.78 0.68
CA ALA D 542 16.65 32.61 0.20
C ALA D 542 16.75 31.35 1.08
N GLY D 543 17.28 31.47 2.29
CA GLY D 543 17.38 30.31 3.16
C GLY D 543 16.14 30.18 4.03
N GLN D 544 15.07 29.61 3.49
CA GLN D 544 13.80 29.57 4.20
C GLN D 544 12.84 28.43 3.78
N PHE D 545 13.31 27.23 3.49
CA PHE D 545 12.35 26.27 2.95
C PHE D 545 12.16 24.96 3.73
N LYS D 546 13.05 24.65 4.67
CA LYS D 546 12.79 23.46 5.49
C LYS D 546 11.59 23.76 6.35
N MET D 547 10.40 23.53 5.80
CA MET D 547 9.17 23.75 6.55
C MET D 547 9.18 22.87 7.79
N PRO D 548 8.81 23.44 8.94
CA PRO D 548 8.78 22.69 10.20
C PRO D 548 7.69 21.62 10.22
N ARG D 549 7.91 20.55 10.98
CA ARG D 549 7.18 19.32 10.76
C ARG D 549 6.03 19.04 11.74
N CYS D 550 5.94 19.79 12.83
CA CYS D 550 4.78 19.66 13.71
C CYS D 550 4.62 20.87 14.62
N VAL D 551 3.41 21.40 14.66
CA VAL D 551 3.17 22.63 15.43
C VAL D 551 2.64 22.38 16.84
N LYS D 552 3.48 22.65 17.83
CA LYS D 552 2.99 22.89 19.20
C LYS D 552 2.32 24.23 19.07
N PRO D 553 1.40 24.58 19.98
CA PRO D 553 0.76 25.89 19.76
C PRO D 553 1.74 27.08 19.69
N SER D 554 2.81 26.92 18.90
CA SER D 554 3.71 28.03 18.59
C SER D 554 4.17 28.05 17.12
N ASN D 555 3.54 27.27 16.24
CA ASN D 555 3.66 27.50 14.79
C ASN D 555 2.32 28.00 14.26
N ALA D 556 2.37 29.01 13.40
CA ALA D 556 1.18 29.82 13.11
C ALA D 556 0.68 29.72 11.70
N LYS D 557 1.63 29.83 10.80
CA LYS D 557 1.41 30.08 9.40
C LYS D 557 0.83 28.84 8.70
N VAL D 558 1.36 27.67 8.98
CA VAL D 558 0.77 26.46 8.41
C VAL D 558 -0.57 26.13 9.07
N LEU D 559 -0.80 26.58 10.31
CA LEU D 559 -2.02 26.12 11.00
C LEU D 559 -3.31 26.89 10.66
N GLN D 560 -3.24 28.16 10.27
CA GLN D 560 -4.49 28.81 9.84
C GLN D 560 -4.98 28.07 8.63
N ILE D 561 -4.06 27.96 7.70
CA ILE D 561 -4.21 27.23 6.47
C ILE D 561 -4.37 25.73 6.76
N LEU D 562 -4.27 25.34 8.02
CA LEU D 562 -4.45 23.94 8.34
C LEU D 562 -5.92 23.51 8.31
N CYS D 563 -6.75 24.18 9.10
CA CYS D 563 -8.08 23.63 9.39
C CYS D 563 -9.09 23.62 8.23
N GLU D 564 -9.28 24.73 7.52
CA GLU D 564 -10.45 24.80 6.66
C GLU D 564 -10.43 23.93 5.38
N ASN D 565 -9.27 23.57 4.83
CA ASN D 565 -9.32 22.57 3.75
C ASN D 565 -9.08 21.22 4.32
N VAL D 566 -9.83 20.94 5.36
CA VAL D 566 -10.34 19.61 5.51
C VAL D 566 -11.01 19.33 4.17
N VAL D 567 -10.30 18.67 3.26
CA VAL D 567 -10.98 18.12 2.12
C VAL D 567 -11.66 16.92 2.72
N SER D 568 -11.03 16.39 3.75
CA SER D 568 -11.63 15.45 4.68
C SER D 568 -10.87 15.49 6.02
N SER D 569 -11.59 15.30 7.12
CA SER D 569 -10.97 15.34 8.44
C SER D 569 -11.51 14.23 9.28
N TYR D 570 -10.63 13.35 9.76
CA TYR D 570 -11.15 12.22 10.49
C TYR D 570 -10.39 11.91 11.75
N PHE D 571 -11.14 11.28 12.66
CA PHE D 571 -10.66 10.89 13.96
C PHE D 571 -10.70 9.37 13.95
N SER D 572 -9.68 8.74 14.54
CA SER D 572 -9.57 7.29 14.54
C SER D 572 -10.88 6.63 14.99
N THR D 573 -11.51 5.92 14.06
CA THR D 573 -12.68 5.12 14.38
C THR D 573 -12.20 3.84 15.06
N ALA D 574 -10.89 3.66 15.03
CA ALA D 574 -10.25 2.66 15.88
C ALA D 574 -10.32 3.10 17.33
N PHE D 575 -9.39 2.60 18.12
CA PHE D 575 -9.33 2.94 19.54
C PHE D 575 -10.66 2.69 20.25
N LEU E 10 -2.62 57.29 55.02
CA LEU E 10 -3.29 57.07 53.74
C LEU E 10 -4.13 58.26 53.31
N PRO E 11 -3.82 58.79 52.10
CA PRO E 11 -4.65 59.79 51.41
C PRO E 11 -6.03 59.21 51.14
N ILE E 12 -7.09 60.02 51.17
CA ILE E 12 -8.40 59.45 50.92
C ILE E 12 -9.02 59.90 49.60
N LEU E 13 -9.62 58.96 48.88
CA LEU E 13 -10.26 59.26 47.62
C LEU E 13 -11.78 59.23 47.73
N LEU E 14 -12.41 60.17 47.02
CA LEU E 14 -13.86 60.26 46.96
C LEU E 14 -14.35 59.60 45.69
N ASP E 15 -15.18 58.58 45.80
CA ASP E 15 -15.48 57.77 44.62
C ASP E 15 -16.89 57.21 44.50
N TYR E 16 -17.08 56.45 43.43
CA TYR E 16 -18.36 55.89 43.04
C TYR E 16 -18.10 54.60 42.26
N TRP E 17 -18.44 53.46 42.86
CA TRP E 17 -17.96 52.16 42.42
C TRP E 17 -18.10 51.87 40.91
N PRO E 18 -19.18 52.35 40.26
CA PRO E 18 -19.14 51.97 38.85
C PRO E 18 -18.64 53.05 37.89
N SER E 19 -17.98 54.09 38.38
CA SER E 19 -17.50 55.18 37.51
C SER E 19 -16.17 54.86 36.83
N MET E 20 -16.08 55.18 35.55
CA MET E 20 -14.86 55.01 34.74
C MET E 20 -13.67 55.75 35.32
N PHE E 21 -13.96 56.91 35.90
CA PHE E 21 -12.94 57.89 36.22
C PHE E 21 -12.34 57.63 37.58
N GLY E 22 -13.21 57.32 38.54
CA GLY E 22 -12.77 56.93 39.87
C GLY E 22 -12.06 55.61 39.83
N MET E 23 -12.25 54.87 38.73
CA MET E 23 -11.42 53.71 38.46
C MET E 23 -10.03 54.11 37.95
N ARG E 24 -9.94 55.16 37.13
CA ARG E 24 -8.62 55.62 36.67
C ARG E 24 -7.76 55.91 37.88
N ALA E 25 -8.38 56.59 38.84
CA ALA E 25 -7.70 56.96 40.07
C ALA E 25 -7.18 55.75 40.84
N ARG E 26 -8.06 54.79 41.12
CA ARG E 26 -7.66 53.55 41.79
C ARG E 26 -6.57 52.81 41.03
N VAL E 27 -6.70 52.75 39.71
CA VAL E 27 -5.72 52.04 38.88
C VAL E 27 -4.33 52.59 39.13
N ALA E 28 -4.19 53.92 39.07
CA ALA E 28 -2.89 54.59 39.25
C ALA E 28 -2.26 54.33 40.63
N LEU E 29 -3.02 54.54 41.70
CA LEU E 29 -2.47 54.34 43.04
C LEU E 29 -2.06 52.89 43.26
N ARG E 30 -2.90 51.97 42.81
CA ARG E 30 -2.62 50.54 42.96
C ARG E 30 -1.48 50.08 42.07
N GLU E 31 -1.29 50.74 40.93
CA GLU E 31 -0.19 50.40 40.04
C GLU E 31 1.14 50.57 40.76
N LYS E 32 1.18 51.55 41.65
CA LYS E 32 2.38 51.81 42.44
C LYS E 32 2.54 50.85 43.59
N GLY E 33 1.83 51.14 44.67
CA GLY E 33 2.04 50.45 45.93
C GLY E 33 1.78 51.49 47.00
N VAL E 34 0.91 52.44 46.67
CA VAL E 34 0.45 53.45 47.60
C VAL E 34 -0.83 52.99 48.30
N GLU E 35 -0.83 53.10 49.62
CA GLU E 35 -1.93 52.61 50.42
C GLU E 35 -2.93 53.70 50.70
N PHE E 36 -4.21 53.37 50.52
CA PHE E 36 -5.22 54.40 50.39
C PHE E 36 -6.58 53.97 50.89
N GLU E 37 -7.28 54.87 51.57
CA GLU E 37 -8.64 54.57 51.96
C GLU E 37 -9.65 54.96 50.88
N TYR E 38 -10.43 53.97 50.48
CA TYR E 38 -11.47 54.12 49.47
C TYR E 38 -12.76 54.62 50.11
N ARG E 39 -13.41 55.60 49.49
CA ARG E 39 -14.65 56.13 50.04
C ARG E 39 -15.76 56.22 48.98
N GLU E 40 -16.81 55.45 49.21
CA GLU E 40 -17.98 55.45 48.33
C GLU E 40 -18.88 56.65 48.57
N GLU E 41 -19.13 57.44 47.54
CA GLU E 41 -20.04 58.59 47.68
C GLU E 41 -21.48 58.29 47.29
N ASP E 42 -22.38 58.99 47.97
CA ASP E 42 -23.83 58.95 47.74
C ASP E 42 -24.26 60.32 47.21
N PHE E 43 -24.41 60.46 45.89
CA PHE E 43 -24.59 61.82 45.32
C PHE E 43 -25.94 62.43 45.65
N SER E 44 -26.78 61.65 46.29
CA SER E 44 -28.04 62.08 46.83
C SER E 44 -27.86 62.49 48.29
N ASN E 45 -26.78 62.03 48.89
CA ASN E 45 -26.49 62.33 50.28
C ASN E 45 -24.99 62.38 50.49
N LYS E 46 -24.38 63.41 49.92
CA LYS E 46 -22.93 63.57 49.90
C LYS E 46 -22.29 63.98 51.23
N SER E 47 -21.22 63.29 51.63
CA SER E 47 -20.57 63.58 52.91
C SER E 47 -20.01 65.00 52.89
N PRO E 48 -19.90 65.63 54.07
CA PRO E 48 -19.33 66.97 54.22
C PRO E 48 -17.96 67.16 53.57
N LEU E 49 -17.21 66.08 53.35
CA LEU E 49 -15.83 66.21 52.87
C LEU E 49 -15.70 66.68 51.41
N LEU E 50 -16.57 66.17 50.53
CA LEU E 50 -16.60 66.60 49.13
C LEU E 50 -17.44 67.87 49.04
N LEU E 51 -18.22 68.13 50.10
CA LEU E 51 -18.95 69.38 50.25
C LEU E 51 -18.02 70.52 50.64
N GLN E 52 -16.86 70.16 51.17
CA GLN E 52 -15.84 71.13 51.58
C GLN E 52 -14.64 71.14 50.63
N SER E 53 -14.40 70.01 49.98
CA SER E 53 -13.28 69.84 49.04
C SER E 53 -13.58 70.45 47.68
N ASN E 54 -14.75 70.13 47.17
CA ASN E 54 -15.18 70.60 45.86
C ASN E 54 -16.46 71.40 45.98
N PRO E 55 -16.34 72.68 46.34
CA PRO E 55 -17.49 73.58 46.50
C PRO E 55 -18.18 73.89 45.18
N ILE E 56 -17.74 73.22 44.13
CA ILE E 56 -17.95 73.65 42.76
C ILE E 56 -18.74 72.64 41.92
N HIS E 57 -18.06 71.61 41.45
CA HIS E 57 -18.70 70.48 40.78
C HIS E 57 -19.38 69.58 41.80
N LYS E 58 -18.77 69.49 42.98
CA LYS E 58 -18.87 68.34 43.88
C LYS E 58 -19.08 67.02 43.11
N LYS E 59 -18.11 66.69 42.26
CA LYS E 59 -18.10 65.41 41.54
C LYS E 59 -16.96 64.53 42.07
N ILE E 60 -16.91 63.28 41.63
CA ILE E 60 -15.87 62.35 42.02
C ILE E 60 -14.94 62.10 40.83
N PRO E 61 -13.66 61.71 41.07
CA PRO E 61 -12.90 61.43 42.31
C PRO E 61 -12.14 62.61 42.92
N VAL E 62 -11.88 62.52 44.23
CA VAL E 62 -11.13 63.55 44.95
C VAL E 62 -10.15 62.93 45.97
N LEU E 63 -8.84 63.02 45.70
CA LEU E 63 -7.86 62.41 46.61
C LEU E 63 -7.09 63.44 47.43
N VAL E 64 -7.38 63.48 48.74
CA VAL E 64 -6.73 64.39 49.66
C VAL E 64 -5.40 63.80 50.16
N HIS E 65 -4.30 64.43 49.78
CA HIS E 65 -2.98 64.06 50.30
C HIS E 65 -2.37 65.33 50.83
N ASN E 66 -1.59 65.25 51.91
CA ASN E 66 -1.01 66.43 52.59
C ASN E 66 -2.10 67.28 53.26
N GLY E 67 -3.35 66.85 53.13
CA GLY E 67 -4.48 67.65 53.56
C GLY E 67 -4.85 68.58 52.43
N LYS E 68 -4.59 68.12 51.21
CA LYS E 68 -4.83 68.94 50.03
C LYS E 68 -5.45 68.07 48.94
N PRO E 69 -6.78 68.21 48.73
CA PRO E 69 -7.60 67.49 47.76
C PRO E 69 -7.37 67.85 46.29
N VAL E 70 -7.23 66.83 45.44
CA VAL E 70 -7.33 67.03 44.01
C VAL E 70 -8.51 66.28 43.46
N CYS E 71 -9.37 67.01 42.75
CA CYS E 71 -10.53 66.43 42.10
C CYS E 71 -10.21 66.18 40.63
N GLU E 72 -11.18 65.68 39.87
CA GLU E 72 -10.99 65.23 38.47
C GLU E 72 -10.16 63.95 38.42
N SER E 73 -10.28 63.21 37.31
CA SER E 73 -9.64 61.90 37.19
C SER E 73 -8.31 61.93 36.44
N LEU E 74 -8.28 62.56 35.27
CA LEU E 74 -7.02 62.71 34.54
C LEU E 74 -6.05 63.64 35.27
N ASN E 75 -6.59 64.62 35.99
CA ASN E 75 -5.73 65.48 36.80
C ASN E 75 -5.21 64.65 37.96
N VAL E 76 -6.04 63.72 38.43
CA VAL E 76 -5.64 62.80 39.47
C VAL E 76 -4.47 61.92 39.03
N VAL E 77 -4.50 61.41 37.81
CA VAL E 77 -3.44 60.49 37.40
C VAL E 77 -2.18 61.28 37.02
N GLN E 78 -2.32 62.59 36.87
CA GLN E 78 -1.15 63.40 36.58
C GLN E 78 -0.34 63.73 37.82
N TYR E 79 -1.00 64.18 38.90
CA TYR E 79 -0.23 64.44 40.12
C TYR E 79 0.15 63.14 40.84
N VAL E 80 -0.61 62.08 40.61
CA VAL E 80 -0.30 60.80 41.23
C VAL E 80 1.05 60.33 40.68
N ASP E 81 1.36 60.78 39.47
CA ASP E 81 2.64 60.49 38.86
C ASP E 81 3.73 61.40 39.41
N GLU E 82 3.45 62.70 39.45
CA GLU E 82 4.43 63.68 39.90
C GLU E 82 4.75 63.56 41.38
N ALA E 83 3.74 63.21 42.19
CA ALA E 83 3.96 63.01 43.61
C ALA E 83 4.65 61.68 43.90
N TRP E 84 4.55 60.72 42.99
CA TRP E 84 5.26 59.46 43.17
C TRP E 84 6.13 59.09 41.96
N PRO E 85 7.23 59.83 41.73
CA PRO E 85 8.08 59.52 40.60
C PRO E 85 9.31 58.69 40.97
N GLU E 86 9.13 57.64 41.76
CA GLU E 86 10.31 56.93 42.24
C GLU E 86 10.44 55.48 41.79
N LYS E 87 9.33 54.86 41.39
CA LYS E 87 9.36 53.45 40.97
C LYS E 87 8.81 53.21 39.56
N ASN E 88 7.55 53.55 39.34
CA ASN E 88 6.92 53.40 38.04
C ASN E 88 6.61 54.75 37.40
N PRO E 89 7.43 55.18 36.44
CA PRO E 89 6.92 56.37 35.76
C PRO E 89 5.80 55.98 34.81
N PHE E 90 4.76 56.81 34.78
CA PHE E 90 3.63 56.59 33.88
C PHE E 90 3.94 57.12 32.48
N PHE E 91 4.75 58.17 32.44
CA PHE E 91 5.00 58.89 31.19
C PHE E 91 6.38 58.51 30.66
N PRO E 92 6.65 58.78 29.38
CA PRO E 92 8.05 58.76 28.95
C PRO E 92 8.77 59.94 29.59
N SER E 93 10.09 60.01 29.47
CA SER E 93 10.81 61.07 30.11
C SER E 93 10.70 62.33 29.25
N ASP E 94 10.46 62.11 27.97
CA ASP E 94 10.49 63.15 26.95
C ASP E 94 9.14 63.87 26.76
N PRO E 95 9.18 65.18 26.43
CA PRO E 95 8.04 66.10 26.32
C PRO E 95 6.94 65.71 25.33
N TYR E 96 7.28 65.60 24.06
CA TYR E 96 6.33 65.26 23.01
C TYR E 96 5.58 63.96 23.34
N GLY E 97 6.25 63.04 24.03
CA GLY E 97 5.75 61.71 24.27
C GLY E 97 4.74 61.67 25.39
N ARG E 98 5.10 62.23 26.54
CA ARG E 98 4.22 62.29 27.71
C ARG E 98 2.94 63.04 27.36
N ALA E 99 3.01 63.73 26.25
CA ALA E 99 1.95 64.60 25.82
C ALA E 99 1.18 64.07 24.61
N GLN E 100 1.80 63.21 23.81
CA GLN E 100 1.04 62.45 22.82
C GLN E 100 -0.01 61.65 23.59
N ALA E 101 0.31 61.26 24.83
CA ALA E 101 -0.66 60.60 25.69
C ALA E 101 -1.72 61.57 26.22
N ARG E 102 -1.32 62.80 26.50
CA ARG E 102 -2.26 63.80 27.02
C ARG E 102 -3.19 64.24 25.90
N PHE E 103 -2.64 64.28 24.69
CA PHE E 103 -3.44 64.34 23.48
C PHE E 103 -4.49 63.26 23.49
N TRP E 104 -4.02 62.05 23.75
CA TRP E 104 -4.88 60.89 23.67
C TRP E 104 -5.78 60.84 24.89
N ALA E 105 -5.31 61.42 26.00
CA ALA E 105 -6.13 61.54 27.18
C ALA E 105 -7.25 62.54 26.91
N ASP E 106 -6.98 63.50 26.04
CA ASP E 106 -8.01 64.43 25.63
C ASP E 106 -8.97 63.74 24.68
N PHE E 107 -8.47 62.76 23.93
CA PHE E 107 -9.29 62.05 22.95
C PHE E 107 -10.26 61.04 23.58
N VAL E 108 -9.76 60.15 24.42
CA VAL E 108 -10.64 59.16 25.04
C VAL E 108 -11.60 59.84 26.01
N ASP E 109 -11.11 60.83 26.77
CA ASP E 109 -11.95 61.46 27.76
C ASP E 109 -13.16 62.17 27.14
N LYS E 110 -13.02 62.71 25.93
CA LYS E 110 -14.14 63.37 25.28
C LYS E 110 -14.87 62.49 24.27
N LYS E 111 -14.49 62.62 23.00
CA LYS E 111 -15.09 61.87 21.89
C LYS E 111 -15.45 60.43 22.26
N PHE E 112 -14.55 59.75 22.95
CA PHE E 112 -14.79 58.37 23.30
C PHE E 112 -15.89 58.22 24.34
N THR E 113 -15.86 59.05 25.39
CA THR E 113 -16.89 58.99 26.42
C THR E 113 -18.22 59.49 25.88
N ASP E 114 -18.17 60.43 24.93
CA ASP E 114 -19.40 60.90 24.32
C ASP E 114 -20.06 59.82 23.50
N ALA E 115 -19.29 59.22 22.60
CA ALA E 115 -19.81 58.16 21.73
C ALA E 115 -20.30 56.96 22.53
N GLN E 116 -19.57 56.62 23.60
CA GLN E 116 -19.94 55.49 24.42
C GLN E 116 -21.08 55.83 25.36
N PHE E 117 -21.13 57.07 25.83
CA PHE E 117 -22.22 57.51 26.69
C PHE E 117 -23.53 57.36 25.95
N LYS E 118 -23.48 57.66 24.65
CA LYS E 118 -24.63 57.49 23.78
C LYS E 118 -24.86 56.02 23.46
N VAL E 119 -23.83 55.19 23.61
CA VAL E 119 -24.01 53.75 23.49
C VAL E 119 -24.82 53.19 24.67
N TRP E 120 -24.39 53.47 25.90
CA TRP E 120 -25.04 52.87 27.07
C TRP E 120 -26.20 53.70 27.65
N GLY E 121 -26.26 54.99 27.35
CA GLY E 121 -27.25 55.85 27.98
C GLY E 121 -28.40 56.35 27.11
N LYS E 122 -28.38 56.05 25.81
CA LYS E 122 -29.42 56.57 24.91
C LYS E 122 -29.98 55.53 23.97
N LYS E 123 -31.02 55.91 23.23
CA LYS E 123 -31.74 54.97 22.37
C LYS E 123 -31.94 55.52 20.96
N GLY E 124 -32.00 54.62 19.98
CA GLY E 124 -32.36 55.02 18.62
C GLY E 124 -31.25 55.61 17.78
N GLU E 125 -31.50 56.80 17.23
CA GLU E 125 -30.58 57.39 16.27
C GLU E 125 -29.28 57.80 16.97
N GLU E 126 -29.38 58.24 18.21
CA GLU E 126 -28.18 58.53 19.02
C GLU E 126 -27.43 57.24 19.32
N GLN E 127 -28.16 56.16 19.52
CA GLN E 127 -27.56 54.88 19.83
C GLN E 127 -26.84 54.33 18.61
N GLU E 128 -27.42 54.55 17.43
CA GLU E 128 -26.85 54.06 16.18
C GLU E 128 -25.65 54.88 15.71
N ALA E 129 -25.78 56.19 15.78
CA ALA E 129 -24.66 57.08 15.50
C ALA E 129 -23.59 56.83 16.57
N GLY E 130 -24.04 56.66 17.81
CA GLY E 130 -23.15 56.34 18.90
C GLY E 130 -22.40 55.06 18.58
N LYS E 131 -23.10 54.12 17.96
CA LYS E 131 -22.51 52.88 17.48
C LYS E 131 -21.39 53.16 16.48
N LYS E 132 -21.76 53.78 15.35
CA LYS E 132 -20.78 54.13 14.33
C LYS E 132 -19.63 54.94 14.90
N GLU E 133 -19.96 55.95 15.71
CA GLU E 133 -18.95 56.82 16.32
C GLU E 133 -18.04 56.06 17.29
N PHE E 134 -18.59 55.06 17.98
CA PHE E 134 -17.79 54.30 18.94
C PHE E 134 -16.82 53.34 18.26
N ILE E 135 -17.28 52.65 17.23
CA ILE E 135 -16.39 51.71 16.54
C ILE E 135 -15.35 52.48 15.75
N GLU E 136 -15.71 53.65 15.24
CA GLU E 136 -14.74 54.53 14.60
C GLU E 136 -13.70 55.02 15.59
N ALA E 137 -14.14 55.48 16.76
CA ALA E 137 -13.21 55.92 17.79
C ALA E 137 -12.28 54.78 18.16
N VAL E 138 -12.86 53.63 18.50
CA VAL E 138 -12.10 52.43 18.81
C VAL E 138 -11.14 52.06 17.68
N LYS E 139 -11.59 52.26 16.44
CA LYS E 139 -10.74 52.02 15.26
C LYS E 139 -9.49 52.90 15.30
N ILE E 140 -9.68 54.16 15.66
CA ILE E 140 -8.57 55.10 15.78
C ILE E 140 -7.67 54.77 16.98
N LEU E 141 -8.24 54.23 18.05
CA LEU E 141 -7.47 53.72 19.20
C LEU E 141 -6.48 52.64 18.78
N GLU E 142 -7.05 51.63 18.13
CA GLU E 142 -6.33 50.52 17.54
C GLU E 142 -5.28 50.97 16.54
N SER E 143 -5.64 51.93 15.69
CA SER E 143 -4.73 52.46 14.67
C SER E 143 -3.57 53.26 15.26
N GLU E 144 -3.87 54.13 16.23
CA GLU E 144 -2.80 54.93 16.85
C GLU E 144 -1.84 54.00 17.55
N LEU E 145 -2.34 52.95 18.16
CA LEU E 145 -1.42 52.03 18.81
C LEU E 145 -0.43 51.43 17.82
N GLY E 146 -0.66 51.62 16.51
CA GLY E 146 0.21 51.11 15.46
C GLY E 146 0.08 49.61 15.52
N ASP E 147 0.70 49.06 16.56
CA ASP E 147 0.06 48.09 17.43
C ASP E 147 0.95 47.91 18.65
N LYS E 148 0.53 48.55 19.76
CA LYS E 148 1.26 48.62 21.04
C LYS E 148 0.71 47.72 22.14
N PRO E 149 1.58 47.30 23.07
CA PRO E 149 1.07 46.55 24.21
C PRO E 149 0.36 47.49 25.16
N TYR E 150 0.85 48.72 25.25
CA TYR E 150 0.21 49.75 26.04
C TYR E 150 0.09 51.05 25.27
N PHE E 151 0.37 52.13 25.97
CA PHE E 151 0.17 53.49 25.47
C PHE E 151 1.30 54.42 25.95
N GLY E 152 1.44 54.52 27.27
CA GLY E 152 2.09 55.65 27.91
C GLY E 152 3.53 55.55 28.40
N GLY E 153 4.13 54.38 28.32
CA GLY E 153 5.49 54.23 28.78
C GLY E 153 5.99 52.85 28.44
N ASP E 154 7.13 52.47 28.98
CA ASP E 154 7.68 51.15 28.72
C ASP E 154 6.73 50.07 29.20
N SER E 155 6.05 50.37 30.31
CA SER E 155 5.08 49.47 30.90
C SER E 155 3.70 50.12 30.91
N PHE E 156 2.93 49.81 31.94
CA PHE E 156 1.63 50.43 32.17
C PHE E 156 1.80 51.94 32.11
N GLY E 157 0.97 52.60 31.32
CA GLY E 157 1.15 54.01 31.05
C GLY E 157 -0.01 54.88 31.49
N TYR E 158 0.14 56.16 31.21
CA TYR E 158 -0.82 57.21 31.55
C TYR E 158 -2.18 57.04 30.92
N VAL E 159 -2.20 57.15 29.60
CA VAL E 159 -3.44 57.18 28.88
C VAL E 159 -3.94 55.73 28.74
N ASP E 160 -3.06 54.78 29.03
CA ASP E 160 -3.48 53.41 29.31
C ASP E 160 -4.51 53.42 30.43
N ILE E 161 -4.10 53.96 31.58
CA ILE E 161 -4.97 54.13 32.74
C ILE E 161 -6.25 54.82 32.36
N SER E 162 -6.13 55.83 31.51
CA SER E 162 -7.28 56.64 31.10
C SER E 162 -8.36 55.79 30.45
N LEU E 163 -7.96 54.77 29.69
CA LEU E 163 -8.88 54.04 28.82
C LEU E 163 -9.30 52.64 29.30
N ILE E 164 -8.44 51.92 30.02
CA ILE E 164 -8.75 50.55 30.45
C ILE E 164 -9.99 50.48 31.33
N THR E 165 -10.23 51.51 32.13
CA THR E 165 -11.37 51.47 33.01
C THR E 165 -12.67 51.54 32.22
N PHE E 166 -12.55 51.69 30.90
CA PHE E 166 -13.68 51.59 30.00
C PHE E 166 -13.93 50.14 29.62
N SER E 167 -12.95 49.28 29.86
CA SER E 167 -13.08 47.86 29.55
C SER E 167 -14.06 47.17 30.49
N SER E 168 -14.17 47.69 31.71
CA SER E 168 -15.16 47.18 32.65
C SER E 168 -16.56 47.55 32.16
N TRP E 169 -16.59 48.37 31.11
CA TRP E 169 -17.83 48.71 30.45
C TRP E 169 -17.90 48.13 29.03
N PHE E 170 -16.80 47.55 28.55
CA PHE E 170 -16.76 46.98 27.20
C PHE E 170 -17.86 45.98 26.99
N GLN E 171 -18.09 45.16 28.01
CA GLN E 171 -19.16 44.16 27.96
C GLN E 171 -20.50 44.87 27.80
N ALA E 172 -20.67 45.97 28.52
CA ALA E 172 -21.87 46.79 28.41
C ALA E 172 -22.04 47.40 27.04
N TYR E 173 -20.92 47.66 26.36
CA TYR E 173 -20.98 48.27 25.04
C TYR E 173 -21.16 47.18 24.03
N GLU E 174 -21.01 45.95 24.48
CA GLU E 174 -21.13 44.81 23.59
C GLU E 174 -22.59 44.37 23.59
N LYS E 175 -23.35 44.80 24.59
CA LYS E 175 -24.76 44.42 24.65
C LYS E 175 -25.74 45.50 24.15
N PHE E 176 -25.61 46.73 24.65
CA PHE E 176 -26.49 47.82 24.20
C PHE E 176 -26.10 48.31 22.82
N GLY E 177 -24.82 48.14 22.47
CA GLY E 177 -24.35 48.47 21.13
C GLY E 177 -24.66 47.36 20.14
N ASN E 178 -24.80 46.14 20.64
CA ASN E 178 -25.08 44.96 19.80
C ASN E 178 -24.00 44.75 18.74
N PHE E 179 -22.76 45.01 19.11
CA PHE E 179 -21.64 44.82 18.19
C PHE E 179 -20.51 44.18 18.96
N SER E 180 -19.51 43.66 18.27
CA SER E 180 -18.35 43.13 18.97
C SER E 180 -17.17 44.07 18.77
N ILE E 181 -16.71 44.72 19.85
CA ILE E 181 -15.48 45.48 19.79
C ILE E 181 -14.35 44.52 19.46
N GLU E 182 -14.51 43.26 19.89
CA GLU E 182 -13.45 42.28 19.73
C GLU E 182 -13.42 41.73 18.31
N SER E 183 -14.56 41.65 17.64
CA SER E 183 -14.59 41.13 16.29
C SER E 183 -14.39 42.23 15.26
N GLU E 184 -14.16 43.45 15.74
CA GLU E 184 -13.83 44.57 14.88
C GLU E 184 -12.47 45.11 15.28
N SER E 185 -12.15 44.93 16.55
CA SER E 185 -10.82 45.24 17.08
C SER E 185 -10.55 44.36 18.29
N PRO E 186 -10.03 43.14 18.06
CA PRO E 186 -9.72 42.27 19.20
C PRO E 186 -8.54 42.81 19.95
N LYS E 187 -7.77 43.63 19.26
CA LYS E 187 -6.51 44.17 19.71
C LYS E 187 -6.67 45.15 20.86
N LEU E 188 -7.81 45.83 20.89
CA LEU E 188 -8.11 46.80 21.92
C LEU E 188 -8.70 46.13 23.14
N ILE E 189 -9.68 45.25 22.92
CA ILE E 189 -10.35 44.56 24.02
C ILE E 189 -9.35 43.64 24.70
N ALA E 190 -8.49 43.02 23.90
CA ALA E 190 -7.46 42.14 24.44
C ALA E 190 -6.26 42.91 24.99
N TRP E 191 -6.12 44.18 24.64
CA TRP E 191 -5.18 45.06 25.32
C TRP E 191 -5.66 45.23 26.75
N ALA E 192 -6.96 45.45 26.89
CA ALA E 192 -7.56 45.55 28.20
C ALA E 192 -7.41 44.25 29.00
N LYS E 193 -7.59 43.12 28.32
CA LYS E 193 -7.53 41.82 28.97
C LYS E 193 -6.11 41.42 29.39
N ARG E 194 -5.10 42.04 28.79
CA ARG E 194 -3.74 41.82 29.26
C ARG E 194 -3.55 42.58 30.55
N CYS E 195 -3.88 43.87 30.48
CA CYS E 195 -3.83 44.78 31.63
C CYS E 195 -4.65 44.26 32.79
N MET E 196 -5.52 43.29 32.49
CA MET E 196 -6.36 42.64 33.48
C MET E 196 -5.52 41.71 34.35
N GLU E 197 -4.33 41.36 33.88
CA GLU E 197 -3.42 40.54 34.69
C GLU E 197 -2.75 41.36 35.78
N LYS E 198 -2.83 42.69 35.67
CA LYS E 198 -2.24 43.56 36.69
C LYS E 198 -3.23 43.87 37.79
N GLU E 199 -2.79 43.78 39.03
CA GLU E 199 -3.72 43.95 40.15
C GLU E 199 -4.26 45.36 40.23
N SER E 200 -3.65 46.29 39.51
CA SER E 200 -4.14 47.65 39.44
C SER E 200 -5.47 47.67 38.70
N VAL E 201 -5.70 46.70 37.83
CA VAL E 201 -6.94 46.61 37.07
C VAL E 201 -7.75 45.40 37.47
N SER E 202 -7.06 44.40 38.01
CA SER E 202 -7.70 43.16 38.45
C SER E 202 -8.35 43.30 39.83
N LYS E 203 -8.25 44.50 40.41
CA LYS E 203 -8.84 44.76 41.72
C LYS E 203 -9.46 46.16 41.78
N SER E 204 -9.20 46.98 40.77
CA SER E 204 -9.81 48.31 40.75
C SER E 204 -11.06 48.32 39.90
N LEU E 205 -11.01 47.63 38.76
CA LEU E 205 -12.19 47.52 37.92
C LEU E 205 -13.17 46.49 38.46
N PRO E 206 -14.35 46.95 38.92
CA PRO E 206 -15.38 46.07 39.45
C PRO E 206 -15.92 45.14 38.39
N ASP E 207 -16.55 44.04 38.83
CA ASP E 207 -17.14 43.05 37.93
C ASP E 207 -18.06 43.68 36.89
N SER E 208 -17.84 43.38 35.62
CA SER E 208 -18.59 44.00 34.53
C SER E 208 -20.07 43.63 34.58
N GLU E 209 -20.35 42.47 35.17
CA GLU E 209 -21.72 42.07 35.47
C GLU E 209 -22.41 43.21 36.20
N LYS E 210 -21.72 43.78 37.17
CA LYS E 210 -22.24 44.86 38.00
C LYS E 210 -22.36 46.19 37.24
N ILE E 211 -21.35 46.52 36.41
CA ILE E 211 -21.42 47.73 35.60
C ILE E 211 -22.68 47.71 34.73
N VAL E 212 -22.95 46.54 34.15
CA VAL E 212 -24.05 46.38 33.22
C VAL E 212 -25.43 46.49 33.85
N ALA E 213 -25.64 45.76 34.93
CA ALA E 213 -26.88 45.84 35.69
C ALA E 213 -27.14 47.27 36.12
N TYR E 214 -26.07 47.94 36.55
CA TYR E 214 -26.17 49.33 36.98
C TYR E 214 -26.60 50.22 35.81
N ALA E 215 -25.84 50.18 34.71
CA ALA E 215 -26.14 51.06 33.58
C ALA E 215 -27.50 50.76 32.94
N ALA E 216 -27.87 49.48 32.92
CA ALA E 216 -29.16 49.07 32.37
C ALA E 216 -30.28 49.58 33.26
N GLU E 217 -30.02 49.64 34.55
CA GLU E 217 -30.99 50.18 35.49
C GLU E 217 -31.06 51.68 35.33
N TYR E 218 -29.92 52.29 34.99
CA TYR E 218 -29.89 53.70 34.59
C TYR E 218 -30.70 53.91 33.30
N ARG E 219 -30.69 52.91 32.41
CA ARG E 219 -31.53 52.97 31.21
C ARG E 219 -33.00 52.94 31.57
N LYS E 220 -33.28 52.40 32.75
CA LYS E 220 -34.64 52.28 33.24
C LYS E 220 -35.13 53.52 34.01
N ASN E 221 -34.24 54.23 34.72
CA ASN E 221 -34.73 55.30 35.58
C ASN E 221 -35.05 56.59 34.82
N ASN E 222 -34.40 56.84 33.69
CA ASN E 222 -34.73 58.03 32.91
C ASN E 222 -35.11 57.72 31.46
N LEU E 223 -36.19 58.34 31.00
CA LEU E 223 -36.70 58.16 29.64
C LEU E 223 -36.56 59.43 28.81
N LEU F 10 12.93 76.76 13.79
CA LEU F 10 11.87 77.75 13.94
C LEU F 10 10.49 77.13 14.05
N PRO F 11 9.82 77.37 15.18
CA PRO F 11 8.50 76.82 15.53
C PRO F 11 7.41 77.37 14.62
N ILE F 12 6.66 76.52 13.95
CA ILE F 12 5.60 77.05 13.10
C ILE F 12 4.21 76.90 13.71
N LEU F 13 3.49 78.01 13.79
CA LEU F 13 2.20 78.03 14.47
C LEU F 13 1.04 78.17 13.51
N LEU F 14 0.13 77.22 13.56
CA LEU F 14 -1.03 77.27 12.71
C LEU F 14 -2.12 77.94 13.53
N ASP F 15 -2.42 79.20 13.18
CA ASP F 15 -3.32 79.99 14.01
C ASP F 15 -4.47 80.63 13.25
N TYR F 16 -5.37 81.22 14.03
CA TYR F 16 -6.60 81.82 13.53
C TYR F 16 -6.77 83.11 14.32
N TRP F 17 -6.92 84.23 13.62
CA TRP F 17 -6.91 85.54 14.27
C TRP F 17 -7.85 85.64 15.49
N PRO F 18 -9.07 85.08 15.44
CA PRO F 18 -9.81 85.24 16.68
C PRO F 18 -9.77 84.00 17.54
N SER F 19 -8.77 83.14 17.39
CA SER F 19 -8.79 81.93 18.21
C SER F 19 -8.30 82.25 19.62
N MET F 20 -9.23 82.29 20.57
CA MET F 20 -8.89 82.33 22.00
C MET F 20 -7.88 81.25 22.33
N PHE F 21 -8.03 80.16 21.61
CA PHE F 21 -7.18 79.00 21.74
C PHE F 21 -5.84 79.21 21.04
N GLY F 22 -5.88 79.75 19.83
CA GLY F 22 -4.67 80.18 19.15
C GLY F 22 -3.92 81.18 20.01
N MET F 23 -4.67 82.03 20.69
CA MET F 23 -4.11 83.00 21.62
C MET F 23 -3.51 82.33 22.84
N ARG F 24 -4.11 81.23 23.29
CA ARG F 24 -3.51 80.45 24.36
C ARG F 24 -2.12 79.99 23.93
N ALA F 25 -1.97 79.57 22.67
CA ALA F 25 -0.68 79.11 22.19
C ALA F 25 0.30 80.25 22.06
N ARG F 26 -0.13 81.31 21.38
CA ARG F 26 0.71 82.48 21.14
C ARG F 26 1.17 83.13 22.44
N VAL F 27 0.26 83.27 23.40
CA VAL F 27 0.61 83.84 24.69
C VAL F 27 1.59 82.92 25.41
N ALA F 28 1.31 81.62 25.39
CA ALA F 28 2.20 80.64 26.00
C ALA F 28 3.65 80.78 25.51
N LEU F 29 3.84 80.65 24.21
CA LEU F 29 5.16 80.71 23.61
C LEU F 29 5.83 82.06 23.85
N ARG F 30 5.11 83.14 23.56
CA ARG F 30 5.65 84.48 23.75
C ARG F 30 5.95 84.75 25.23
N GLU F 31 5.19 84.13 26.11
CA GLU F 31 5.45 84.29 27.54
C GLU F 31 6.78 83.66 27.88
N LYS F 32 7.10 82.56 27.20
CA LYS F 32 8.31 81.81 27.52
C LYS F 32 9.58 82.49 27.02
N GLY F 33 9.70 82.66 25.71
CA GLY F 33 10.88 83.32 25.17
C GLY F 33 11.30 82.76 23.82
N VAL F 34 10.31 82.40 23.01
CA VAL F 34 10.56 81.83 21.70
C VAL F 34 10.25 82.83 20.61
N GLU F 35 11.14 82.94 19.64
CA GLU F 35 10.81 83.62 18.39
C GLU F 35 10.19 82.56 17.47
N PHE F 36 8.98 82.84 16.99
CA PHE F 36 8.21 81.85 16.22
C PHE F 36 7.42 82.48 15.07
N GLU F 37 6.92 81.65 14.15
CA GLU F 37 6.16 82.15 13.02
C GLU F 37 4.68 81.75 13.04
N TYR F 38 3.85 82.74 12.74
CA TYR F 38 2.40 82.57 12.75
C TYR F 38 1.87 82.49 11.32
N ARG F 39 1.02 81.51 11.06
CA ARG F 39 0.40 81.36 9.77
C ARG F 39 -1.11 81.34 9.93
N GLU F 40 -1.78 82.25 9.23
CA GLU F 40 -3.21 82.43 9.44
C GLU F 40 -3.97 81.43 8.62
N GLU F 41 -5.05 80.90 9.19
CA GLU F 41 -5.80 79.85 8.50
C GLU F 41 -7.07 80.36 7.86
N ASP F 42 -7.35 79.83 6.67
CA ASP F 42 -8.65 79.94 6.06
C ASP F 42 -9.27 78.57 6.28
N PHE F 43 -10.14 78.45 7.27
CA PHE F 43 -10.61 77.12 7.65
C PHE F 43 -11.50 76.50 6.59
N SER F 44 -11.86 77.30 5.61
CA SER F 44 -12.47 76.80 4.39
C SER F 44 -11.42 76.03 3.59
N ASN F 45 -10.17 76.43 3.74
CA ASN F 45 -9.07 75.68 3.12
C ASN F 45 -7.96 75.37 4.10
N LYS F 46 -8.14 74.30 4.87
CA LYS F 46 -7.19 73.89 5.89
C LYS F 46 -5.90 73.34 5.26
N SER F 47 -4.78 73.85 5.76
CA SER F 47 -3.45 73.66 5.16
C SER F 47 -2.99 72.22 5.00
N PRO F 48 -2.19 71.97 3.95
CA PRO F 48 -1.50 70.70 3.69
C PRO F 48 -0.71 70.23 4.91
N LEU F 49 -0.12 71.17 5.63
CA LEU F 49 0.68 70.84 6.80
C LEU F 49 -0.23 70.70 8.01
N LEU F 50 -1.34 71.45 7.98
CA LEU F 50 -2.37 71.36 9.02
C LEU F 50 -3.19 70.08 8.87
N LEU F 51 -3.52 69.72 7.63
CA LEU F 51 -4.29 68.50 7.40
C LEU F 51 -3.39 67.29 7.64
N GLN F 52 -2.08 67.52 7.71
CA GLN F 52 -1.16 66.45 8.05
C GLN F 52 -0.90 66.44 9.55
N SER F 53 -1.21 67.57 10.19
CA SER F 53 -0.98 67.72 11.63
C SER F 53 -2.10 67.09 12.41
N ASN F 54 -3.33 67.37 11.98
CA ASN F 54 -4.54 66.78 12.59
C ASN F 54 -5.58 66.50 11.50
N PRO F 55 -5.44 65.38 10.79
CA PRO F 55 -6.29 65.06 9.63
C PRO F 55 -7.76 64.79 9.95
N ILE F 56 -8.12 64.74 11.23
CA ILE F 56 -9.51 64.52 11.63
C ILE F 56 -10.19 65.71 12.35
N HIS F 57 -9.56 66.25 13.39
CA HIS F 57 -10.10 67.44 14.07
C HIS F 57 -9.96 68.62 13.12
N LYS F 58 -8.80 68.66 12.45
CA LYS F 58 -8.43 69.75 11.55
C LYS F 58 -8.44 71.07 12.31
N LYS F 59 -8.03 71.03 13.57
CA LYS F 59 -8.19 72.16 14.47
C LYS F 59 -6.89 72.72 14.99
N ILE F 60 -6.93 74.02 15.29
CA ILE F 60 -5.78 74.77 15.76
C ILE F 60 -5.99 75.15 17.22
N PRO F 61 -4.95 75.65 17.91
CA PRO F 61 -3.56 75.99 17.55
C PRO F 61 -2.71 74.76 17.30
N VAL F 62 -1.77 74.90 16.36
CA VAL F 62 -0.84 73.85 16.02
C VAL F 62 0.61 74.36 15.98
N LEU F 63 1.39 73.97 16.97
CA LEU F 63 2.80 74.33 16.98
C LEU F 63 3.61 73.17 16.43
N VAL F 64 4.47 73.43 15.46
CA VAL F 64 5.26 72.34 14.89
C VAL F 64 6.73 72.48 15.29
N HIS F 65 7.23 71.45 15.98
CA HIS F 65 8.61 71.43 16.48
C HIS F 65 9.29 70.11 16.16
N ASN F 66 10.52 70.21 15.64
CA ASN F 66 11.28 69.05 15.15
C ASN F 66 10.48 68.34 14.06
N GLY F 67 9.64 69.10 13.38
CA GLY F 67 8.72 68.54 12.41
C GLY F 67 7.74 67.60 13.07
N LYS F 68 7.35 67.90 14.30
CA LYS F 68 6.37 67.08 14.99
C LYS F 68 5.23 67.94 15.46
N PRO F 69 4.03 67.69 14.90
CA PRO F 69 2.89 68.54 15.22
C PRO F 69 2.42 68.39 16.67
N VAL F 70 2.21 69.53 17.29
CA VAL F 70 1.75 69.57 18.67
C VAL F 70 0.41 70.34 18.70
N CYS F 71 -0.64 69.69 19.19
CA CYS F 71 -1.97 70.28 19.02
C CYS F 71 -2.73 70.40 20.33
N GLU F 72 -3.92 71.01 20.26
CA GLU F 72 -4.75 71.35 21.43
C GLU F 72 -4.10 72.43 22.28
N SER F 73 -4.87 73.47 22.61
CA SER F 73 -4.33 74.68 23.22
C SER F 73 -3.59 74.46 24.53
N LEU F 74 -4.25 73.82 25.48
CA LEU F 74 -3.61 73.61 26.77
C LEU F 74 -2.52 72.57 26.65
N ASN F 75 -2.72 71.62 25.75
CA ASN F 75 -1.67 70.66 25.47
C ASN F 75 -0.46 71.43 24.97
N VAL F 76 -0.71 72.34 24.03
CA VAL F 76 0.34 73.18 23.44
C VAL F 76 1.10 74.06 24.45
N VAL F 77 0.44 74.57 25.50
CA VAL F 77 1.12 75.44 26.48
C VAL F 77 1.95 74.65 27.50
N GLN F 78 1.48 73.50 27.98
CA GLN F 78 2.47 72.67 28.67
C GLN F 78 3.56 72.14 27.75
N TYR F 79 3.30 72.00 26.45
CA TYR F 79 4.42 71.84 25.50
C TYR F 79 5.42 72.97 25.65
N VAL F 80 4.88 74.18 25.81
CA VAL F 80 5.68 75.37 25.97
C VAL F 80 6.51 75.25 27.24
N ASP F 81 5.88 74.99 28.38
CA ASP F 81 6.60 74.73 29.63
C ASP F 81 7.75 73.73 29.45
N GLU F 82 7.41 72.58 28.86
CA GLU F 82 8.30 71.41 28.83
C GLU F 82 9.35 71.48 27.73
N ALA F 83 9.16 72.37 26.76
CA ALA F 83 10.11 72.47 25.64
C ALA F 83 11.31 73.35 25.99
N TRP F 84 11.12 74.28 26.92
CA TRP F 84 12.22 75.16 27.37
C TRP F 84 12.24 75.33 28.88
N PRO F 85 12.64 74.28 29.62
CA PRO F 85 12.46 74.20 31.09
C PRO F 85 13.56 74.87 31.93
N GLU F 86 13.83 76.16 31.71
CA GLU F 86 14.99 76.74 32.37
C GLU F 86 14.78 78.17 32.85
N LYS F 87 13.80 78.84 32.27
CA LYS F 87 13.61 80.26 32.56
C LYS F 87 12.28 80.55 33.22
N ASN F 88 11.19 80.47 32.44
CA ASN F 88 9.87 80.89 32.87
C ASN F 88 8.94 79.69 33.05
N PRO F 89 8.86 79.12 34.27
CA PRO F 89 7.95 78.00 34.54
C PRO F 89 6.52 78.49 34.78
N PHE F 90 5.50 77.87 34.19
CA PHE F 90 4.17 78.38 34.48
C PHE F 90 3.61 77.80 35.80
N PHE F 91 4.05 76.61 36.17
CA PHE F 91 3.57 75.95 37.38
C PHE F 91 4.45 76.32 38.56
N PRO F 92 3.98 76.04 39.79
CA PRO F 92 4.87 76.09 40.95
C PRO F 92 5.54 74.74 41.16
N SER F 93 6.31 74.57 42.23
CA SER F 93 7.14 73.38 42.37
C SER F 93 6.39 72.15 42.85
N ASP F 94 5.32 72.33 43.62
CA ASP F 94 4.62 71.18 44.20
C ASP F 94 3.69 70.49 43.21
N PRO F 95 3.47 69.17 43.38
CA PRO F 95 2.55 68.44 42.51
C PRO F 95 1.11 68.94 42.65
N TYR F 96 0.77 69.30 43.87
CA TYR F 96 -0.58 69.71 44.19
C TYR F 96 -0.94 71.07 43.60
N GLY F 97 0.00 72.00 43.60
CA GLY F 97 -0.24 73.29 42.96
C GLY F 97 -0.43 73.09 41.46
N ARG F 98 0.34 72.18 40.88
CA ARG F 98 0.16 71.77 39.50
C ARG F 98 -1.25 71.27 39.21
N ALA F 99 -1.75 70.39 40.07
CA ALA F 99 -3.05 69.80 39.87
C ALA F 99 -4.16 70.83 40.05
N GLN F 100 -3.93 71.81 40.93
CA GLN F 100 -4.85 72.91 41.14
C GLN F 100 -5.00 73.78 39.91
N ALA F 101 -3.85 74.12 39.32
CA ALA F 101 -3.85 74.93 38.10
C ALA F 101 -4.49 74.15 36.94
N ARG F 102 -4.23 72.85 36.88
CA ARG F 102 -4.79 72.03 35.81
C ARG F 102 -6.29 71.92 35.97
N PHE F 103 -6.68 71.71 37.23
CA PHE F 103 -8.07 71.76 37.69
C PHE F 103 -8.79 72.97 37.14
N TRP F 104 -8.25 74.14 37.43
CA TRP F 104 -8.86 75.38 37.02
C TRP F 104 -8.74 75.58 35.48
N ALA F 105 -7.67 75.09 34.85
CA ALA F 105 -7.61 75.14 33.40
C ALA F 105 -8.77 74.33 32.79
N ASP F 106 -9.08 73.19 33.41
CA ASP F 106 -10.28 72.43 33.06
C ASP F 106 -11.56 73.25 33.24
N PHE F 107 -11.62 74.06 34.29
CA PHE F 107 -12.79 74.91 34.52
C PHE F 107 -12.95 75.91 33.40
N VAL F 108 -11.82 76.50 33.02
CA VAL F 108 -11.81 77.48 31.94
C VAL F 108 -12.47 76.91 30.71
N ASP F 109 -12.16 75.63 30.44
CA ASP F 109 -12.53 74.95 29.20
C ASP F 109 -13.98 74.41 29.08
N LYS F 110 -14.69 74.19 30.18
CA LYS F 110 -16.01 73.56 30.08
C LYS F 110 -17.16 74.57 30.12
N LYS F 111 -17.65 74.85 31.33
CA LYS F 111 -18.92 75.57 31.41
C LYS F 111 -18.69 77.03 31.09
N PHE F 112 -17.44 77.47 31.27
CA PHE F 112 -17.02 78.83 30.95
C PHE F 112 -17.02 79.12 29.44
N THR F 113 -16.38 78.23 28.69
CA THR F 113 -16.27 78.39 27.24
C THR F 113 -17.63 78.30 26.57
N ASP F 114 -18.39 77.30 26.98
CA ASP F 114 -19.71 77.09 26.42
C ASP F 114 -20.62 78.24 26.78
N ALA F 115 -20.49 78.78 27.99
CA ALA F 115 -21.34 79.88 28.42
C ALA F 115 -21.12 81.13 27.57
N GLN F 116 -19.85 81.47 27.34
CA GLN F 116 -19.53 82.58 26.46
C GLN F 116 -20.02 82.28 25.07
N PHE F 117 -19.78 81.05 24.62
CA PHE F 117 -20.26 80.62 23.32
C PHE F 117 -21.76 80.94 23.20
N LYS F 118 -22.50 80.72 24.29
CA LYS F 118 -23.92 81.07 24.31
C LYS F 118 -24.20 82.57 24.29
N VAL F 119 -23.37 83.35 24.97
CA VAL F 119 -23.69 84.76 25.14
C VAL F 119 -23.48 85.57 23.84
N TRP F 120 -22.43 85.25 23.07
CA TRP F 120 -22.21 86.02 21.84
C TRP F 120 -22.66 85.27 20.59
N GLY F 121 -23.03 84.00 20.74
CA GLY F 121 -23.37 83.17 19.60
C GLY F 121 -24.83 82.78 19.44
N LYS F 122 -25.61 82.87 20.51
CA LYS F 122 -27.03 82.46 20.48
C LYS F 122 -27.92 83.52 21.14
N LYS F 123 -29.24 83.40 21.00
CA LYS F 123 -30.10 84.43 21.58
C LYS F 123 -31.31 83.85 22.32
N GLY F 124 -31.99 84.71 23.07
CA GLY F 124 -33.28 84.37 23.65
C GLY F 124 -33.25 83.37 24.79
N GLU F 125 -34.08 82.33 24.67
CA GLU F 125 -34.11 81.24 25.64
C GLU F 125 -32.71 80.70 25.92
N GLU F 126 -31.95 80.45 24.85
CA GLU F 126 -30.56 80.05 25.01
C GLU F 126 -29.71 81.13 25.68
N GLN F 127 -29.95 82.39 25.34
CA GLN F 127 -29.03 83.46 25.74
C GLN F 127 -28.92 83.65 27.25
N GLU F 128 -30.05 83.84 27.91
CA GLU F 128 -30.11 84.06 29.36
C GLU F 128 -29.46 82.94 30.16
N ALA F 129 -29.74 81.70 29.76
CA ALA F 129 -29.10 80.54 30.36
C ALA F 129 -27.60 80.73 30.33
N GLY F 130 -27.08 81.06 29.14
CA GLY F 130 -25.67 81.34 28.99
C GLY F 130 -25.20 82.55 29.79
N LYS F 131 -26.07 83.54 29.96
CA LYS F 131 -25.68 84.74 30.69
C LYS F 131 -25.52 84.49 32.19
N LYS F 132 -26.50 83.82 32.80
CA LYS F 132 -26.38 83.46 34.22
C LYS F 132 -25.23 82.46 34.43
N GLU F 133 -24.96 81.67 33.40
CA GLU F 133 -23.85 80.73 33.44
C GLU F 133 -22.51 81.43 33.51
N PHE F 134 -22.31 82.46 32.68
CA PHE F 134 -21.00 83.08 32.64
C PHE F 134 -20.82 83.97 33.87
N ILE F 135 -21.90 84.58 34.35
CA ILE F 135 -21.80 85.40 35.57
C ILE F 135 -21.49 84.53 36.78
N GLU F 136 -22.03 83.31 36.78
CA GLU F 136 -21.68 82.34 37.80
C GLU F 136 -20.21 81.98 37.66
N ALA F 137 -19.77 81.77 36.42
CA ALA F 137 -18.40 81.38 36.12
C ALA F 137 -17.42 82.44 36.55
N VAL F 138 -17.64 83.68 36.13
CA VAL F 138 -16.76 84.75 36.53
C VAL F 138 -16.80 84.97 38.05
N LYS F 139 -17.89 84.55 38.70
CA LYS F 139 -18.01 84.66 40.15
C LYS F 139 -17.15 83.64 40.91
N ILE F 140 -17.30 82.35 40.62
CA ILE F 140 -16.43 81.33 41.21
C ILE F 140 -14.97 81.66 40.89
N LEU F 141 -14.79 82.19 39.68
CA LEU F 141 -13.51 82.71 39.20
C LEU F 141 -12.93 83.79 40.10
N GLU F 142 -13.71 84.84 40.26
CA GLU F 142 -13.38 85.92 41.17
C GLU F 142 -13.06 85.42 42.58
N SER F 143 -13.81 84.43 43.04
CA SER F 143 -13.60 83.89 44.37
C SER F 143 -12.21 83.24 44.49
N GLU F 144 -11.79 82.49 43.48
CA GLU F 144 -10.52 81.77 43.56
C GLU F 144 -9.34 82.67 43.19
N LEU F 145 -9.58 83.70 42.39
CA LEU F 145 -8.58 84.75 42.21
C LEU F 145 -8.20 85.35 43.57
N GLY F 146 -9.21 85.62 44.39
CA GLY F 146 -9.03 86.02 45.77
C GLY F 146 -8.18 87.27 45.98
N ASP F 147 -6.92 87.20 45.57
CA ASP F 147 -5.94 88.24 45.89
C ASP F 147 -4.74 88.20 44.96
N LYS F 148 -4.40 86.99 44.53
CA LYS F 148 -3.16 86.75 43.82
C LYS F 148 -3.10 87.54 42.51
N PRO F 149 -1.89 88.02 42.14
CA PRO F 149 -1.67 88.77 40.90
C PRO F 149 -2.11 87.94 39.73
N TYR F 150 -1.95 86.63 39.87
CA TYR F 150 -2.26 85.72 38.79
C TYR F 150 -3.03 84.51 39.28
N PHE F 151 -2.57 83.32 38.95
CA PHE F 151 -3.41 82.14 39.14
C PHE F 151 -2.68 80.83 39.43
N GLY F 152 -1.73 80.47 38.58
CA GLY F 152 -1.16 79.14 38.62
C GLY F 152 0.20 79.12 39.28
N GLY F 153 0.52 80.20 39.97
CA GLY F 153 1.77 80.31 40.70
C GLY F 153 1.86 81.72 41.28
N ASP F 154 3.02 82.09 41.79
CA ASP F 154 3.16 83.42 42.37
C ASP F 154 3.39 84.49 41.28
N SER F 155 3.62 84.05 40.05
CA SER F 155 3.74 84.99 38.93
C SER F 155 2.81 84.62 37.79
N PHE F 156 3.13 85.06 36.57
CA PHE F 156 2.35 84.67 35.40
C PHE F 156 2.32 83.15 35.31
N GLY F 157 1.12 82.61 35.19
CA GLY F 157 0.91 81.19 35.39
C GLY F 157 0.43 80.44 34.17
N TYR F 158 0.07 79.18 34.40
CA TYR F 158 -0.39 78.27 33.38
C TYR F 158 -1.77 78.70 32.93
N VAL F 159 -2.66 78.91 33.91
CA VAL F 159 -4.03 79.19 33.56
C VAL F 159 -4.25 80.68 33.32
N ASP F 160 -3.30 81.50 33.75
CA ASP F 160 -3.26 82.90 33.33
C ASP F 160 -3.37 82.93 31.82
N ILE F 161 -2.54 82.10 31.20
CA ILE F 161 -2.55 81.90 29.76
C ILE F 161 -3.91 81.36 29.30
N SER F 162 -4.44 80.39 30.03
CA SER F 162 -5.74 79.81 29.66
C SER F 162 -6.86 80.81 29.53
N LEU F 163 -6.98 81.71 30.49
CA LEU F 163 -8.20 82.49 30.63
C LEU F 163 -8.00 83.96 30.27
N ILE F 164 -6.76 84.43 30.19
CA ILE F 164 -6.54 85.85 29.82
C ILE F 164 -7.03 86.16 28.42
N THR F 165 -6.89 85.19 27.53
CA THR F 165 -7.19 85.36 26.12
C THR F 165 -8.68 85.53 25.85
N PHE F 166 -9.52 85.23 26.85
CA PHE F 166 -10.96 85.43 26.68
C PHE F 166 -11.33 86.91 26.84
N SER F 167 -10.44 87.67 27.46
CA SER F 167 -10.72 89.06 27.82
C SER F 167 -10.70 90.06 26.66
N SER F 168 -10.48 89.58 25.44
CA SER F 168 -10.62 90.47 24.28
C SER F 168 -11.98 90.24 23.67
N TRP F 169 -12.63 89.18 24.14
CA TRP F 169 -14.02 88.93 23.83
C TRP F 169 -15.00 89.49 24.84
N PHE F 170 -14.48 89.94 25.97
CA PHE F 170 -15.35 90.44 27.04
C PHE F 170 -16.19 91.53 26.46
N GLN F 171 -15.59 92.26 25.53
CA GLN F 171 -16.31 93.24 24.75
C GLN F 171 -17.53 92.64 24.05
N ALA F 172 -17.34 91.63 23.23
CA ALA F 172 -18.45 90.98 22.54
C ALA F 172 -19.56 90.59 23.51
N TYR F 173 -19.16 90.14 24.70
CA TYR F 173 -20.06 89.61 25.70
C TYR F 173 -20.88 90.72 26.31
N GLU F 174 -20.21 91.86 26.49
CA GLU F 174 -20.85 92.98 27.11
C GLU F 174 -21.89 93.60 26.18
N LYS F 175 -21.63 93.64 24.87
CA LYS F 175 -22.61 94.22 23.93
C LYS F 175 -23.78 93.33 23.54
N PHE F 176 -23.53 92.09 23.10
CA PHE F 176 -24.62 91.24 22.65
C PHE F 176 -25.39 90.80 23.87
N GLY F 177 -24.68 90.29 24.88
CA GLY F 177 -25.32 89.97 26.14
C GLY F 177 -26.05 91.22 26.58
N ASN F 178 -25.61 92.34 26.00
CA ASN F 178 -25.84 93.65 26.53
C ASN F 178 -25.80 93.42 28.02
N PHE F 179 -24.57 93.30 28.51
CA PHE F 179 -24.29 93.07 29.94
C PHE F 179 -23.15 93.90 30.49
N SER F 180 -22.48 93.33 31.47
CA SER F 180 -21.88 94.19 32.44
C SER F 180 -21.08 93.44 33.46
N ILE F 181 -20.24 92.55 32.94
CA ILE F 181 -19.66 91.46 33.69
C ILE F 181 -18.59 91.88 34.69
N GLU F 182 -18.28 93.15 34.73
CA GLU F 182 -17.06 93.59 35.38
C GLU F 182 -17.40 93.97 36.73
N SER F 183 -18.47 93.35 37.22
CA SER F 183 -19.23 94.01 38.21
C SER F 183 -20.54 93.30 38.42
N GLU F 184 -20.51 92.03 38.11
CA GLU F 184 -21.02 91.15 39.09
C GLU F 184 -19.71 90.62 39.63
N SER F 185 -18.66 90.74 38.80
CA SER F 185 -17.32 90.22 39.13
C SER F 185 -16.13 90.86 38.36
N PRO F 186 -15.09 91.21 39.10
CA PRO F 186 -14.43 92.32 38.41
C PRO F 186 -12.95 92.56 38.58
N LYS F 187 -12.47 92.33 39.80
CA LYS F 187 -11.11 91.94 40.02
C LYS F 187 -10.69 91.09 38.83
N LEU F 188 -11.58 90.18 38.44
CA LEU F 188 -11.44 89.40 37.21
C LEU F 188 -10.97 90.22 36.04
N ILE F 189 -11.81 91.12 35.52
CA ILE F 189 -11.33 91.85 34.37
C ILE F 189 -10.19 92.77 34.81
N ALA F 190 -10.33 93.45 35.94
CA ALA F 190 -9.22 94.20 36.55
C ALA F 190 -7.90 93.41 36.46
N TRP F 191 -7.95 92.13 36.78
CA TRP F 191 -6.80 91.27 36.61
C TRP F 191 -6.40 91.09 35.13
N ALA F 192 -7.37 91.24 34.23
CA ALA F 192 -7.07 90.98 32.82
C ALA F 192 -6.24 92.09 32.14
N LYS F 193 -6.48 93.38 32.37
CA LYS F 193 -5.52 94.34 31.76
C LYS F 193 -4.36 94.46 32.69
N ARG F 194 -4.40 93.78 33.81
CA ARG F 194 -3.18 93.56 34.52
C ARG F 194 -2.35 92.64 33.65
N CYS F 195 -2.96 91.54 33.24
CA CYS F 195 -2.23 90.54 32.48
C CYS F 195 -1.93 91.04 31.08
N MET F 196 -2.62 92.10 30.64
CA MET F 196 -2.33 92.69 29.33
C MET F 196 -0.92 93.29 29.23
N GLU F 197 -0.32 93.65 30.36
CA GLU F 197 1.01 94.26 30.34
C GLU F 197 2.11 93.27 30.00
N LYS F 198 1.78 91.99 29.95
CA LYS F 198 2.76 90.99 29.54
C LYS F 198 2.86 90.96 28.02
N GLU F 199 4.08 91.11 27.52
CA GLU F 199 4.34 91.20 26.08
C GLU F 199 3.86 89.95 25.35
N SER F 200 3.64 88.89 26.11
CA SER F 200 3.09 87.64 25.58
C SER F 200 1.68 87.81 25.04
N VAL F 201 0.89 88.67 25.68
CA VAL F 201 -0.49 88.81 25.30
C VAL F 201 -0.70 90.17 24.63
N SER F 202 0.24 91.09 24.87
CA SER F 202 0.16 92.45 24.34
C SER F 202 0.52 92.51 22.87
N LYS F 203 0.92 91.39 22.31
CA LYS F 203 1.26 91.34 20.90
C LYS F 203 0.65 90.12 20.21
N SER F 204 0.11 89.19 20.99
CA SER F 204 -0.47 87.98 20.43
C SER F 204 -1.95 88.14 20.11
N LEU F 205 -2.60 89.07 20.81
CA LEU F 205 -4.05 89.24 20.72
C LEU F 205 -4.48 90.46 19.90
N PRO F 206 -5.26 90.23 18.84
CA PRO F 206 -5.90 91.22 17.96
C PRO F 206 -6.92 92.10 18.65
N ASP F 207 -7.33 93.13 17.94
CA ASP F 207 -8.20 94.14 18.51
C ASP F 207 -9.62 93.62 18.75
N SER F 208 -10.24 94.15 19.79
CA SER F 208 -11.52 93.62 20.25
C SER F 208 -12.71 94.17 19.46
N GLU F 209 -12.52 95.28 18.74
CA GLU F 209 -13.61 95.80 17.93
C GLU F 209 -13.82 94.86 16.75
N LYS F 210 -12.72 94.26 16.28
CA LYS F 210 -12.74 93.27 15.21
C LYS F 210 -13.32 91.96 15.70
N ILE F 211 -12.97 91.58 16.93
CA ILE F 211 -13.48 90.34 17.50
C ILE F 211 -14.98 90.45 17.73
N VAL F 212 -15.39 91.60 18.25
CA VAL F 212 -16.80 91.96 18.31
C VAL F 212 -17.45 91.88 16.95
N ALA F 213 -16.75 92.38 15.93
CA ALA F 213 -17.26 92.42 14.58
C ALA F 213 -17.41 91.02 13.99
N TYR F 214 -16.48 90.14 14.33
CA TYR F 214 -16.53 88.75 13.93
C TYR F 214 -17.68 88.04 14.63
N ALA F 215 -17.92 88.42 15.88
CA ALA F 215 -19.07 87.92 16.62
C ALA F 215 -20.34 88.41 15.94
N ALA F 216 -20.26 89.63 15.42
CA ALA F 216 -21.38 90.25 14.72
C ALA F 216 -21.63 89.59 13.37
N GLU F 217 -20.54 89.20 12.71
CA GLU F 217 -20.62 88.49 11.43
C GLU F 217 -21.26 87.12 11.64
N TYR F 218 -20.87 86.48 12.72
CA TYR F 218 -21.40 85.18 13.09
C TYR F 218 -22.89 85.29 13.39
N ARG F 219 -23.24 86.29 14.16
CA ARG F 219 -24.63 86.56 14.51
C ARG F 219 -25.51 86.90 13.31
N LYS F 220 -25.00 87.76 12.42
CA LYS F 220 -25.80 88.20 11.29
C LYS F 220 -26.05 87.05 10.33
N ASN F 221 -25.14 86.09 10.33
CA ASN F 221 -25.30 84.95 9.44
C ASN F 221 -26.37 83.97 9.88
N ASN F 222 -26.71 83.99 11.16
CA ASN F 222 -27.36 82.83 11.74
C ASN F 222 -28.45 83.21 12.75
N LEU F 223 -29.40 83.98 12.23
CA LEU F 223 -30.59 84.48 12.92
C LEU F 223 -31.83 83.73 12.46
#